data_5TUO
#
_entry.id   5TUO
#
_cell.length_a   41.840
_cell.length_b   136.920
_cell.length_c   166.270
_cell.angle_alpha   90.000
_cell.angle_beta   90.040
_cell.angle_gamma   90.000
#
_symmetry.space_group_name_H-M   'P 1 21 1'
#
loop_
_entity.id
_entity.type
_entity.pdbx_description
1 polymer 'Alpha-carbonic anhydrase'
2 non-polymer 'ZINC ION'
3 non-polymer 'CHLORIDE ION'
4 non-polymer 5-AMINO-1,3,4-THIADIAZOLE-2-SULFONAMIDE
5 water water
#
_entity_poly.entity_id   1
_entity_poly.type   'polypeptide(L)'
_entity_poly.pdbx_seq_one_letter_code
;GIDPFTNTKWDYKNKENGPHRWDKLHKDFEVCKSGKSQSPINIEHYYHTQDKADLQFKYAASKPKAVFFTHHTLKASFEP
TNHINYRGHDYVLDNVHFHAPMEFLINNKTRPLSAHFVHKDAKGRLLVLAIGFEEGKENPNLDPILEGIQKKQNFKEVAL
DAFLPKSINYYHFNGSLTAPPCTEGVAWFVIEEPLEVSAKQLAEIKKRMKNSPNQRPVQPDYNTVIIKSSAETR
;
_entity_poly.pdbx_strand_id   A,B,C,D,E,F,G,H
#
loop_
_chem_comp.id
_chem_comp.type
_chem_comp.name
_chem_comp.formula
1SA non-polymer 5-AMINO-1,3,4-THIADIAZOLE-2-SULFONAMIDE 'C2 H4 N4 O2 S2'
CL non-polymer 'CHLORIDE ION' 'Cl -1'
ZN non-polymer 'ZINC ION' 'Zn 2'
#
# COMPACT_ATOMS: atom_id res chain seq x y z
N THR A 8 2.54 16.64 -1.29
CA THR A 8 3.33 15.43 -1.21
C THR A 8 4.56 15.46 -2.10
N LYS A 9 5.46 16.40 -1.84
CA LYS A 9 6.68 16.49 -2.64
C LYS A 9 7.86 15.95 -1.85
N TRP A 10 8.57 14.98 -2.41
CA TRP A 10 9.61 14.30 -1.67
C TRP A 10 10.82 15.17 -1.39
N ASP A 11 11.43 14.88 -0.26
CA ASP A 11 12.62 15.56 0.21
C ASP A 11 13.41 14.62 1.13
N TYR A 12 14.49 15.14 1.71
CA TYR A 12 15.29 14.32 2.61
C TYR A 12 15.05 14.74 4.05
N LYS A 13 14.10 15.64 4.26
CA LYS A 13 13.74 16.10 5.60
C LYS A 13 13.03 15.01 6.35
N ASN A 14 13.39 14.79 7.61
CA ASN A 14 12.75 13.75 8.42
C ASN A 14 11.36 14.17 8.88
N LYS A 15 10.45 14.31 7.94
CA LYS A 15 9.08 14.62 8.27
C LYS A 15 8.25 13.67 7.42
N GLU A 16 7.02 14.06 7.14
CA GLU A 16 6.12 13.27 6.29
C GLU A 16 6.63 12.90 4.90
N ASN A 17 7.60 13.65 4.36
CA ASN A 17 8.03 13.47 2.97
C ASN A 17 9.47 12.99 2.78
N GLY A 18 10.03 12.39 3.81
CA GLY A 18 11.38 11.90 3.72
C GLY A 18 11.47 10.54 3.06
N PRO A 19 12.70 10.02 2.95
CA PRO A 19 13.14 8.71 2.43
C PRO A 19 12.45 7.52 3.10
N HIS A 20 12.21 7.64 4.40
CA HIS A 20 11.50 6.64 5.18
C HIS A 20 10.12 6.41 4.59
N ARG A 21 9.66 7.38 3.81
CA ARG A 21 8.28 7.41 3.34
C ARG A 21 8.10 7.73 1.86
N TRP A 22 9.19 7.79 1.11
CA TRP A 22 9.07 8.00 -0.34
C TRP A 22 8.09 7.03 -0.96
N ASP A 23 8.14 5.77 -0.55
CA ASP A 23 7.25 4.75 -1.10
C ASP A 23 5.78 5.10 -0.90
N LYS A 24 5.50 5.99 0.05
CA LYS A 24 4.13 6.34 0.42
C LYS A 24 3.57 7.51 -0.44
N LEU A 25 4.45 8.35 -0.96
CA LEU A 25 4.07 9.60 -1.62
C LEU A 25 3.42 9.43 -2.99
N HIS A 26 3.80 8.36 -3.69
CA HIS A 26 3.23 8.01 -4.98
C HIS A 26 3.42 6.52 -5.19
N LYS A 27 2.66 5.92 -6.10
CA LYS A 27 2.74 4.47 -6.31
C LYS A 27 3.87 4.14 -7.26
N ASP A 28 4.42 5.18 -7.89
CA ASP A 28 5.61 5.02 -8.73
C ASP A 28 6.84 4.76 -7.89
N PHE A 29 6.78 5.26 -6.65
CA PHE A 29 7.90 5.25 -5.74
C PHE A 29 7.95 3.97 -4.90
N GLU A 30 7.02 3.05 -5.16
CA GLU A 30 6.94 1.84 -4.33
C GLU A 30 8.26 1.06 -4.33
N VAL A 31 8.96 1.07 -5.45
CA VAL A 31 10.22 0.33 -5.57
C VAL A 31 11.31 0.92 -4.68
N CYS A 32 11.04 2.08 -4.07
CA CYS A 32 11.96 2.64 -3.09
C CYS A 32 11.98 1.82 -1.82
N LYS A 33 10.87 1.12 -1.52
CA LYS A 33 10.79 0.22 -0.36
C LYS A 33 10.77 -1.26 -0.73
N SER A 34 10.14 -1.60 -1.86
CA SER A 34 9.99 -2.99 -2.30
C SER A 34 11.20 -3.55 -3.01
N GLY A 35 12.06 -2.67 -3.50
CA GLY A 35 13.21 -3.06 -4.30
C GLY A 35 14.36 -3.71 -3.53
N LYS A 36 14.97 -4.73 -4.15
CA LYS A 36 16.02 -5.53 -3.51
C LYS A 36 17.43 -5.22 -4.00
N SER A 37 17.55 -4.13 -4.77
CA SER A 37 18.82 -3.65 -5.28
CA SER A 37 18.85 -3.66 -5.22
C SER A 37 18.91 -2.14 -5.16
N GLN A 38 18.64 -1.60 -3.98
CA GLN A 38 18.45 -0.19 -3.82
C GLN A 38 19.73 0.51 -3.44
N SER A 39 19.81 1.77 -3.84
CA SER A 39 20.99 2.54 -3.58
C SER A 39 20.60 3.70 -2.68
N PRO A 40 21.58 4.25 -1.93
CA PRO A 40 22.96 3.73 -1.90
C PRO A 40 23.18 2.68 -0.84
N ILE A 41 24.39 2.13 -0.81
CA ILE A 41 24.77 1.10 0.17
C ILE A 41 26.19 1.31 0.66
N ASN A 42 26.59 0.53 1.66
CA ASN A 42 27.97 0.53 2.15
C ASN A 42 28.87 -0.47 1.44
N ILE A 43 29.87 0.04 0.75
CA ILE A 43 30.77 -0.81 -0.01
C ILE A 43 31.84 -1.40 0.90
N GLU A 44 31.50 -2.51 1.56
CA GLU A 44 32.42 -3.16 2.49
C GLU A 44 32.98 -4.43 1.86
N HIS A 45 32.13 -5.14 1.14
CA HIS A 45 32.48 -6.49 0.68
C HIS A 45 32.44 -6.56 -0.83
N TYR A 46 33.58 -6.82 -1.44
CA TYR A 46 33.71 -6.80 -2.88
C TYR A 46 34.76 -7.80 -3.32
N TYR A 47 34.95 -7.93 -4.61
CA TYR A 47 35.83 -8.93 -5.16
C TYR A 47 36.88 -8.23 -6.03
N HIS A 48 38.16 -8.62 -5.90
CA HIS A 48 39.17 -8.00 -6.72
C HIS A 48 39.29 -8.71 -8.06
N THR A 49 39.78 -8.00 -9.07
CA THR A 49 39.79 -8.57 -10.41
C THR A 49 40.65 -7.81 -11.40
N GLN A 50 40.72 -8.36 -12.62
CA GLN A 50 41.32 -7.73 -13.79
C GLN A 50 41.10 -6.22 -13.84
N ASP A 54 37.31 -2.85 -20.41
CA ASP A 54 35.87 -3.10 -20.47
C ASP A 54 35.07 -1.81 -20.56
N LEU A 55 35.64 -0.74 -20.02
CA LEU A 55 34.98 0.54 -19.82
C LEU A 55 35.78 1.65 -20.48
N GLN A 56 35.18 2.39 -21.41
CA GLN A 56 35.93 3.38 -22.19
C GLN A 56 35.39 4.81 -22.12
N PHE A 57 36.25 5.76 -21.79
CA PHE A 57 35.83 7.18 -21.66
C PHE A 57 36.04 8.08 -22.88
N LYS A 58 34.94 8.56 -23.47
CA LYS A 58 34.98 9.63 -24.48
C LYS A 58 34.47 10.99 -23.93
N TYR A 59 35.29 11.68 -23.15
CA TYR A 59 34.84 12.92 -22.52
C TYR A 59 35.56 14.15 -23.10
N ALA A 60 34.85 14.99 -23.84
CA ALA A 60 35.37 16.29 -24.28
C ALA A 60 34.80 17.42 -23.42
N ALA A 61 35.65 18.39 -23.05
CA ALA A 61 35.18 19.60 -22.40
C ALA A 61 33.96 20.15 -23.14
N SER A 62 32.87 20.39 -22.42
CA SER A 62 31.64 20.82 -23.09
C SER A 62 30.99 21.98 -22.37
N LYS A 63 30.19 22.74 -23.10
CA LYS A 63 29.35 23.76 -22.51
C LYS A 63 28.02 23.15 -22.11
N PRO A 64 27.59 23.41 -20.87
CA PRO A 64 26.31 22.88 -20.42
C PRO A 64 25.17 23.47 -21.22
N LYS A 65 24.15 22.66 -21.48
CA LYS A 65 22.96 23.16 -22.10
C LYS A 65 22.14 23.90 -21.06
N ALA A 66 22.49 23.66 -19.79
CA ALA A 66 21.92 24.38 -18.63
C ALA A 66 22.52 23.93 -17.29
N VAL A 67 22.63 24.89 -16.37
CA VAL A 67 23.12 24.65 -15.00
C VAL A 67 22.09 25.12 -13.96
N PHE A 68 21.52 24.19 -13.20
CA PHE A 68 20.36 24.57 -12.42
C PHE A 68 20.10 23.76 -11.15
N PHE A 69 19.28 24.33 -10.30
CA PHE A 69 18.81 23.64 -9.11
C PHE A 69 17.53 22.88 -9.46
N THR A 70 17.56 21.55 -9.32
CA THR A 70 16.34 20.77 -9.51
C THR A 70 16.31 19.56 -8.58
N HIS A 71 15.18 19.38 -7.90
CA HIS A 71 14.97 18.25 -7.00
C HIS A 71 16.11 18.10 -6.01
N HIS A 72 16.40 19.21 -5.33
CA HIS A 72 17.38 19.30 -4.25
C HIS A 72 18.82 19.12 -4.71
N THR A 73 19.07 18.96 -6.02
CA THR A 73 20.45 18.83 -6.49
C THR A 73 20.83 19.93 -7.43
N LEU A 74 22.13 20.16 -7.54
CA LEU A 74 22.64 21.09 -8.53
C LEU A 74 23.09 20.31 -9.77
N LYS A 75 22.47 20.61 -10.91
CA LYS A 75 22.62 19.81 -12.10
C LYS A 75 23.15 20.61 -13.28
N ALA A 76 24.08 20.01 -14.01
CA ALA A 76 24.52 20.51 -15.29
C ALA A 76 24.16 19.51 -16.34
N SER A 77 23.42 19.92 -17.35
CA SER A 77 23.07 18.99 -18.40
C SER A 77 23.90 19.28 -19.63
N PHE A 78 24.02 18.29 -20.51
CA PHE A 78 24.89 18.47 -21.66
C PHE A 78 24.18 18.07 -22.91
N GLU A 79 24.71 18.56 -24.03
CA GLU A 79 24.31 18.06 -25.31
C GLU A 79 24.98 16.70 -25.43
N PRO A 80 24.29 15.76 -26.07
CA PRO A 80 24.72 14.36 -26.10
C PRO A 80 25.90 14.10 -27.03
N THR A 81 27.04 14.69 -26.69
CA THR A 81 28.27 14.59 -27.44
C THR A 81 29.32 13.72 -26.71
N ASN A 82 29.06 13.40 -25.44
CA ASN A 82 29.97 12.65 -24.59
C ASN A 82 29.45 11.24 -24.35
N HIS A 83 30.33 10.28 -24.13
CA HIS A 83 29.93 8.88 -24.01
C HIS A 83 30.71 8.10 -22.96
N ILE A 84 30.13 6.99 -22.51
CA ILE A 84 30.89 5.93 -21.88
C ILE A 84 30.53 4.63 -22.60
N ASN A 85 31.53 3.78 -22.82
CA ASN A 85 31.29 2.49 -23.43
C ASN A 85 31.63 1.43 -22.41
N TYR A 86 30.65 0.61 -22.09
CA TYR A 86 30.85 -0.51 -21.20
C TYR A 86 30.38 -1.75 -21.92
N ARG A 87 31.28 -2.73 -22.05
CA ARG A 87 31.04 -4.00 -22.77
C ARG A 87 30.29 -3.79 -24.11
N GLY A 88 30.91 -3.02 -25.00
CA GLY A 88 30.40 -2.81 -26.37
C GLY A 88 29.14 -1.95 -26.50
N HIS A 89 28.31 -2.04 -25.47
CA HIS A 89 27.16 -1.18 -25.24
C HIS A 89 27.58 0.28 -25.05
N ASP A 90 26.82 1.23 -25.61
CA ASP A 90 27.20 2.64 -25.53
C ASP A 90 26.25 3.50 -24.69
N TYR A 91 26.82 4.45 -23.94
CA TYR A 91 26.08 5.28 -22.98
C TYR A 91 26.49 6.74 -23.07
N VAL A 92 25.53 7.64 -23.24
CA VAL A 92 25.86 9.06 -23.35
C VAL A 92 25.68 9.84 -22.02
N LEU A 93 26.63 10.71 -21.71
CA LEU A 93 26.47 11.57 -20.54
C LEU A 93 25.33 12.56 -20.70
N ASP A 94 24.38 12.49 -19.78
CA ASP A 94 23.21 13.36 -19.79
C ASP A 94 23.40 14.56 -18.87
N ASN A 95 23.89 14.30 -17.67
CA ASN A 95 24.20 15.37 -16.74
C ASN A 95 25.28 15.00 -15.73
N VAL A 96 25.63 15.98 -14.91
CA VAL A 96 26.42 15.78 -13.73
C VAL A 96 25.77 16.54 -12.61
N HIS A 97 25.35 15.85 -11.57
CA HIS A 97 24.74 16.53 -10.45
C HIS A 97 25.46 16.15 -9.17
N PHE A 98 25.06 16.78 -8.07
CA PHE A 98 25.84 16.66 -6.87
C PHE A 98 25.01 16.21 -5.71
N HIS A 99 25.67 15.52 -4.80
CA HIS A 99 25.12 15.17 -3.52
C HIS A 99 26.06 15.61 -2.39
N ALA A 100 25.44 16.16 -1.35
CA ALA A 100 26.10 16.49 -0.10
C ALA A 100 25.27 15.98 1.05
N PRO A 101 25.86 15.14 1.92
CA PRO A 101 27.18 14.54 1.73
C PRO A 101 27.11 13.46 0.67
N MET A 102 28.23 12.80 0.41
CA MET A 102 28.28 11.67 -0.49
C MET A 102 27.31 10.57 -0.05
N GLU A 103 26.73 9.87 -1.03
CA GLU A 103 25.60 8.95 -0.78
C GLU A 103 26.04 7.49 -0.60
N PHE A 104 27.00 7.07 -1.40
CA PHE A 104 27.63 5.79 -1.20
C PHE A 104 28.72 5.93 -0.17
N LEU A 105 28.97 4.88 0.57
CA LEU A 105 30.04 4.89 1.54
C LEU A 105 31.07 3.85 1.17
N ILE A 106 32.32 4.27 1.07
CA ILE A 106 33.37 3.30 0.82
C ILE A 106 34.03 2.93 2.16
N ASN A 107 33.77 1.69 2.56
CA ASN A 107 34.29 1.13 3.81
C ASN A 107 33.95 2.01 5.01
N ASN A 108 32.73 2.52 5.00
CA ASN A 108 32.11 3.32 6.05
C ASN A 108 32.75 4.69 6.25
N LYS A 109 33.57 5.10 5.29
CA LYS A 109 34.10 6.46 5.21
C LYS A 109 33.19 7.36 4.36
N THR A 110 32.83 8.52 4.94
CA THR A 110 32.00 9.53 4.30
C THR A 110 32.84 10.69 3.75
N ARG A 111 32.50 11.16 2.56
CA ARG A 111 33.08 12.41 2.03
C ARG A 111 32.04 13.51 2.14
N PRO A 112 32.48 14.78 2.13
CA PRO A 112 31.53 15.90 2.25
C PRO A 112 30.65 16.14 1.02
N LEU A 113 31.09 15.69 -0.16
CA LEU A 113 30.36 15.90 -1.40
C LEU A 113 30.67 14.81 -2.41
N SER A 114 29.72 14.45 -3.27
CA SER A 114 30.03 13.59 -4.41
C SER A 114 29.35 14.11 -5.67
N ALA A 115 29.88 13.74 -6.84
CA ALA A 115 29.26 14.07 -8.12
C ALA A 115 28.79 12.81 -8.82
N HIS A 116 27.67 12.93 -9.52
CA HIS A 116 27.09 11.84 -10.29
C HIS A 116 27.04 12.15 -11.77
N PHE A 117 27.76 11.36 -12.56
CA PHE A 117 27.78 11.49 -14.01
C PHE A 117 26.80 10.54 -14.64
N VAL A 118 25.53 10.93 -14.76
CA VAL A 118 24.52 9.99 -15.26
C VAL A 118 24.65 9.80 -16.76
N HIS A 119 24.59 8.55 -17.22
CA HIS A 119 24.60 8.25 -18.64
C HIS A 119 23.41 7.41 -19.05
N LYS A 120 23.05 7.49 -20.32
CA LYS A 120 21.94 6.73 -20.85
C LYS A 120 22.32 6.12 -22.20
N ASP A 121 21.71 5.00 -22.55
CA ASP A 121 21.82 4.46 -23.91
C ASP A 121 20.57 4.87 -24.67
N ALA A 122 20.42 4.39 -25.90
CA ALA A 122 19.20 4.68 -26.66
C ALA A 122 17.97 3.99 -26.03
N LYS A 123 18.22 2.90 -25.29
CA LYS A 123 17.14 2.14 -24.66
C LYS A 123 16.78 2.73 -23.29
N GLY A 124 17.59 3.65 -22.82
CA GLY A 124 17.31 4.37 -21.58
C GLY A 124 17.89 3.71 -20.36
N ARG A 125 18.76 2.73 -20.58
CA ARG A 125 19.42 2.05 -19.49
C ARG A 125 20.46 3.00 -18.91
N LEU A 126 20.62 3.00 -17.60
CA LEU A 126 21.48 3.99 -16.95
C LEU A 126 22.81 3.43 -16.49
N LEU A 127 23.85 4.22 -16.71
CA LEU A 127 25.15 3.93 -16.15
C LEU A 127 25.52 5.16 -15.38
N VAL A 128 25.63 5.05 -14.07
CA VAL A 128 25.93 6.22 -13.30
C VAL A 128 27.30 6.07 -12.65
N LEU A 129 27.97 7.19 -12.57
CA LEU A 129 29.35 7.25 -12.19
C LEU A 129 29.48 8.17 -10.95
N ALA A 130 29.99 7.61 -9.87
CA ALA A 130 30.05 8.35 -8.62
C ALA A 130 31.49 8.54 -8.18
N ILE A 131 31.83 9.78 -7.85
CA ILE A 131 33.13 10.05 -7.27
C ILE A 131 32.95 11.12 -6.20
N GLY A 132 33.77 11.02 -5.15
CA GLY A 132 33.60 11.84 -3.97
C GLY A 132 34.61 12.98 -3.83
N PHE A 133 34.31 13.92 -2.94
CA PHE A 133 35.08 15.14 -2.81
C PHE A 133 35.49 15.30 -1.39
N GLU A 134 36.68 15.83 -1.16
CA GLU A 134 37.10 16.18 0.20
C GLU A 134 37.65 17.60 0.27
N GLU A 135 37.62 18.18 1.45
CA GLU A 135 38.03 19.56 1.62
C GLU A 135 39.52 19.72 1.42
N GLY A 136 39.90 20.73 0.63
CA GLY A 136 41.31 21.01 0.43
C GLY A 136 41.66 22.00 -0.65
N LYS A 137 42.40 21.54 -1.65
CA LYS A 137 42.84 22.37 -2.75
C LYS A 137 41.66 22.78 -3.63
N GLU A 138 41.75 23.98 -4.18
CA GLU A 138 40.71 24.47 -5.05
C GLU A 138 40.63 23.65 -6.32
N ASN A 139 39.41 23.44 -6.78
CA ASN A 139 39.17 22.65 -7.96
C ASN A 139 38.85 23.52 -9.15
N PRO A 140 39.80 23.64 -10.08
CA PRO A 140 39.55 24.29 -11.35
C PRO A 140 38.25 23.85 -12.02
N ASN A 141 37.98 22.56 -12.01
CA ASN A 141 36.91 22.05 -12.83
C ASN A 141 35.51 22.44 -12.36
N LEU A 142 35.40 22.80 -11.09
CA LEU A 142 34.13 23.25 -10.54
C LEU A 142 33.77 24.65 -11.07
N ASP A 143 34.80 25.44 -11.42
CA ASP A 143 34.63 26.82 -11.91
C ASP A 143 33.42 27.07 -12.79
N PRO A 144 33.30 26.33 -13.90
CA PRO A 144 32.23 26.83 -14.77
C PRO A 144 30.85 26.47 -14.22
N ILE A 145 30.79 25.65 -13.18
CA ILE A 145 29.51 25.23 -12.66
C ILE A 145 29.07 26.21 -11.60
N LEU A 146 29.99 26.61 -10.74
CA LEU A 146 29.71 27.65 -9.76
C LEU A 146 29.39 28.99 -10.43
N GLU A 147 30.05 29.25 -11.55
CA GLU A 147 29.83 30.53 -12.22
C GLU A 147 28.62 30.40 -13.12
N GLY A 148 28.47 29.24 -13.75
CA GLY A 148 27.34 28.99 -14.62
C GLY A 148 26.01 28.99 -13.88
N ILE A 149 26.03 28.76 -12.58
CA ILE A 149 24.77 28.69 -11.84
C ILE A 149 24.26 30.10 -11.47
N GLN A 150 25.15 31.09 -11.51
CA GLN A 150 24.76 32.46 -11.15
C GLN A 150 24.07 33.17 -12.30
N LYS A 151 24.25 32.65 -13.50
CA LYS A 151 23.74 33.26 -14.73
C LYS A 151 23.12 32.20 -15.62
N LYS A 152 22.02 32.51 -16.28
CA LYS A 152 21.72 31.70 -17.46
C LYS A 152 22.55 32.32 -18.57
N GLN A 153 23.60 31.61 -18.99
CA GLN A 153 24.67 32.23 -19.75
C GLN A 153 25.00 31.55 -21.07
N ASN A 154 25.90 32.16 -21.82
CA ASN A 154 26.71 31.39 -22.73
C ASN A 154 27.66 30.64 -21.81
N PHE A 155 27.19 29.51 -21.31
CA PHE A 155 27.88 28.75 -20.25
C PHE A 155 29.30 28.32 -20.60
N LYS A 156 30.26 28.67 -19.76
CA LYS A 156 31.64 28.29 -20.05
C LYS A 156 31.83 26.78 -19.91
N GLU A 157 32.79 26.23 -20.66
CA GLU A 157 32.98 24.80 -20.76
C GLU A 157 33.48 24.15 -19.52
N VAL A 158 33.09 22.90 -19.34
CA VAL A 158 33.55 22.12 -18.20
C VAL A 158 34.61 21.13 -18.68
N ALA A 159 35.70 21.04 -17.94
CA ALA A 159 36.84 20.20 -18.31
C ALA A 159 36.57 18.74 -18.04
N LEU A 160 35.66 18.15 -18.82
CA LEU A 160 35.22 16.79 -18.58
C LEU A 160 36.35 15.79 -18.77
N ASP A 161 37.18 16.02 -19.78
CA ASP A 161 38.26 15.07 -20.04
C ASP A 161 39.27 15.15 -18.93
N ALA A 162 39.33 16.32 -18.32
CA ALA A 162 40.25 16.56 -17.23
C ALA A 162 39.57 16.45 -15.87
N PHE A 163 38.31 16.02 -15.85
CA PHE A 163 37.55 16.14 -14.61
C PHE A 163 37.94 15.10 -13.58
N LEU A 164 38.07 13.84 -13.98
CA LEU A 164 38.35 12.83 -12.97
C LEU A 164 39.64 12.09 -13.30
N PRO A 165 40.29 11.49 -12.28
CA PRO A 165 41.68 11.02 -12.43
C PRO A 165 41.91 10.19 -13.67
N LYS A 166 43.14 10.23 -14.17
CA LYS A 166 43.48 9.57 -15.41
C LYS A 166 43.36 8.07 -15.21
N SER A 167 43.97 7.62 -14.12
CA SER A 167 43.91 6.22 -13.75
C SER A 167 43.05 6.09 -12.50
N ILE A 168 42.13 5.14 -12.54
CA ILE A 168 41.08 5.07 -11.54
C ILE A 168 40.75 3.65 -11.05
N ASN A 169 40.43 3.60 -9.76
CA ASN A 169 39.98 2.38 -9.09
C ASN A 169 38.52 2.52 -8.65
N TYR A 170 37.71 1.50 -8.95
CA TYR A 170 36.29 1.60 -8.70
C TYR A 170 35.62 0.32 -8.24
N TYR A 171 34.48 0.49 -7.59
CA TYR A 171 33.58 -0.59 -7.27
C TYR A 171 32.41 -0.54 -8.25
N HIS A 172 32.30 -1.53 -9.12
CA HIS A 172 31.17 -1.65 -10.04
C HIS A 172 30.15 -2.65 -9.52
N PHE A 173 28.88 -2.27 -9.55
CA PHE A 173 27.78 -3.12 -9.08
C PHE A 173 26.47 -2.59 -9.63
N ASN A 174 25.41 -3.40 -9.63
CA ASN A 174 24.07 -2.90 -10.03
C ASN A 174 23.28 -2.43 -8.84
N GLY A 175 22.63 -1.28 -9.00
CA GLY A 175 21.88 -0.68 -7.91
C GLY A 175 20.68 0.03 -8.47
N SER A 176 20.25 1.08 -7.78
CA SER A 176 19.09 1.83 -8.18
C SER A 176 19.40 3.31 -8.20
N LEU A 177 18.50 4.09 -8.75
CA LEU A 177 18.56 5.52 -8.58
C LEU A 177 18.45 5.79 -7.10
N THR A 178 19.06 6.88 -6.66
CA THR A 178 19.23 7.13 -5.23
C THR A 178 18.20 8.13 -4.77
N ALA A 179 17.23 8.38 -5.64
CA ALA A 179 16.15 9.33 -5.43
C ALA A 179 14.92 8.83 -6.19
N PRO A 180 13.71 9.20 -5.75
CA PRO A 180 12.51 8.69 -6.41
C PRO A 180 12.58 9.00 -7.88
N PRO A 181 12.12 8.08 -8.73
CA PRO A 181 11.39 6.85 -8.38
C PRO A 181 12.25 5.62 -8.05
N CYS A 182 13.55 5.78 -7.79
CA CYS A 182 14.38 4.69 -7.26
C CYS A 182 14.44 3.50 -8.21
N THR A 183 14.36 3.80 -9.51
CA THR A 183 14.45 2.81 -10.57
C THR A 183 15.71 1.95 -10.51
N GLU A 184 15.52 0.64 -10.57
CA GLU A 184 16.65 -0.27 -10.52
C GLU A 184 17.19 -0.61 -11.93
N GLY A 185 18.17 -1.50 -11.99
CA GLY A 185 18.83 -1.83 -13.24
C GLY A 185 19.95 -0.89 -13.57
N VAL A 186 20.24 0.04 -12.66
CA VAL A 186 21.30 1.03 -12.82
C VAL A 186 22.71 0.51 -12.55
N ALA A 187 23.65 0.82 -13.45
CA ALA A 187 25.03 0.35 -13.36
C ALA A 187 25.92 1.32 -12.64
N TRP A 188 26.29 1.00 -11.42
CA TRP A 188 27.05 1.93 -10.61
C TRP A 188 28.56 1.68 -10.68
N PHE A 189 29.29 2.76 -10.92
CA PHE A 189 30.73 2.73 -10.87
C PHE A 189 31.12 3.75 -9.81
N VAL A 190 31.53 3.30 -8.64
CA VAL A 190 31.88 4.23 -7.59
C VAL A 190 33.40 4.30 -7.43
N ILE A 191 33.96 5.49 -7.63
CA ILE A 191 35.39 5.67 -7.76
C ILE A 191 36.03 6.05 -6.44
N GLU A 192 37.01 5.23 -6.02
CA GLU A 192 37.58 5.27 -4.67
C GLU A 192 38.25 6.60 -4.35
N GLU A 193 39.05 7.09 -5.30
CA GLU A 193 39.84 8.29 -5.09
C GLU A 193 39.05 9.57 -5.22
N PRO A 194 39.01 10.32 -4.13
CA PRO A 194 38.25 11.55 -4.03
C PRO A 194 39.01 12.71 -4.61
N LEU A 195 38.28 13.66 -5.16
CA LEU A 195 38.86 14.91 -5.61
C LEU A 195 38.84 15.84 -4.42
N GLU A 196 39.62 16.91 -4.46
CA GLU A 196 39.50 17.89 -3.40
C GLU A 196 38.77 19.12 -3.86
N VAL A 197 38.22 19.83 -2.89
CA VAL A 197 37.36 20.96 -3.13
C VAL A 197 37.64 22.02 -2.08
N SER A 198 37.72 23.28 -2.50
CA SER A 198 37.88 24.40 -1.57
C SER A 198 36.73 24.47 -0.59
N ALA A 199 37.02 24.85 0.66
CA ALA A 199 35.97 24.96 1.67
C ALA A 199 34.96 26.03 1.28
N LYS A 200 35.41 27.03 0.53
CA LYS A 200 34.50 28.06 0.03
C LYS A 200 33.70 27.44 -1.11
N GLN A 201 34.42 26.79 -2.05
CA GLN A 201 33.80 26.07 -3.16
C GLN A 201 32.70 25.14 -2.68
N LEU A 202 33.07 24.28 -1.73
CA LEU A 202 32.18 23.35 -1.10
C LEU A 202 30.97 24.03 -0.47
N ALA A 203 31.20 25.19 0.15
CA ALA A 203 30.17 25.82 0.97
C ALA A 203 29.08 26.48 0.13
N GLU A 204 29.44 26.98 -1.04
CA GLU A 204 28.45 27.62 -1.90
C GLU A 204 27.70 26.57 -2.68
N ILE A 205 28.38 25.46 -3.03
CA ILE A 205 27.66 24.31 -3.56
C ILE A 205 26.57 23.91 -2.61
N LYS A 206 26.95 23.73 -1.34
CA LYS A 206 25.98 23.46 -0.29
C LYS A 206 24.94 24.58 -0.28
N LYS A 207 25.41 25.84 -0.30
CA LYS A 207 24.51 26.99 -0.34
C LYS A 207 23.58 26.94 -1.53
N ARG A 208 24.11 26.55 -2.69
CA ARG A 208 23.31 26.56 -3.91
C ARG A 208 22.35 25.37 -4.00
N MET A 209 22.63 24.34 -3.22
CA MET A 209 21.66 23.28 -2.98
C MET A 209 20.87 23.60 -1.69
N LYS A 210 20.63 24.89 -1.51
CA LYS A 210 19.78 25.46 -0.47
C LYS A 210 20.19 25.05 0.93
N ASN A 211 21.51 24.93 1.15
CA ASN A 211 22.10 24.45 2.42
C ASN A 211 21.32 23.33 3.08
N SER A 212 20.83 22.42 2.26
CA SER A 212 20.02 21.33 2.74
C SER A 212 20.46 20.05 2.07
N PRO A 213 20.96 19.10 2.88
CA PRO A 213 21.60 17.86 2.42
C PRO A 213 20.70 17.00 1.55
N ASN A 214 21.25 16.52 0.45
CA ASN A 214 20.50 15.64 -0.41
C ASN A 214 21.20 14.30 -0.48
N GLN A 215 21.27 13.66 0.68
CA GLN A 215 21.85 12.33 0.79
C GLN A 215 20.82 11.31 1.24
N ARG A 216 20.43 10.42 0.34
CA ARG A 216 19.60 9.29 0.68
C ARG A 216 20.36 8.36 1.63
N PRO A 217 19.66 7.83 2.63
CA PRO A 217 20.23 6.84 3.54
C PRO A 217 20.63 5.55 2.81
N VAL A 218 21.71 4.94 3.29
CA VAL A 218 22.11 3.64 2.81
C VAL A 218 20.91 2.69 2.92
N GLN A 219 20.80 1.77 1.97
CA GLN A 219 19.63 0.93 1.85
C GLN A 219 19.93 -0.50 2.18
N PRO A 220 18.91 -1.29 2.49
CA PRO A 220 19.10 -2.73 2.71
C PRO A 220 19.88 -3.35 1.57
N ASP A 221 20.99 -3.99 1.90
CA ASP A 221 21.85 -4.66 0.95
C ASP A 221 21.56 -6.16 1.01
N TYR A 222 21.27 -6.75 -0.14
CA TYR A 222 20.92 -8.17 -0.22
C TYR A 222 22.07 -8.92 -0.86
N ASN A 223 23.21 -8.93 -0.17
CA ASN A 223 24.47 -9.51 -0.65
C ASN A 223 24.85 -9.03 -2.05
N THR A 224 24.79 -7.71 -2.27
CA THR A 224 25.14 -7.14 -3.56
C THR A 224 26.54 -7.55 -3.99
N VAL A 225 26.62 -8.16 -5.17
CA VAL A 225 27.90 -8.56 -5.73
C VAL A 225 28.66 -7.38 -6.33
N ILE A 226 29.70 -6.94 -5.62
CA ILE A 226 30.55 -5.81 -5.99
C ILE A 226 31.94 -6.26 -6.42
N ILE A 227 32.43 -5.74 -7.54
CA ILE A 227 33.84 -5.93 -7.95
C ILE A 227 34.62 -4.64 -7.76
N LYS A 228 35.88 -4.72 -7.32
CA LYS A 228 36.78 -3.58 -7.34
C LYS A 228 37.79 -3.74 -8.45
N SER A 229 37.91 -2.75 -9.33
CA SER A 229 38.80 -2.85 -10.49
C SER A 229 39.47 -1.54 -10.92
N SER A 230 39.94 -1.49 -12.17
CA SER A 230 40.67 -0.33 -12.64
C SER A 230 40.42 0.00 -14.11
N ALA A 231 40.67 1.25 -14.47
CA ALA A 231 40.54 1.72 -15.85
C ALA A 231 41.19 3.09 -16.02
N GLU A 232 41.22 3.58 -17.26
CA GLU A 232 41.86 4.86 -17.54
C GLU A 232 40.94 5.81 -18.30
N THR A 233 40.85 7.03 -17.78
CA THR A 233 39.77 7.95 -18.07
C THR A 233 40.14 9.15 -18.94
N ARG A 234 41.11 8.95 -19.83
CA ARG A 234 41.65 10.07 -20.58
C ARG A 234 41.80 9.67 -22.03
N LYS B 9 -3.48 -20.01 -12.12
CA LYS B 9 -2.42 -21.00 -11.96
C LYS B 9 -1.37 -20.89 -13.07
N TRP B 10 -0.12 -20.68 -12.71
CA TRP B 10 0.93 -20.38 -13.68
C TRP B 10 1.59 -21.62 -14.34
N ASP B 11 2.00 -21.48 -15.60
CA ASP B 11 2.58 -22.59 -16.35
C ASP B 11 3.80 -22.19 -17.15
N TYR B 12 4.31 -23.11 -17.94
CA TYR B 12 5.53 -22.87 -18.72
C TYR B 12 5.27 -22.98 -20.24
N LYS B 13 3.98 -23.08 -20.61
CA LYS B 13 3.52 -23.22 -22.00
C LYS B 13 3.53 -21.87 -22.72
N ASN B 14 3.73 -21.89 -24.03
CA ASN B 14 3.82 -20.66 -24.81
C ASN B 14 2.45 -20.06 -25.14
N LYS B 15 1.44 -20.48 -24.37
CA LYS B 15 0.06 -20.03 -24.56
C LYS B 15 -0.32 -18.84 -23.68
N GLU B 16 -1.35 -19.00 -22.85
CA GLU B 16 -1.88 -17.84 -22.15
C GLU B 16 -1.53 -17.76 -20.66
N ASN B 17 -1.20 -18.89 -20.05
CA ASN B 17 -0.79 -18.89 -18.65
C ASN B 17 0.70 -19.07 -18.47
N GLY B 18 1.47 -18.54 -19.40
CA GLY B 18 2.91 -18.78 -19.45
C GLY B 18 3.83 -17.65 -19.02
N PRO B 19 5.13 -17.94 -19.09
CA PRO B 19 6.18 -17.02 -18.62
C PRO B 19 6.05 -15.57 -19.11
N HIS B 20 5.77 -15.40 -20.41
CA HIS B 20 5.48 -14.08 -20.98
C HIS B 20 4.18 -13.44 -20.49
N ARG B 21 3.49 -14.13 -19.59
CA ARG B 21 2.19 -13.69 -19.08
C ARG B 21 2.06 -13.98 -17.58
N TRP B 22 3.16 -14.23 -16.88
CA TRP B 22 3.07 -14.55 -15.45
C TRP B 22 2.67 -13.36 -14.61
N ASP B 23 3.20 -12.19 -14.94
CA ASP B 23 2.91 -11.00 -14.16
C ASP B 23 1.42 -10.70 -14.18
N LYS B 24 0.81 -10.97 -15.33
CA LYS B 24 -0.61 -10.69 -15.55
C LYS B 24 -1.52 -11.54 -14.68
N LEU B 25 -1.01 -12.66 -14.18
CA LEU B 25 -1.85 -13.60 -13.46
C LEU B 25 -2.23 -13.14 -12.05
N HIS B 26 -1.37 -12.37 -11.39
CA HIS B 26 -1.68 -11.83 -10.06
C HIS B 26 -0.90 -10.54 -9.86
N LYS B 27 -1.21 -9.79 -8.82
CA LYS B 27 -0.48 -8.56 -8.57
C LYS B 27 0.91 -8.86 -7.96
N ASP B 28 1.02 -9.97 -7.25
CA ASP B 28 2.25 -10.33 -6.59
C ASP B 28 3.30 -10.74 -7.59
N PHE B 29 2.84 -11.22 -8.73
CA PHE B 29 3.74 -11.74 -9.73
C PHE B 29 4.21 -10.63 -10.65
N GLU B 30 3.89 -9.39 -10.33
CA GLU B 30 4.11 -8.33 -11.30
C GLU B 30 5.59 -8.02 -11.43
N VAL B 31 6.39 -8.52 -10.50
CA VAL B 31 7.82 -8.29 -10.56
C VAL B 31 8.44 -9.17 -11.63
N CYS B 32 7.79 -10.29 -11.90
CA CYS B 32 8.23 -11.20 -12.97
C CYS B 32 8.50 -10.43 -14.27
N LYS B 33 7.67 -9.42 -14.56
CA LYS B 33 7.81 -8.57 -15.75
C LYS B 33 8.68 -7.33 -15.49
N SER B 34 8.43 -6.67 -14.35
CA SER B 34 8.95 -5.33 -14.07
C SER B 34 10.32 -5.32 -13.39
N GLY B 35 10.79 -6.51 -13.05
CA GLY B 35 12.01 -6.65 -12.30
C GLY B 35 13.22 -6.30 -13.13
N LYS B 36 14.26 -5.81 -12.50
CA LYS B 36 15.49 -5.48 -13.21
C LYS B 36 16.65 -6.44 -12.86
N SER B 37 16.32 -7.55 -12.22
CA SER B 37 17.31 -8.57 -11.85
CA SER B 37 17.32 -8.59 -11.93
C SER B 37 16.69 -9.97 -11.86
N GLN B 38 15.99 -10.32 -12.94
CA GLN B 38 15.26 -11.59 -13.00
C GLN B 38 16.10 -12.76 -13.48
N SER B 39 15.67 -13.96 -13.10
CA SER B 39 16.42 -15.15 -13.40
C SER B 39 15.47 -16.16 -14.00
N PRO B 40 15.98 -17.06 -14.85
CA PRO B 40 17.39 -17.28 -15.23
C PRO B 40 17.95 -16.35 -16.28
N ILE B 41 19.26 -16.39 -16.41
CA ILE B 41 19.97 -15.65 -17.44
C ILE B 41 21.14 -16.48 -18.00
N ASN B 42 21.75 -16.01 -19.08
CA ASN B 42 22.90 -16.69 -19.66
C ASN B 42 24.20 -16.05 -19.21
N ILE B 43 25.05 -16.88 -18.62
CA ILE B 43 26.27 -16.39 -18.00
C ILE B 43 27.42 -16.31 -19.00
N GLU B 44 27.59 -15.14 -19.59
CA GLU B 44 28.57 -14.99 -20.66
C GLU B 44 29.72 -14.05 -20.31
N HIS B 45 29.43 -12.92 -19.68
CA HIS B 45 30.49 -12.00 -19.26
C HIS B 45 30.57 -11.97 -17.77
N TYR B 46 31.79 -12.09 -17.25
CA TYR B 46 32.00 -12.12 -15.82
C TYR B 46 33.42 -11.76 -15.42
N TYR B 47 33.55 -11.30 -14.19
CA TYR B 47 34.83 -10.95 -13.59
C TYR B 47 35.47 -12.18 -12.94
N HIS B 48 36.80 -12.16 -12.83
CA HIS B 48 37.50 -13.28 -12.21
C HIS B 48 38.09 -12.84 -10.89
N THR B 49 38.05 -13.71 -9.89
CA THR B 49 38.62 -13.33 -8.60
C THR B 49 39.47 -14.44 -8.00
N GLN B 50 40.23 -14.06 -6.96
CA GLN B 50 41.16 -14.94 -6.26
C GLN B 50 41.04 -14.76 -4.75
N ASP B 51 39.82 -14.44 -4.32
CA ASP B 51 39.52 -14.27 -2.91
C ASP B 51 38.77 -15.50 -2.38
N ASP B 54 34.81 -17.40 -0.26
CA ASP B 54 34.29 -17.24 1.08
C ASP B 54 32.95 -17.93 1.20
N LEU B 55 33.00 -19.23 1.40
CA LEU B 55 31.79 -20.03 1.48
C LEU B 55 32.05 -21.27 2.33
N GLN B 56 31.30 -21.45 3.41
CA GLN B 56 31.48 -22.66 4.23
C GLN B 56 30.23 -23.56 4.33
N PHE B 57 30.34 -24.78 3.81
CA PHE B 57 29.24 -25.74 3.81
C PHE B 57 29.16 -26.57 5.07
N LYS B 58 28.02 -26.49 5.74
CA LYS B 58 27.70 -27.41 6.82
C LYS B 58 26.58 -28.34 6.38
N TYR B 59 26.91 -29.28 5.49
CA TYR B 59 25.93 -30.20 4.96
C TYR B 59 26.06 -31.58 5.59
N ALA B 60 24.93 -32.23 5.83
CA ALA B 60 24.95 -33.59 6.35
C ALA B 60 23.92 -34.47 5.65
N ALA B 61 24.25 -35.75 5.48
CA ALA B 61 23.25 -36.74 5.07
C ALA B 61 22.03 -36.54 5.94
N SER B 62 20.90 -36.29 5.29
CA SER B 62 19.70 -35.87 5.98
C SER B 62 18.51 -36.62 5.40
N LYS B 63 17.65 -37.12 6.27
CA LYS B 63 16.42 -37.73 5.81
C LYS B 63 15.48 -36.57 5.52
N PRO B 64 14.80 -36.61 4.37
CA PRO B 64 13.80 -35.65 3.91
C PRO B 64 12.57 -35.60 4.81
N LYS B 65 12.16 -34.41 5.21
CA LYS B 65 10.96 -34.28 6.00
C LYS B 65 9.77 -34.57 5.09
N ALA B 66 9.93 -34.25 3.81
CA ALA B 66 8.96 -34.61 2.79
C ALA B 66 9.60 -34.60 1.41
N VAL B 67 9.15 -35.51 0.56
CA VAL B 67 9.52 -35.54 -0.84
C VAL B 67 8.24 -35.42 -1.65
N PHE B 68 8.05 -34.31 -2.35
CA PHE B 68 6.78 -34.12 -3.02
C PHE B 68 6.85 -33.34 -4.30
N PHE B 69 5.76 -33.44 -5.06
CA PHE B 69 5.57 -32.64 -6.25
C PHE B 69 4.73 -31.44 -5.85
N THR B 70 5.22 -30.24 -6.14
CA THR B 70 4.43 -29.02 -6.02
C THR B 70 4.74 -28.16 -7.22
N HIS B 71 3.70 -27.55 -7.78
CA HIS B 71 3.90 -26.54 -8.80
C HIS B 71 4.93 -26.88 -9.88
N HIS B 72 4.75 -28.00 -10.56
CA HIS B 72 5.59 -28.32 -11.68
C HIS B 72 6.98 -28.73 -11.29
N THR B 73 7.26 -28.93 -10.01
CA THR B 73 8.65 -29.34 -9.74
C THR B 73 8.71 -30.57 -8.84
N LEU B 74 9.84 -31.26 -8.87
CA LEU B 74 10.06 -32.34 -7.93
C LEU B 74 10.84 -31.76 -6.76
N LYS B 75 10.26 -31.81 -5.58
CA LYS B 75 10.82 -31.09 -4.46
C LYS B 75 11.06 -32.01 -3.28
N ALA B 76 12.21 -31.83 -2.62
CA ALA B 76 12.49 -32.47 -1.35
C ALA B 76 12.73 -31.44 -0.24
N SER B 77 11.89 -31.41 0.77
CA SER B 77 12.06 -30.46 1.86
C SER B 77 12.83 -31.05 3.02
N PHE B 78 13.47 -30.20 3.83
CA PHE B 78 14.26 -30.67 4.96
C PHE B 78 13.95 -29.96 6.27
N GLU B 79 14.25 -30.61 7.40
CA GLU B 79 14.25 -29.91 8.67
C GLU B 79 15.36 -28.88 8.62
N PRO B 80 15.25 -27.81 9.41
CA PRO B 80 16.26 -26.76 9.31
C PRO B 80 17.60 -27.12 9.96
N THR B 81 18.22 -28.21 9.51
CA THR B 81 19.44 -28.69 10.15
C THR B 81 20.70 -28.53 9.31
N ASN B 82 20.55 -28.18 8.04
CA ASN B 82 21.68 -27.96 7.15
C ASN B 82 21.86 -26.50 6.87
N HIS B 83 23.11 -26.04 6.79
CA HIS B 83 23.41 -24.62 6.56
C HIS B 83 24.49 -24.35 5.53
N ILE B 84 24.66 -23.06 5.11
CA ILE B 84 25.75 -22.53 4.31
C ILE B 84 26.14 -21.20 4.91
N ASN B 85 27.42 -21.00 5.11
CA ASN B 85 27.87 -19.74 5.65
C ASN B 85 28.42 -18.88 4.55
N TYR B 86 27.85 -17.68 4.43
CA TYR B 86 28.30 -16.73 3.44
C TYR B 86 28.48 -15.37 4.07
N ARG B 87 29.72 -14.91 4.08
CA ARG B 87 30.09 -13.58 4.57
C ARG B 87 29.66 -13.34 6.01
N GLY B 88 29.84 -14.36 6.85
CA GLY B 88 29.52 -14.26 8.25
C GLY B 88 28.05 -14.47 8.56
N HIS B 89 27.25 -14.79 7.55
CA HIS B 89 25.87 -15.12 7.86
C HIS B 89 25.63 -16.58 7.56
N ASP B 90 24.64 -17.17 8.21
CA ASP B 90 24.35 -18.56 7.98
C ASP B 90 22.97 -18.72 7.41
N TYR B 91 22.93 -19.24 6.21
CA TYR B 91 21.70 -19.52 5.52
C TYR B 91 21.42 -20.98 5.75
N VAL B 92 20.18 -21.31 6.05
CA VAL B 92 19.84 -22.67 6.35
C VAL B 92 19.17 -23.27 5.14
N LEU B 93 19.36 -24.57 4.92
CA LEU B 93 18.75 -25.22 3.78
C LEU B 93 17.34 -25.67 4.12
N ASP B 94 16.41 -25.37 3.22
CA ASP B 94 15.05 -25.83 3.37
C ASP B 94 14.74 -26.96 2.42
N ASN B 95 15.05 -26.81 1.13
CA ASN B 95 14.79 -27.90 0.19
C ASN B 95 15.71 -27.93 -1.03
N VAL B 96 15.67 -29.03 -1.76
CA VAL B 96 16.24 -29.02 -3.09
C VAL B 96 15.12 -29.38 -4.02
N HIS B 97 15.11 -28.72 -5.16
CA HIS B 97 14.15 -29.04 -6.20
C HIS B 97 14.87 -29.11 -7.52
N PHE B 98 14.17 -29.57 -8.56
CA PHE B 98 14.79 -29.90 -9.82
C PHE B 98 14.11 -29.20 -10.95
N HIS B 99 14.87 -29.03 -12.03
CA HIS B 99 14.40 -28.36 -13.21
C HIS B 99 14.90 -29.14 -14.44
N ALA B 100 14.06 -29.26 -15.44
CA ALA B 100 14.45 -29.91 -16.68
C ALA B 100 13.81 -29.18 -17.85
N PRO B 101 14.63 -28.62 -18.75
CA PRO B 101 16.10 -28.62 -18.64
C PRO B 101 16.62 -27.71 -17.53
N MET B 102 17.92 -27.49 -17.59
CA MET B 102 18.56 -26.59 -16.67
C MET B 102 18.17 -25.17 -17.02
N GLU B 103 17.73 -24.43 -16.01
CA GLU B 103 17.29 -23.06 -16.19
C GLU B 103 18.43 -22.08 -16.52
N PHE B 104 19.51 -22.09 -15.76
CA PHE B 104 20.64 -21.20 -16.08
C PHE B 104 21.54 -21.74 -17.16
N LEU B 105 22.11 -20.86 -17.95
CA LEU B 105 23.06 -21.23 -18.98
C LEU B 105 24.44 -20.69 -18.68
N ILE B 106 25.47 -21.51 -18.87
CA ILE B 106 26.80 -20.99 -18.72
C ILE B 106 27.56 -20.93 -20.04
N ASN B 107 27.88 -19.72 -20.45
CA ASN B 107 28.48 -19.47 -21.74
C ASN B 107 27.75 -20.22 -22.84
N ASN B 108 26.43 -20.17 -22.77
CA ASN B 108 25.51 -20.71 -23.77
C ASN B 108 25.29 -22.20 -23.67
N LYS B 109 26.01 -22.89 -22.79
CA LYS B 109 25.85 -24.34 -22.72
C LYS B 109 24.62 -24.68 -21.91
N THR B 110 24.00 -25.77 -22.34
CA THR B 110 22.75 -26.22 -21.82
C THR B 110 22.98 -27.57 -21.17
N ARG B 111 22.14 -27.90 -20.19
CA ARG B 111 22.15 -29.17 -19.49
C ARG B 111 20.72 -29.66 -19.39
N PRO B 112 20.52 -30.98 -19.45
CA PRO B 112 19.20 -31.58 -19.40
C PRO B 112 18.46 -31.48 -18.05
N LEU B 113 19.15 -31.19 -16.95
CA LEU B 113 18.52 -31.15 -15.63
C LEU B 113 19.33 -30.31 -14.67
N SER B 114 18.70 -29.79 -13.62
CA SER B 114 19.42 -29.02 -12.61
C SER B 114 18.72 -29.14 -11.28
N ALA B 115 19.46 -29.00 -10.19
CA ALA B 115 18.84 -29.00 -8.88
C ALA B 115 19.07 -27.65 -8.25
N HIS B 116 18.10 -27.16 -7.47
CA HIS B 116 18.28 -25.92 -6.74
C HIS B 116 18.23 -26.18 -5.26
N PHE B 117 19.29 -25.79 -4.56
CA PHE B 117 19.36 -25.86 -3.10
C PHE B 117 18.99 -24.53 -2.46
N VAL B 118 17.81 -24.48 -1.87
CA VAL B 118 17.26 -23.22 -1.39
C VAL B 118 17.58 -22.86 0.08
N HIS B 119 18.17 -21.68 0.34
CA HIS B 119 18.54 -21.30 1.70
C HIS B 119 17.91 -19.97 2.17
N LYS B 120 17.74 -19.80 3.49
CA LYS B 120 17.29 -18.53 4.10
C LYS B 120 18.14 -18.15 5.30
N ASP B 121 18.49 -16.87 5.42
CA ASP B 121 19.22 -16.43 6.60
C ASP B 121 18.31 -15.96 7.72
N ALA B 122 18.91 -15.32 8.72
CA ALA B 122 18.15 -14.76 9.82
C ALA B 122 17.23 -13.64 9.33
N LYS B 123 17.68 -12.89 8.31
CA LYS B 123 16.90 -11.77 7.78
C LYS B 123 15.93 -12.17 6.65
N GLY B 124 15.84 -13.47 6.38
CA GLY B 124 14.93 -13.97 5.35
C GLY B 124 15.51 -13.96 3.95
N ARG B 125 16.76 -13.54 3.85
CA ARG B 125 17.42 -13.36 2.56
C ARG B 125 17.73 -14.68 1.94
N LEU B 126 17.58 -14.76 0.63
CA LEU B 126 17.70 -16.07 -0.03
C LEU B 126 19.06 -16.28 -0.63
N LEU B 127 19.45 -17.53 -0.63
CA LEU B 127 20.70 -17.94 -1.21
C LEU B 127 20.36 -19.23 -1.86
N VAL B 128 20.52 -19.29 -3.16
CA VAL B 128 20.14 -20.48 -3.86
C VAL B 128 21.31 -20.94 -4.67
N LEU B 129 21.46 -22.25 -4.67
CA LEU B 129 22.58 -22.90 -5.30
C LEU B 129 22.01 -23.72 -6.44
N ALA B 130 22.62 -23.62 -7.61
CA ALA B 130 22.22 -24.46 -8.72
C ALA B 130 23.38 -25.29 -9.21
N ILE B 131 23.13 -26.55 -9.51
CA ILE B 131 24.15 -27.39 -10.12
C ILE B 131 23.53 -28.06 -11.33
N GLY B 132 24.33 -28.30 -12.36
CA GLY B 132 23.84 -28.94 -13.56
C GLY B 132 24.10 -30.43 -13.55
N PHE B 133 23.33 -31.17 -14.33
CA PHE B 133 23.52 -32.60 -14.49
C PHE B 133 23.86 -32.91 -15.93
N GLU B 134 24.52 -34.04 -16.16
CA GLU B 134 24.64 -34.58 -17.50
C GLU B 134 24.27 -36.05 -17.43
N GLU B 135 23.52 -36.53 -18.42
CA GLU B 135 23.20 -37.95 -18.48
C GLU B 135 24.51 -38.73 -18.63
N GLY B 136 24.71 -39.66 -17.73
CA GLY B 136 25.90 -40.48 -17.74
C GLY B 136 25.72 -41.64 -16.80
N LYS B 137 26.58 -41.72 -15.79
CA LYS B 137 26.52 -42.79 -14.81
C LYS B 137 25.33 -42.63 -13.87
N GLU B 138 24.83 -43.76 -13.39
CA GLU B 138 23.81 -43.76 -12.38
C GLU B 138 24.31 -42.94 -11.21
N ASN B 139 23.48 -42.01 -10.78
CA ASN B 139 23.82 -41.17 -9.66
C ASN B 139 23.12 -41.73 -8.44
N PRO B 140 23.87 -42.10 -7.42
CA PRO B 140 23.38 -42.67 -6.16
C PRO B 140 22.51 -41.73 -5.37
N ASN B 141 22.83 -40.44 -5.38
CA ASN B 141 22.17 -39.47 -4.53
C ASN B 141 20.74 -39.15 -4.94
N LEU B 142 20.42 -39.38 -6.20
CA LEU B 142 19.05 -39.19 -6.64
C LEU B 142 18.13 -40.23 -6.05
N ASP B 143 18.60 -41.47 -5.98
CA ASP B 143 17.77 -42.60 -5.56
C ASP B 143 16.95 -42.38 -4.28
N PRO B 144 17.57 -41.87 -3.20
CA PRO B 144 16.75 -41.74 -1.98
C PRO B 144 15.53 -40.86 -2.21
N ILE B 145 15.69 -39.93 -3.13
CA ILE B 145 14.62 -39.03 -3.56
C ILE B 145 13.70 -39.78 -4.51
N LEU B 146 14.29 -40.38 -5.53
CA LEU B 146 13.53 -41.04 -6.58
C LEU B 146 12.63 -42.11 -6.04
N GLU B 147 13.12 -42.96 -5.16
CA GLU B 147 12.22 -43.98 -4.65
C GLU B 147 11.17 -43.40 -3.69
N GLY B 148 11.49 -42.31 -3.02
CA GLY B 148 10.55 -41.69 -2.08
C GLY B 148 9.43 -40.91 -2.74
N LYS B 156 14.39 -42.42 2.78
CA LYS B 156 15.84 -42.56 2.73
C LYS B 156 16.52 -41.22 2.97
N GLU B 157 17.52 -41.22 3.82
CA GLU B 157 18.37 -40.06 3.98
C GLU B 157 19.09 -39.73 2.68
N VAL B 158 19.39 -38.45 2.50
CA VAL B 158 20.07 -38.00 1.30
C VAL B 158 21.44 -37.53 1.67
N ALA B 159 22.42 -37.99 0.90
CA ALA B 159 23.83 -37.74 1.17
C ALA B 159 24.25 -36.36 0.70
N LEU B 160 23.67 -35.34 1.31
CA LEU B 160 23.98 -33.95 0.98
C LEU B 160 25.48 -33.73 0.98
N ASP B 161 26.16 -34.35 1.95
CA ASP B 161 27.62 -34.29 2.11
C ASP B 161 28.37 -34.85 0.90
N ALA B 162 27.71 -35.70 0.11
CA ALA B 162 28.34 -36.35 -1.04
C ALA B 162 27.88 -35.78 -2.38
N PHE B 163 26.71 -35.15 -2.34
CA PHE B 163 25.96 -34.70 -3.50
C PHE B 163 26.76 -33.80 -4.47
N LEU B 164 27.42 -32.80 -3.92
CA LEU B 164 28.20 -31.84 -4.69
C LEU B 164 29.70 -32.16 -4.76
N PRO B 165 30.33 -31.80 -5.89
CA PRO B 165 31.76 -31.98 -6.02
C PRO B 165 32.50 -31.39 -4.82
N LYS B 166 33.67 -31.95 -4.53
CA LYS B 166 34.51 -31.48 -3.45
C LYS B 166 34.98 -30.08 -3.78
N SER B 167 35.31 -29.89 -5.05
CA SER B 167 35.86 -28.64 -5.53
C SER B 167 35.04 -28.11 -6.68
N ILE B 168 34.66 -26.84 -6.58
CA ILE B 168 33.75 -26.25 -7.54
C ILE B 168 34.24 -24.93 -8.10
N ASN B 169 33.97 -24.72 -9.37
CA ASN B 169 33.99 -23.40 -9.92
C ASN B 169 32.54 -22.94 -10.01
N TYR B 170 32.27 -21.76 -9.46
CA TYR B 170 30.90 -21.27 -9.46
C TYR B 170 30.76 -19.87 -10.05
N TYR B 171 29.53 -19.51 -10.40
CA TYR B 171 29.21 -18.15 -10.77
C TYR B 171 28.27 -17.60 -9.74
N HIS B 172 28.56 -16.40 -9.27
CA HIS B 172 27.80 -15.76 -8.21
C HIS B 172 27.27 -14.41 -8.68
N PHE B 173 26.01 -14.13 -8.35
CA PHE B 173 25.40 -12.91 -8.80
C PHE B 173 24.06 -12.71 -8.12
N ASN B 174 23.39 -11.62 -8.49
CA ASN B 174 22.16 -11.22 -7.84
C ASN B 174 21.00 -11.35 -8.79
N GLY B 175 20.07 -12.23 -8.45
CA GLY B 175 18.91 -12.38 -9.29
C GLY B 175 17.67 -12.54 -8.47
N SER B 176 16.87 -13.54 -8.87
CA SER B 176 15.51 -13.71 -8.37
C SER B 176 15.10 -15.18 -8.41
N LEU B 177 13.93 -15.45 -7.83
CA LEU B 177 13.31 -16.74 -8.00
C LEU B 177 12.99 -16.91 -9.46
N THR B 178 13.13 -18.11 -9.99
CA THR B 178 12.81 -18.35 -11.39
C THR B 178 11.37 -18.79 -11.58
N ALA B 179 10.57 -18.72 -10.52
CA ALA B 179 9.17 -19.07 -10.60
C ALA B 179 8.36 -18.09 -9.76
N PRO B 180 7.09 -17.87 -10.13
CA PRO B 180 6.23 -16.93 -9.38
C PRO B 180 6.26 -17.20 -7.89
N PRO B 181 6.39 -16.13 -7.07
CA PRO B 181 6.30 -14.71 -7.45
C PRO B 181 7.58 -14.04 -7.96
N CYS B 182 8.60 -14.78 -8.36
CA CYS B 182 9.77 -14.19 -8.97
C CYS B 182 10.48 -13.16 -8.10
N THR B 183 10.46 -13.34 -6.78
CA THR B 183 11.07 -12.38 -5.88
C THR B 183 12.59 -12.17 -6.12
N GLU B 184 13.03 -10.92 -5.97
CA GLU B 184 14.45 -10.58 -6.18
C GLU B 184 15.23 -10.55 -4.86
N GLY B 185 16.51 -10.15 -4.95
CA GLY B 185 17.39 -10.16 -3.80
C GLY B 185 17.98 -11.53 -3.51
N VAL B 186 17.90 -12.39 -4.50
CA VAL B 186 18.33 -13.77 -4.35
C VAL B 186 19.79 -13.95 -4.76
N ALA B 187 20.57 -14.49 -3.84
CA ALA B 187 21.99 -14.70 -4.05
C ALA B 187 22.20 -16.04 -4.72
N TRP B 188 22.48 -16.02 -6.02
CA TRP B 188 22.67 -17.23 -6.77
C TRP B 188 24.09 -17.65 -6.81
N PHE B 189 24.29 -18.94 -6.58
CA PHE B 189 25.55 -19.56 -6.84
C PHE B 189 25.35 -20.67 -7.84
N VAL B 190 25.91 -20.52 -9.02
CA VAL B 190 25.76 -21.51 -10.06
C VAL B 190 27.06 -22.22 -10.41
N ILE B 191 27.10 -23.50 -10.06
CA ILE B 191 28.24 -24.39 -10.21
C ILE B 191 28.49 -24.93 -11.64
N GLU B 192 29.68 -24.67 -12.16
CA GLU B 192 30.08 -25.05 -13.52
C GLU B 192 30.11 -26.56 -13.75
N GLU B 193 30.57 -27.30 -12.75
CA GLU B 193 30.79 -28.74 -12.90
C GLU B 193 29.51 -29.51 -12.79
N PRO B 194 29.22 -30.33 -13.81
CA PRO B 194 27.94 -31.00 -13.83
C PRO B 194 28.04 -32.31 -13.07
N LEU B 195 26.97 -32.71 -12.41
CA LEU B 195 26.87 -34.03 -11.83
C LEU B 195 26.37 -35.00 -12.88
N GLU B 196 26.33 -36.28 -12.56
CA GLU B 196 25.85 -37.22 -13.56
C GLU B 196 24.50 -37.77 -13.18
N VAL B 197 23.76 -38.20 -14.19
CA VAL B 197 22.47 -38.81 -13.99
C VAL B 197 22.32 -39.93 -15.03
N SER B 198 21.68 -41.04 -14.65
CA SER B 198 21.44 -42.12 -15.59
C SER B 198 20.15 -41.86 -16.32
N ALA B 199 20.05 -42.33 -17.56
CA ALA B 199 18.81 -42.22 -18.31
C ALA B 199 17.62 -42.86 -17.57
N LYS B 200 17.87 -43.88 -16.75
CA LYS B 200 16.78 -44.49 -15.99
C LYS B 200 16.30 -43.51 -14.94
N GLN B 201 17.25 -42.71 -14.46
CA GLN B 201 16.96 -41.63 -13.53
C GLN B 201 16.34 -40.47 -14.28
N LEU B 202 16.89 -40.17 -15.45
CA LEU B 202 16.41 -39.03 -16.23
C LEU B 202 14.95 -39.20 -16.64
N ALA B 203 14.57 -40.38 -17.12
CA ALA B 203 13.18 -40.63 -17.49
C ALA B 203 12.27 -40.51 -16.27
N GLU B 204 12.51 -41.35 -15.28
CA GLU B 204 11.69 -41.40 -14.07
C GLU B 204 11.47 -40.06 -13.36
N ILE B 205 12.54 -39.27 -13.20
CA ILE B 205 12.45 -37.99 -12.50
C ILE B 205 11.65 -36.98 -13.32
N LYS B 206 11.91 -36.96 -14.63
CA LYS B 206 11.26 -36.05 -15.55
C LYS B 206 9.80 -36.40 -15.70
N LYS B 207 9.48 -37.68 -15.58
CA LYS B 207 8.09 -38.11 -15.72
C LYS B 207 7.35 -37.93 -14.42
N ARG B 208 8.08 -37.82 -13.33
CA ARG B 208 7.47 -37.35 -12.10
C ARG B 208 7.12 -35.89 -12.31
N MET B 209 7.86 -35.23 -13.21
CA MET B 209 7.51 -33.87 -13.60
C MET B 209 6.57 -33.82 -14.80
N LYS B 210 5.93 -34.96 -15.08
CA LYS B 210 4.77 -35.03 -16.00
C LYS B 210 5.10 -34.66 -17.43
N ASN B 211 6.35 -34.84 -17.84
CA ASN B 211 6.83 -34.46 -19.16
C ASN B 211 6.32 -33.08 -19.60
N SER B 212 6.36 -32.16 -18.64
CA SER B 212 6.22 -30.73 -18.88
C SER B 212 7.49 -30.06 -18.41
N PRO B 213 8.32 -29.60 -19.35
CA PRO B 213 9.58 -28.90 -19.06
C PRO B 213 9.37 -27.67 -18.21
N ASN B 214 9.87 -27.66 -16.98
CA ASN B 214 9.71 -26.52 -16.08
C ASN B 214 10.97 -25.63 -16.06
N GLN B 215 11.30 -25.10 -17.22
CA GLN B 215 12.45 -24.22 -17.38
C GLN B 215 12.00 -22.85 -17.82
N ARG B 216 12.10 -21.88 -16.93
CA ARG B 216 11.82 -20.49 -17.27
C ARG B 216 12.84 -19.94 -18.27
N PRO B 217 12.35 -19.27 -19.34
CA PRO B 217 13.19 -18.69 -20.37
C PRO B 217 14.16 -17.68 -19.83
N VAL B 218 15.23 -17.42 -20.56
CA VAL B 218 16.19 -16.44 -20.12
C VAL B 218 15.54 -15.07 -20.15
N GLN B 219 15.81 -14.33 -19.09
CA GLN B 219 15.22 -13.04 -18.85
C GLN B 219 16.18 -11.96 -19.32
N PRO B 220 15.71 -10.73 -19.43
CA PRO B 220 16.57 -9.63 -19.84
C PRO B 220 17.67 -9.45 -18.81
N ASP B 221 18.83 -8.99 -19.25
CA ASP B 221 19.98 -8.89 -18.37
C ASP B 221 20.47 -7.46 -18.34
N TYR B 222 20.16 -6.73 -17.29
CA TYR B 222 20.65 -5.36 -17.19
C TYR B 222 22.08 -5.33 -16.67
N ASN B 223 23.01 -5.86 -17.46
CA ASN B 223 24.43 -5.87 -17.12
C ASN B 223 24.72 -6.45 -15.75
N THR B 224 24.27 -7.69 -15.51
CA THR B 224 24.47 -8.34 -14.23
C THR B 224 25.94 -8.55 -13.88
N VAL B 225 26.38 -7.97 -12.76
CA VAL B 225 27.72 -8.16 -12.26
C VAL B 225 27.88 -9.59 -11.73
N ILE B 226 28.56 -10.41 -12.52
CA ILE B 226 28.83 -11.81 -12.18
C ILE B 226 30.32 -12.07 -11.89
N ILE B 227 30.66 -12.72 -10.76
CA ILE B 227 32.05 -13.14 -10.51
C ILE B 227 32.28 -14.64 -10.76
N LYS B 228 33.46 -15.00 -11.30
CA LYS B 228 33.90 -16.40 -11.35
C LYS B 228 34.88 -16.65 -10.22
N SER B 229 34.61 -17.69 -9.44
CA SER B 229 35.45 -18.06 -8.31
C SER B 229 35.56 -19.57 -8.22
N SER B 230 36.29 -20.07 -7.22
CA SER B 230 36.36 -21.52 -6.91
C SER B 230 36.19 -21.76 -5.43
N ALA B 231 35.67 -22.92 -5.05
CA ALA B 231 35.58 -23.24 -3.64
C ALA B 231 35.58 -24.73 -3.36
N GLU B 232 35.69 -25.07 -2.09
CA GLU B 232 35.57 -26.45 -1.64
C GLU B 232 34.29 -26.57 -0.87
N THR B 233 33.50 -27.56 -1.25
CA THR B 233 32.22 -27.81 -0.62
C THR B 233 32.37 -28.72 0.59
N ARG B 234 33.57 -29.27 0.76
CA ARG B 234 33.89 -30.21 1.84
C ARG B 234 35.39 -30.41 1.94
N LYS C 9 2.91 13.58 -18.61
CA LYS C 9 1.96 14.69 -18.60
C LYS C 9 0.64 14.31 -19.31
N TRP C 10 -0.39 13.99 -18.53
CA TRP C 10 -1.68 13.55 -19.09
C TRP C 10 -2.46 14.67 -19.73
N ASP C 11 -3.22 14.33 -20.78
CA ASP C 11 -4.09 15.30 -21.41
C ASP C 11 -5.42 14.69 -21.82
N TYR C 12 -6.11 15.36 -22.75
CA TYR C 12 -7.36 14.81 -23.28
C TYR C 12 -7.29 14.52 -24.77
N LYS C 13 -6.07 14.43 -25.30
CA LYS C 13 -5.81 14.26 -26.74
C LYS C 13 -5.85 12.82 -27.26
N ASN C 14 -5.69 12.71 -28.58
CA ASN C 14 -5.80 11.47 -29.34
C ASN C 14 -4.71 10.43 -29.01
N LYS C 15 -3.54 10.92 -28.62
CA LYS C 15 -2.31 10.12 -28.52
C LYS C 15 -2.12 9.33 -27.21
N GLU C 16 -0.88 9.17 -26.78
CA GLU C 16 -0.55 8.21 -25.74
C GLU C 16 -0.66 8.77 -24.32
N ASN C 17 -0.88 10.08 -24.20
CA ASN C 17 -1.16 10.68 -22.90
C ASN C 17 -2.68 10.80 -22.62
N GLY C 18 -3.51 10.34 -23.56
CA GLY C 18 -4.95 10.52 -23.49
C GLY C 18 -5.64 9.69 -22.42
N PRO C 19 -6.97 9.90 -22.26
CA PRO C 19 -7.79 9.34 -21.17
C PRO C 19 -7.78 7.82 -21.14
N HIS C 20 -7.69 7.26 -22.34
CA HIS C 20 -7.63 5.84 -22.58
C HIS C 20 -6.35 5.21 -22.02
N ARG C 21 -5.36 6.05 -21.76
CA ARG C 21 -4.05 5.58 -21.32
C ARG C 21 -3.58 6.26 -20.05
N TRP C 22 -4.49 6.91 -19.34
CA TRP C 22 -4.14 7.61 -18.08
C TRP C 22 -3.52 6.67 -17.08
N ASP C 23 -4.12 5.48 -16.99
CA ASP C 23 -3.66 4.43 -16.09
C ASP C 23 -2.22 3.96 -16.40
N LYS C 24 -1.82 3.96 -17.69
CA LYS C 24 -0.45 3.58 -18.05
C LYS C 24 0.58 4.64 -17.65
N LEU C 25 0.17 5.90 -17.52
CA LEU C 25 1.13 7.00 -17.33
C LEU C 25 1.74 7.04 -15.93
N HIS C 26 0.99 6.60 -14.92
CA HIS C 26 1.47 6.54 -13.54
C HIS C 26 0.73 5.49 -12.74
N LYS C 27 1.38 4.88 -11.76
CA LYS C 27 0.73 3.82 -11.00
C LYS C 27 -0.38 4.37 -10.10
N ASP C 28 -0.30 5.65 -9.76
CA ASP C 28 -1.35 6.32 -8.98
C ASP C 28 -2.65 6.48 -9.77
N PHE C 29 -2.55 6.47 -11.09
CA PHE C 29 -3.72 6.55 -11.95
C PHE C 29 -4.21 5.16 -12.32
N GLU C 30 -3.86 4.14 -11.55
CA GLU C 30 -4.28 2.78 -11.94
C GLU C 30 -5.77 2.66 -11.71
N VAL C 31 -6.30 3.52 -10.86
CA VAL C 31 -7.74 3.48 -10.57
C VAL C 31 -8.55 4.08 -11.72
N CYS C 32 -7.93 4.99 -12.49
CA CYS C 32 -8.53 5.49 -13.73
C CYS C 32 -9.12 4.37 -14.57
N LYS C 33 -8.42 3.25 -14.66
CA LYS C 33 -8.95 2.14 -15.43
C LYS C 33 -9.56 1.05 -14.56
N SER C 34 -9.06 0.84 -13.35
CA SER C 34 -9.45 -0.33 -12.54
C SER C 34 -10.69 -0.14 -11.69
N GLY C 35 -10.96 1.09 -11.29
CA GLY C 35 -12.06 1.39 -10.40
C GLY C 35 -13.40 1.10 -11.03
N LYS C 36 -14.39 0.87 -10.17
CA LYS C 36 -15.70 0.40 -10.60
C LYS C 36 -16.78 1.45 -10.37
N SER C 37 -16.34 2.66 -10.05
CA SER C 37 -17.22 3.77 -9.74
CA SER C 37 -17.25 3.77 -9.80
C SER C 37 -16.60 5.02 -10.35
N GLN C 38 -16.26 4.91 -11.63
CA GLN C 38 -15.61 5.96 -12.39
C GLN C 38 -16.58 6.92 -13.03
N SER C 39 -16.14 8.18 -13.18
CA SER C 39 -16.94 9.26 -13.75
C SER C 39 -16.21 9.92 -14.91
N PRO C 40 -16.92 10.67 -15.76
CA PRO C 40 -18.37 10.88 -15.82
C PRO C 40 -19.14 9.65 -16.30
N ILE C 41 -20.43 9.63 -16.05
CA ILE C 41 -21.27 8.64 -16.67
C ILE C 41 -22.44 9.34 -17.32
N ASN C 42 -23.25 8.59 -18.00
CA ASN C 42 -24.47 9.11 -18.60
C ASN C 42 -25.63 8.62 -17.79
N ILE C 43 -26.38 9.58 -17.26
CA ILE C 43 -27.44 9.33 -16.29
C ILE C 43 -28.79 9.10 -16.97
N GLU C 44 -29.21 7.85 -17.05
CA GLU C 44 -30.46 7.51 -17.69
C GLU C 44 -31.39 6.80 -16.74
N HIS C 45 -30.82 6.03 -15.83
CA HIS C 45 -31.59 5.24 -14.89
C HIS C 45 -31.37 5.71 -13.48
N TYR C 46 -32.46 6.16 -12.85
CA TYR C 46 -32.41 6.76 -11.52
C TYR C 46 -33.70 6.52 -10.76
N TYR C 47 -33.65 6.78 -9.46
CA TYR C 47 -34.79 6.65 -8.59
C TYR C 47 -35.31 8.02 -8.17
N HIS C 48 -36.62 8.25 -8.31
CA HIS C 48 -37.26 9.44 -7.75
C HIS C 48 -37.52 9.27 -6.28
N THR C 49 -37.21 10.28 -5.50
CA THR C 49 -37.44 10.18 -4.06
C THR C 49 -38.10 11.44 -3.52
N GLN C 50 -38.71 11.33 -2.34
CA GLN C 50 -39.39 12.46 -1.70
C GLN C 50 -38.93 12.65 -0.26
N ASP C 51 -37.68 13.06 -0.09
CA ASP C 51 -37.05 13.24 1.19
C ASP C 51 -36.56 14.68 1.36
N LYS C 52 -36.12 15.00 2.56
CA LYS C 52 -35.64 16.32 2.82
C LYS C 52 -34.31 16.34 2.13
N ALA C 53 -34.15 17.24 1.16
CA ALA C 53 -32.89 17.35 0.44
C ALA C 53 -31.82 17.87 1.38
N ASP C 54 -31.34 17.02 2.28
CA ASP C 54 -30.40 17.45 3.30
C ASP C 54 -29.10 17.87 2.64
N LEU C 55 -29.15 19.03 2.00
CA LEU C 55 -28.01 19.62 1.35
C LEU C 55 -28.13 21.12 1.54
N GLN C 56 -27.69 21.62 2.70
CA GLN C 56 -27.75 23.05 2.97
C GLN C 56 -26.53 23.80 2.46
N PHE C 57 -26.81 24.88 1.75
CA PHE C 57 -25.81 25.78 1.20
C PHE C 57 -25.51 26.97 2.05
N LYS C 58 -24.29 26.98 2.60
CA LYS C 58 -23.76 28.12 3.31
C LYS C 58 -22.73 28.84 2.48
N TYR C 59 -23.18 29.61 1.50
CA TYR C 59 -22.30 30.31 0.60
C TYR C 59 -22.45 31.82 0.80
N ALA C 60 -21.50 32.57 0.25
CA ALA C 60 -21.48 34.02 0.31
C ALA C 60 -20.56 34.56 -0.77
N ALA C 61 -20.79 35.80 -1.17
CA ALA C 61 -19.87 36.48 -2.07
C ALA C 61 -18.48 36.32 -1.50
N SER C 62 -17.57 35.76 -2.28
CA SER C 62 -16.27 35.39 -1.72
C SER C 62 -15.06 35.77 -2.59
N LYS C 63 -13.99 36.18 -1.91
CA LYS C 63 -12.73 36.53 -2.52
C LYS C 63 -12.01 35.25 -2.96
N PRO C 64 -11.58 35.21 -4.23
CA PRO C 64 -10.76 34.12 -4.71
C PRO C 64 -9.33 34.26 -4.22
N LYS C 65 -8.73 33.16 -3.76
CA LYS C 65 -7.30 33.13 -3.50
C LYS C 65 -6.62 33.50 -4.79
N ALA C 66 -6.89 32.70 -5.81
CA ALA C 66 -6.34 32.92 -7.13
C ALA C 66 -7.23 32.29 -8.17
N VAL C 67 -7.20 32.91 -9.34
CA VAL C 67 -7.77 32.37 -10.55
C VAL C 67 -6.61 31.99 -11.46
N PHE C 68 -6.42 30.69 -11.71
CA PHE C 68 -5.35 30.27 -12.61
C PHE C 68 -5.73 29.07 -13.47
N PHE C 69 -4.96 28.84 -14.53
CA PHE C 69 -5.10 27.68 -15.40
C PHE C 69 -4.21 26.56 -14.91
N THR C 70 -4.80 25.45 -14.48
CA THR C 70 -3.97 24.36 -14.03
C THR C 70 -4.56 23.04 -14.52
N HIS C 71 -3.70 22.18 -15.06
CA HIS C 71 -4.11 20.86 -15.54
C HIS C 71 -5.33 20.92 -16.45
N HIS C 72 -5.18 21.65 -17.54
CA HIS C 72 -6.12 21.71 -18.65
C HIS C 72 -7.47 22.43 -18.34
N THR C 73 -7.70 22.83 -17.09
CA THR C 73 -8.97 23.46 -16.68
C THR C 73 -8.77 24.89 -16.16
N LEU C 74 -9.82 25.71 -16.14
CA LEU C 74 -9.72 27.03 -15.54
C LEU C 74 -10.29 27.02 -14.15
N LYS C 75 -9.47 27.39 -13.18
CA LYS C 75 -9.74 27.12 -11.78
C LYS C 75 -9.75 28.39 -10.93
N ALA C 76 -10.71 28.45 -10.02
CA ALA C 76 -10.80 29.53 -9.07
C ALA C 76 -10.90 28.95 -7.69
N SER C 77 -9.90 29.25 -6.85
CA SER C 77 -9.85 28.71 -5.48
C SER C 77 -10.32 29.75 -4.49
N PHE C 78 -10.73 29.32 -3.30
CA PHE C 78 -11.28 30.22 -2.28
C PHE C 78 -10.78 29.87 -0.89
N GLU C 79 -10.63 30.89 -0.05
CA GLU C 79 -10.37 30.63 1.37
C GLU C 79 -11.59 29.92 1.91
N PRO C 80 -11.40 29.07 2.91
CA PRO C 80 -12.50 28.20 3.35
C PRO C 80 -13.64 28.90 4.08
N THR C 81 -14.27 29.90 3.45
CA THR C 81 -15.38 30.64 4.04
C THR C 81 -16.75 30.25 3.47
N ASN C 82 -16.75 29.32 2.52
CA ASN C 82 -17.99 28.84 1.91
C ASN C 82 -18.17 27.37 2.21
N HIS C 83 -19.43 26.96 2.39
CA HIS C 83 -19.72 25.67 3.01
C HIS C 83 -21.00 25.00 2.47
N ILE C 84 -21.09 23.69 2.69
CA ILE C 84 -22.21 22.84 2.29
C ILE C 84 -22.36 21.73 3.31
N ASN C 85 -23.59 21.45 3.73
CA ASN C 85 -23.76 20.38 4.71
C ASN C 85 -24.47 19.14 4.13
N TYR C 86 -23.97 17.96 4.50
CA TYR C 86 -24.46 16.69 3.97
C TYR C 86 -24.19 15.58 4.97
N ARG C 87 -25.24 14.94 5.44
CA ARG C 87 -25.14 13.89 6.44
C ARG C 87 -24.27 14.26 7.65
N GLY C 88 -24.62 15.33 8.35
CA GLY C 88 -23.98 15.65 9.62
C GLY C 88 -22.53 16.06 9.51
N HIS C 89 -22.04 16.18 8.27
CA HIS C 89 -20.69 16.70 8.00
C HIS C 89 -20.77 17.91 7.10
N ASP C 90 -19.83 18.81 7.30
CA ASP C 90 -19.79 20.06 6.55
C ASP C 90 -18.68 19.97 5.50
N TYR C 91 -18.98 20.36 4.27
CA TYR C 91 -18.01 20.28 3.21
C TYR C 91 -17.66 21.68 2.78
N VAL C 92 -16.37 21.96 2.68
CA VAL C 92 -15.91 23.31 2.37
C VAL C 92 -15.58 23.44 0.90
N LEU C 93 -16.16 24.45 0.27
CA LEU C 93 -15.84 24.75 -1.11
C LEU C 93 -14.36 25.03 -1.26
N ASP C 94 -13.64 24.21 -2.01
CA ASP C 94 -12.22 24.47 -2.29
C ASP C 94 -12.08 25.30 -3.54
N ASN C 95 -12.71 24.84 -4.61
CA ASN C 95 -12.56 25.50 -5.89
C ASN C 95 -13.74 25.28 -6.81
N VAL C 96 -13.78 26.08 -7.87
CA VAL C 96 -14.70 25.85 -8.98
C VAL C 96 -13.97 25.96 -10.31
N HIS C 97 -13.81 24.82 -10.96
CA HIS C 97 -13.11 24.78 -12.22
C HIS C 97 -14.10 24.49 -13.34
N PHE C 98 -13.63 24.57 -14.57
CA PHE C 98 -14.49 24.44 -15.72
C PHE C 98 -14.16 23.24 -16.56
N HIS C 99 -15.15 22.74 -17.28
CA HIS C 99 -14.94 21.70 -18.27
C HIS C 99 -15.72 22.09 -19.53
N ALA C 100 -15.08 21.96 -20.68
CA ALA C 100 -15.74 22.11 -21.95
C ALA C 100 -15.34 20.95 -22.87
N PRO C 101 -16.30 20.13 -23.30
CA PRO C 101 -17.72 20.16 -22.99
C PRO C 101 -18.05 19.66 -21.60
N MET C 102 -19.34 19.60 -21.29
CA MET C 102 -19.80 19.13 -19.99
C MET C 102 -19.51 17.62 -19.95
N GLU C 103 -18.87 17.17 -18.89
CA GLU C 103 -18.43 15.78 -18.81
C GLU C 103 -19.55 14.82 -18.51
N PHE C 104 -20.43 15.21 -17.61
CA PHE C 104 -21.63 14.43 -17.35
C PHE C 104 -22.69 14.67 -18.42
N LEU C 105 -23.47 13.64 -18.69
CA LEU C 105 -24.64 13.78 -19.54
C LEU C 105 -25.88 13.30 -18.77
N ILE C 106 -27.02 13.94 -19.04
CA ILE C 106 -28.31 13.55 -18.48
C ILE C 106 -29.19 13.08 -19.62
N ASN C 107 -29.56 11.80 -19.61
CA ASN C 107 -30.22 11.15 -20.76
C ASN C 107 -29.56 11.49 -22.11
N ASN C 108 -28.25 11.31 -22.20
CA ASN C 108 -27.45 11.56 -23.40
C ASN C 108 -27.40 13.03 -23.87
N LYS C 109 -27.81 13.97 -23.01
CA LYS C 109 -27.80 15.39 -23.37
C LYS C 109 -26.54 16.15 -22.93
N THR C 110 -25.93 16.83 -23.89
CA THR C 110 -24.68 17.56 -23.68
C THR C 110 -24.88 19.05 -23.47
N ARG C 111 -23.92 19.68 -22.80
CA ARG C 111 -23.89 21.12 -22.68
C ARG C 111 -22.46 21.53 -23.02
N PRO C 112 -22.29 22.70 -23.64
CA PRO C 112 -20.98 23.27 -24.01
C PRO C 112 -19.99 23.44 -22.86
N LEU C 113 -20.46 23.37 -21.63
CA LEU C 113 -19.65 23.82 -20.51
C LEU C 113 -20.25 23.44 -19.18
N SER C 114 -19.44 22.91 -18.27
CA SER C 114 -19.90 22.70 -16.91
C SER C 114 -18.93 23.28 -15.88
N ALA C 115 -19.41 23.40 -14.65
CA ALA C 115 -18.59 23.88 -13.55
C ALA C 115 -18.67 22.88 -12.43
N HIS C 116 -17.53 22.61 -11.81
CA HIS C 116 -17.51 21.68 -10.70
C HIS C 116 -17.26 22.47 -9.43
N PHE C 117 -18.13 22.30 -8.45
CA PHE C 117 -17.93 22.90 -7.15
C PHE C 117 -17.38 21.85 -6.28
N VAL C 118 -16.10 21.94 -5.99
CA VAL C 118 -15.39 20.89 -5.27
C VAL C 118 -15.30 21.14 -3.78
N HIS C 119 -15.82 20.20 -2.99
CA HIS C 119 -15.86 20.36 -1.55
C HIS C 119 -15.19 19.19 -0.84
N LYS C 120 -14.58 19.46 0.31
CA LYS C 120 -13.97 18.40 1.13
C LYS C 120 -14.34 18.56 2.60
N ASP C 121 -14.49 17.46 3.34
CA ASP C 121 -14.67 17.54 4.79
C ASP C 121 -13.32 17.31 5.45
N ALA C 122 -13.27 17.43 6.77
CA ALA C 122 -12.01 17.32 7.49
C ALA C 122 -11.29 15.97 7.29
N LYS C 123 -12.05 14.89 7.14
CA LYS C 123 -11.45 13.56 6.99
C LYS C 123 -11.21 13.21 5.51
N GLY C 124 -11.06 14.25 4.69
CA GLY C 124 -10.77 14.09 3.28
C GLY C 124 -11.84 13.37 2.47
N ARG C 125 -13.09 13.81 2.60
CA ARG C 125 -14.20 13.28 1.81
C ARG C 125 -14.70 14.37 0.90
N LEU C 126 -14.91 14.00 -0.36
CA LEU C 126 -15.18 14.97 -1.41
C LEU C 126 -16.63 14.99 -1.87
N LEU C 127 -17.13 16.18 -2.06
CA LEU C 127 -18.49 16.35 -2.51
C LEU C 127 -18.36 17.38 -3.59
N VAL C 128 -18.72 16.97 -4.80
CA VAL C 128 -18.55 17.84 -5.93
C VAL C 128 -19.93 18.06 -6.52
N LEU C 129 -20.14 19.28 -6.99
CA LEU C 129 -21.32 19.68 -7.71
C LEU C 129 -20.98 19.88 -9.17
N ALA C 130 -21.66 19.20 -10.09
CA ALA C 130 -21.54 19.62 -11.48
C ALA C 130 -22.78 20.34 -11.89
N ILE C 131 -22.62 21.40 -12.67
CA ILE C 131 -23.76 22.11 -13.22
C ILE C 131 -23.43 22.56 -14.63
N GLY C 132 -24.41 22.50 -15.51
CA GLY C 132 -24.15 22.74 -16.91
C GLY C 132 -24.37 24.16 -17.35
N PHE C 133 -23.82 24.51 -18.51
CA PHE C 133 -24.01 25.85 -19.07
C PHE C 133 -24.60 25.75 -20.46
N GLU C 134 -25.63 26.52 -20.72
CA GLU C 134 -26.24 26.55 -22.04
C GLU C 134 -25.91 27.92 -22.60
N GLU C 135 -25.70 28.03 -23.90
CA GLU C 135 -25.41 29.34 -24.46
C GLU C 135 -26.66 30.17 -24.33
N GLY C 136 -26.49 31.38 -23.84
CA GLY C 136 -27.63 32.24 -23.61
C GLY C 136 -27.22 33.65 -23.22
N LYS C 137 -27.76 34.11 -22.10
CA LYS C 137 -27.57 35.48 -21.66
C LYS C 137 -26.23 35.57 -20.94
N GLU C 138 -25.45 36.62 -21.23
CA GLU C 138 -24.16 36.85 -20.57
C GLU C 138 -24.32 36.65 -19.08
N ASN C 139 -23.39 35.93 -18.45
CA ASN C 139 -23.57 35.56 -17.04
C ASN C 139 -22.72 36.44 -16.12
N PRO C 140 -23.34 37.42 -15.44
CA PRO C 140 -22.67 38.34 -14.53
C PRO C 140 -21.67 37.67 -13.57
N ASN C 141 -21.91 36.42 -13.20
CA ASN C 141 -21.04 35.73 -12.25
C ASN C 141 -19.76 35.25 -12.86
N LEU C 142 -19.75 35.19 -14.18
CA LEU C 142 -18.59 34.67 -14.85
C LEU C 142 -17.55 35.74 -14.92
N ASP C 143 -18.02 36.97 -15.07
CA ASP C 143 -17.12 38.06 -15.41
C ASP C 143 -16.00 38.24 -14.36
N PRO C 144 -16.29 38.28 -13.04
CA PRO C 144 -15.19 38.36 -12.08
C PRO C 144 -14.07 37.33 -12.26
N ILE C 145 -14.44 36.17 -12.81
CA ILE C 145 -13.54 35.04 -12.97
C ILE C 145 -12.77 35.20 -14.26
N LEU C 146 -13.42 35.79 -15.24
CA LEU C 146 -12.78 36.08 -16.53
C LEU C 146 -11.82 37.28 -16.45
N GLU C 147 -12.22 38.32 -15.71
CA GLU C 147 -11.38 39.50 -15.50
C GLU C 147 -10.39 39.27 -14.36
N GLY C 148 -10.56 38.16 -13.65
CA GLY C 148 -9.66 37.80 -12.58
C GLY C 148 -8.60 36.81 -13.02
N ILE C 149 -8.69 36.35 -14.27
CA ILE C 149 -7.65 35.49 -14.83
C ILE C 149 -6.60 36.32 -15.58
N GLN C 150 -7.01 37.52 -15.99
CA GLN C 150 -6.12 38.48 -16.66
C GLN C 150 -5.44 39.41 -15.65
N LYS C 151 -5.87 39.39 -14.39
CA LYS C 151 -5.16 40.06 -13.28
C LYS C 151 -4.77 38.99 -12.29
N LYS C 152 -3.53 38.52 -12.34
CA LYS C 152 -3.15 37.33 -11.55
C LYS C 152 -2.85 37.56 -10.06
N GLN C 153 -3.16 38.72 -9.47
CA GLN C 153 -3.08 38.76 -8.00
C GLN C 153 -4.05 39.71 -7.27
N ASN C 154 -4.86 40.44 -7.99
CA ASN C 154 -6.03 41.01 -7.35
C ASN C 154 -7.27 40.60 -8.16
N PHE C 155 -8.29 40.13 -7.45
CA PHE C 155 -9.46 39.55 -8.13
C PHE C 155 -10.78 40.04 -7.55
N LYS C 156 -11.67 40.52 -8.43
CA LYS C 156 -13.02 40.83 -8.00
C LYS C 156 -13.69 39.56 -7.53
N GLU C 157 -14.43 39.65 -6.43
CA GLU C 157 -15.01 38.48 -5.78
C GLU C 157 -16.15 37.90 -6.61
N VAL C 158 -16.51 36.67 -6.28
CA VAL C 158 -17.55 36.01 -7.03
C VAL C 158 -18.79 35.88 -6.15
N ALA C 159 -19.92 36.26 -6.70
CA ALA C 159 -21.17 36.12 -5.99
C ALA C 159 -21.53 34.66 -5.93
N LEU C 160 -20.99 33.92 -4.97
CA LEU C 160 -21.22 32.49 -4.90
C LEU C 160 -22.64 32.13 -4.50
N ASP C 161 -23.26 33.05 -3.78
CA ASP C 161 -24.58 32.83 -3.25
C ASP C 161 -25.59 33.03 -4.35
N ALA C 162 -25.22 33.80 -5.37
CA ALA C 162 -26.08 34.05 -6.52
C ALA C 162 -25.71 33.21 -7.73
N PHE C 163 -24.80 32.26 -7.56
CA PHE C 163 -24.30 31.50 -8.71
C PHE C 163 -25.33 30.48 -9.14
N LEU C 164 -25.52 29.49 -8.27
CA LEU C 164 -26.46 28.41 -8.50
C LEU C 164 -27.92 28.87 -8.49
N PRO C 165 -28.76 28.20 -9.30
CA PRO C 165 -30.17 28.50 -9.40
C PRO C 165 -30.80 28.38 -8.04
N LYS C 166 -31.79 29.23 -7.74
CA LYS C 166 -32.51 29.24 -6.47
C LYS C 166 -32.90 27.83 -6.05
N SER C 167 -33.78 27.24 -6.86
CA SER C 167 -34.17 25.84 -6.67
C SER C 167 -33.52 25.01 -7.76
N ILE C 168 -32.95 23.88 -7.36
CA ILE C 168 -32.20 23.01 -8.25
C ILE C 168 -32.65 21.57 -8.16
N ASN C 169 -32.64 20.86 -9.30
CA ASN C 169 -32.84 19.42 -9.26
C ASN C 169 -31.55 18.70 -9.53
N TYR C 170 -31.24 17.71 -8.70
CA TYR C 170 -29.98 17.00 -8.88
C TYR C 170 -30.10 15.49 -8.94
N TYR C 171 -29.20 14.86 -9.71
CA TYR C 171 -28.93 13.44 -9.60
C TYR C 171 -27.73 13.26 -8.70
N HIS C 172 -27.82 12.28 -7.80
CA HIS C 172 -26.82 12.05 -6.78
C HIS C 172 -26.51 10.56 -6.70
N PHE C 173 -25.22 10.27 -6.58
CA PHE C 173 -24.70 8.93 -6.76
C PHE C 173 -23.21 8.97 -6.45
N ASN C 174 -22.59 7.79 -6.30
CA ASN C 174 -21.17 7.73 -5.93
C ASN C 174 -20.26 7.60 -7.15
N GLY C 175 -19.29 8.50 -7.25
CA GLY C 175 -18.42 8.58 -8.41
C GLY C 175 -16.91 8.63 -8.14
N SER C 176 -16.21 9.29 -9.06
CA SER C 176 -14.77 9.49 -8.97
C SER C 176 -14.45 10.88 -9.44
N LEU C 177 -13.21 11.30 -9.31
CA LEU C 177 -12.75 12.48 -10.00
C LEU C 177 -12.72 12.16 -11.47
N THR C 178 -13.04 13.13 -12.28
CA THR C 178 -13.11 12.90 -13.69
C THR C 178 -11.76 13.13 -14.35
N ALA C 179 -10.68 13.02 -13.57
CA ALA C 179 -9.32 13.26 -14.07
C ALA C 179 -8.31 12.66 -13.10
N PRO C 180 -7.08 12.34 -13.58
CA PRO C 180 -6.14 11.67 -12.68
C PRO C 180 -5.97 12.49 -11.42
N PRO C 181 -5.89 11.84 -10.26
CA PRO C 181 -5.73 10.38 -10.20
C PRO C 181 -7.01 9.56 -10.22
N CYS C 182 -8.14 10.11 -10.65
CA CYS C 182 -9.40 9.39 -10.79
C CYS C 182 -9.88 8.77 -9.48
N THR C 183 -9.62 9.46 -8.38
CA THR C 183 -9.94 8.93 -7.05
C THR C 183 -11.44 8.75 -6.80
N GLU C 184 -11.83 7.55 -6.35
CA GLU C 184 -13.24 7.23 -6.11
C GLU C 184 -13.71 7.55 -4.72
N GLY C 185 -14.99 7.27 -4.46
CA GLY C 185 -15.64 7.69 -3.23
C GLY C 185 -16.09 9.15 -3.26
N VAL C 186 -16.29 9.69 -4.47
CA VAL C 186 -16.71 11.08 -4.61
C VAL C 186 -18.23 11.20 -4.61
N ALA C 187 -18.74 12.10 -3.79
CA ALA C 187 -20.16 12.33 -3.67
C ALA C 187 -20.60 13.29 -4.74
N TRP C 188 -21.22 12.77 -5.80
CA TRP C 188 -21.58 13.67 -6.89
C TRP C 188 -23.00 14.21 -6.73
N PHE C 189 -23.22 15.39 -7.30
CA PHE C 189 -24.53 16.01 -7.34
C PHE C 189 -24.64 16.76 -8.65
N VAL C 190 -25.31 16.17 -9.63
CA VAL C 190 -25.35 16.78 -10.96
C VAL C 190 -26.65 17.53 -11.20
N ILE C 191 -26.55 18.81 -11.52
CA ILE C 191 -27.73 19.65 -11.60
C ILE C 191 -28.30 19.61 -13.01
N GLU C 192 -29.63 19.52 -13.07
CA GLU C 192 -30.35 19.43 -14.34
C GLU C 192 -30.49 20.80 -14.99
N GLU C 193 -30.90 21.77 -14.18
CA GLU C 193 -31.06 23.13 -14.66
C GLU C 193 -29.75 23.65 -15.15
N PRO C 194 -29.73 24.12 -16.39
CA PRO C 194 -28.53 24.74 -16.94
C PRO C 194 -28.44 26.19 -16.51
N LEU C 195 -27.21 26.66 -16.33
CA LEU C 195 -26.97 28.08 -16.21
C LEU C 195 -26.85 28.59 -17.64
N GLU C 196 -26.76 29.88 -17.81
CA GLU C 196 -26.57 30.44 -19.14
C GLU C 196 -25.17 30.99 -19.21
N VAL C 197 -24.68 31.15 -20.43
CA VAL C 197 -23.36 31.73 -20.67
C VAL C 197 -23.37 32.31 -22.06
N SER C 198 -22.77 33.47 -22.23
CA SER C 198 -22.74 34.12 -23.52
C SER C 198 -21.91 33.35 -24.53
N ALA C 199 -22.15 33.61 -25.80
CA ALA C 199 -21.27 33.12 -26.85
C ALA C 199 -19.87 33.62 -26.57
N LYS C 200 -19.78 34.94 -26.48
CA LYS C 200 -18.55 35.64 -26.23
C LYS C 200 -17.90 35.14 -24.95
N GLN C 201 -18.67 35.02 -23.89
CA GLN C 201 -18.14 34.46 -22.64
C GLN C 201 -17.67 33.01 -22.84
N LEU C 202 -18.38 32.24 -23.66
CA LEU C 202 -18.05 30.82 -23.82
C LEU C 202 -16.75 30.64 -24.56
N ALA C 203 -16.57 31.42 -25.61
CA ALA C 203 -15.38 31.36 -26.45
C ALA C 203 -14.19 31.95 -25.70
N GLU C 204 -14.50 32.62 -24.59
CA GLU C 204 -13.52 33.34 -23.80
C GLU C 204 -13.07 32.42 -22.69
N ILE C 205 -13.98 31.57 -22.28
CA ILE C 205 -13.67 30.57 -21.28
C ILE C 205 -12.87 29.45 -21.90
N LYS C 206 -13.10 29.22 -23.19
CA LYS C 206 -12.47 28.11 -23.87
C LYS C 206 -11.08 28.53 -24.26
N LYS C 207 -10.96 29.79 -24.63
CA LYS C 207 -9.66 30.34 -24.99
C LYS C 207 -8.76 30.23 -23.78
N ARG C 208 -9.25 30.68 -22.64
CA ARG C 208 -8.47 30.62 -21.42
C ARG C 208 -8.13 29.18 -21.02
N MET C 209 -8.90 28.21 -21.49
CA MET C 209 -8.51 26.79 -21.33
C MET C 209 -7.89 26.25 -22.61
N LYS C 210 -7.13 27.10 -23.31
CA LYS C 210 -6.29 26.72 -24.45
C LYS C 210 -7.03 26.22 -25.70
N ASN C 211 -8.35 26.39 -25.73
CA ASN C 211 -9.18 25.84 -26.80
C ASN C 211 -8.89 24.37 -27.11
N SER C 212 -8.64 23.61 -26.05
CA SER C 212 -8.50 22.16 -26.13
C SER C 212 -9.50 21.53 -25.19
N PRO C 213 -10.46 20.77 -25.73
CA PRO C 213 -11.47 20.07 -24.93
C PRO C 213 -10.86 19.41 -23.71
N ASN C 214 -11.46 19.64 -22.56
CA ASN C 214 -11.01 18.99 -21.35
C ASN C 214 -12.14 18.18 -20.77
N GLN C 215 -12.75 17.35 -21.62
CA GLN C 215 -13.84 16.54 -21.12
C GLN C 215 -13.55 15.06 -21.27
N ARG C 216 -13.64 14.35 -20.15
CA ARG C 216 -13.39 12.93 -20.11
C ARG C 216 -14.56 12.15 -20.69
N PRO C 217 -14.25 11.16 -21.53
CA PRO C 217 -15.24 10.21 -22.03
C PRO C 217 -16.08 9.54 -20.94
N VAL C 218 -17.28 9.13 -21.33
CA VAL C 218 -18.19 8.39 -20.46
C VAL C 218 -17.56 7.04 -20.14
N GLN C 219 -17.58 6.70 -18.85
CA GLN C 219 -16.95 5.50 -18.30
C GLN C 219 -17.94 4.36 -18.13
N PRO C 220 -17.41 3.12 -18.00
CA PRO C 220 -18.27 1.97 -17.73
C PRO C 220 -19.12 2.23 -16.51
N ASP C 221 -20.41 1.95 -16.59
CA ASP C 221 -21.30 2.11 -15.45
C ASP C 221 -21.67 0.74 -14.88
N TYR C 222 -21.25 0.47 -13.65
CA TYR C 222 -21.60 -0.77 -13.00
C TYR C 222 -22.92 -0.65 -12.27
N ASN C 223 -23.96 -0.26 -13.00
CA ASN C 223 -25.30 -0.06 -12.44
C ASN C 223 -25.30 0.85 -11.22
N THR C 224 -24.69 2.01 -11.35
CA THR C 224 -24.63 2.98 -10.29
C THR C 224 -26.03 3.27 -9.75
N VAL C 225 -26.13 3.40 -8.44
CA VAL C 225 -27.36 3.84 -7.79
C VAL C 225 -27.39 5.36 -7.70
N ILE C 226 -28.38 5.90 -8.40
CA ILE C 226 -28.63 7.31 -8.57
C ILE C 226 -29.99 7.70 -7.95
N ILE C 227 -30.00 8.75 -7.15
CA ILE C 227 -31.26 9.28 -6.71
C ILE C 227 -31.42 10.67 -7.30
N LYS C 228 -32.65 11.01 -7.70
CA LYS C 228 -32.98 12.37 -8.12
C LYS C 228 -33.71 13.04 -6.97
N SER C 229 -33.44 14.32 -6.74
CA SER C 229 -34.09 15.07 -5.67
C SER C 229 -33.95 16.55 -5.90
N SER C 230 -34.37 17.35 -4.92
CA SER C 230 -34.31 18.80 -5.10
C SER C 230 -33.71 19.50 -3.91
N ALA C 231 -33.37 20.76 -4.11
CA ALA C 231 -32.80 21.54 -3.04
C ALA C 231 -32.94 23.02 -3.30
N GLU C 232 -32.93 23.77 -2.20
CA GLU C 232 -33.00 25.21 -2.20
C GLU C 232 -31.59 25.78 -2.05
N THR C 233 -31.16 26.57 -3.02
CA THR C 233 -29.87 27.23 -2.85
C THR C 233 -30.10 28.57 -2.15
N ARG C 234 -31.31 29.10 -2.28
CA ARG C 234 -31.74 30.24 -1.48
C ARG C 234 -33.27 30.45 -1.51
N TRP D 10 -6.46 -16.66 3.65
CA TRP D 10 -7.09 -15.61 4.45
C TRP D 10 -8.07 -16.21 5.45
N ASP D 11 -8.19 -15.56 6.60
CA ASP D 11 -9.13 -15.96 7.64
C ASP D 11 -9.89 -14.77 8.16
N TYR D 12 -10.81 -15.05 9.08
CA TYR D 12 -11.53 -13.99 9.79
C TYR D 12 -11.01 -13.79 11.23
N LYS D 13 -10.29 -14.77 11.76
CA LYS D 13 -9.90 -14.74 13.16
C LYS D 13 -9.11 -13.50 13.57
N ASN D 14 -9.35 -13.04 14.79
CA ASN D 14 -8.68 -11.85 15.31
C ASN D 14 -7.21 -12.11 15.66
N GLU D 16 -3.53 -12.81 12.94
CA GLU D 16 -2.58 -12.29 11.98
C GLU D 16 -3.05 -12.45 10.55
N ASN D 17 -4.00 -13.36 10.33
CA ASN D 17 -4.50 -13.61 9.00
C ASN D 17 -5.96 -13.24 8.81
N GLY D 18 -6.49 -12.52 9.80
CA GLY D 18 -7.87 -12.09 9.76
C GLY D 18 -8.09 -10.95 8.79
N PRO D 19 -9.30 -10.39 8.80
CA PRO D 19 -9.78 -9.36 7.86
C PRO D 19 -8.90 -8.13 7.81
N HIS D 20 -8.33 -7.72 8.94
CA HIS D 20 -7.68 -6.42 9.05
C HIS D 20 -6.43 -6.29 8.19
N ARG D 21 -5.76 -7.40 7.92
CA ARG D 21 -4.54 -7.29 7.14
C ARG D 21 -4.72 -7.99 5.81
N TRP D 22 -5.98 -8.28 5.48
CA TRP D 22 -6.36 -8.97 4.26
C TRP D 22 -5.65 -8.43 3.04
N ASP D 23 -5.62 -7.10 2.94
CA ASP D 23 -5.03 -6.45 1.78
C ASP D 23 -3.54 -6.73 1.68
N LYS D 24 -2.92 -7.04 2.81
CA LYS D 24 -1.47 -7.21 2.86
C LYS D 24 -1.06 -8.65 2.56
N LEU D 25 -1.98 -9.61 2.72
CA LEU D 25 -1.71 -11.04 2.47
C LEU D 25 -1.40 -11.37 1.01
N HIS D 26 -2.05 -10.66 0.10
CA HIS D 26 -1.77 -10.75 -1.34
C HIS D 26 -2.08 -9.41 -1.95
N LYS D 27 -1.24 -8.97 -2.87
CA LYS D 27 -1.40 -7.67 -3.51
C LYS D 27 -2.71 -7.58 -4.32
N ASP D 28 -3.30 -8.71 -4.67
CA ASP D 28 -4.61 -8.72 -5.31
C ASP D 28 -5.70 -8.17 -4.37
N PHE D 29 -5.43 -8.25 -3.08
CA PHE D 29 -6.42 -7.91 -2.08
C PHE D 29 -6.32 -6.47 -1.63
N GLU D 30 -5.57 -5.65 -2.35
CA GLU D 30 -5.36 -4.29 -1.93
C GLU D 30 -6.67 -3.50 -1.94
N VAL D 31 -7.66 -3.97 -2.70
CA VAL D 31 -8.90 -3.23 -2.80
C VAL D 31 -9.68 -3.37 -1.52
N CYS D 32 -9.25 -4.29 -0.65
CA CYS D 32 -9.96 -4.48 0.61
C CYS D 32 -9.71 -3.30 1.55
N LYS D 33 -8.70 -2.49 1.24
CA LYS D 33 -8.41 -1.30 2.03
C LYS D 33 -8.44 -0.02 1.20
N SER D 34 -8.03 -0.12 -0.06
CA SER D 34 -7.89 1.09 -0.87
C SER D 34 -9.23 1.56 -1.45
N GLY D 35 -10.18 0.63 -1.52
CA GLY D 35 -11.42 0.85 -2.26
C GLY D 35 -12.47 1.65 -1.51
N LYS D 36 -13.13 2.55 -2.23
CA LYS D 36 -14.08 3.46 -1.64
C LYS D 36 -15.52 3.00 -1.78
N SER D 37 -15.73 1.70 -1.92
CA SER D 37 -17.09 1.18 -1.98
C SER D 37 -17.17 -0.16 -1.30
N GLN D 38 -16.53 -0.28 -0.14
CA GLN D 38 -16.32 -1.59 0.45
C GLN D 38 -17.49 -2.03 1.29
N SER D 39 -17.63 -3.34 1.37
CA SER D 39 -18.73 -4.00 2.05
C SER D 39 -18.17 -5.16 2.90
N PRO D 40 -18.90 -5.54 3.97
CA PRO D 40 -20.20 -5.01 4.40
C PRO D 40 -20.13 -3.62 5.07
N ILE D 41 -21.27 -2.94 5.09
CA ILE D 41 -21.45 -1.71 5.85
C ILE D 41 -22.76 -1.82 6.63
N ASN D 42 -23.01 -0.83 7.49
CA ASN D 42 -24.27 -0.75 8.22
C ASN D 42 -25.20 0.26 7.56
N ILE D 43 -26.39 -0.20 7.19
CA ILE D 43 -27.36 0.63 6.49
C ILE D 43 -28.13 1.53 7.44
N GLU D 44 -27.77 2.81 7.48
CA GLU D 44 -28.53 3.74 8.30
C GLU D 44 -29.21 4.80 7.47
N HIS D 45 -28.51 5.33 6.48
CA HIS D 45 -29.06 6.44 5.72
C HIS D 45 -29.40 6.08 4.30
N TYR D 46 -30.69 6.09 4.01
CA TYR D 46 -31.20 5.65 2.73
C TYR D 46 -32.31 6.59 2.24
N TYR D 47 -32.82 6.31 1.05
CA TYR D 47 -33.87 7.11 0.44
C TYR D 47 -35.12 6.25 0.25
N HIS D 48 -36.30 6.85 0.42
CA HIS D 48 -37.54 6.13 0.12
C HIS D 48 -37.88 6.34 -1.33
N THR D 49 -38.34 5.29 -2.01
CA THR D 49 -38.67 5.44 -3.42
C THR D 49 -39.83 4.57 -3.88
N GLN D 50 -40.15 4.72 -5.17
CA GLN D 50 -41.23 4.02 -5.84
C GLN D 50 -40.82 3.40 -7.19
N ASP D 51 -41.22 2.14 -7.37
CA ASP D 51 -41.08 1.34 -8.61
C ASP D 51 -39.71 0.69 -8.79
N ASP D 54 -36.33 -2.03 -10.83
CA ASP D 54 -37.26 -3.12 -10.62
C ASP D 54 -36.66 -4.48 -10.95
N LEU D 55 -37.01 -5.45 -10.11
CA LEU D 55 -36.37 -6.75 -10.04
C LEU D 55 -37.37 -7.87 -10.32
N GLN D 56 -37.11 -8.73 -11.29
CA GLN D 56 -38.03 -9.84 -11.51
C GLN D 56 -37.31 -11.17 -11.53
N PHE D 57 -37.90 -12.16 -10.86
CA PHE D 57 -37.17 -13.38 -10.54
C PHE D 57 -37.54 -14.53 -11.49
N LYS D 58 -36.52 -15.30 -11.90
CA LYS D 58 -36.71 -16.53 -12.66
C LYS D 58 -36.07 -17.65 -11.85
N TYR D 59 -36.75 -18.03 -10.79
CA TYR D 59 -36.28 -19.10 -9.94
C TYR D 59 -37.15 -20.34 -10.15
N ALA D 60 -36.55 -21.51 -9.97
CA ALA D 60 -37.23 -22.79 -10.14
C ALA D 60 -36.61 -23.83 -9.21
N ALA D 61 -37.29 -24.96 -9.07
CA ALA D 61 -36.73 -26.08 -8.31
C ALA D 61 -35.42 -26.49 -8.96
N SER D 62 -34.33 -26.50 -8.19
CA SER D 62 -33.03 -26.65 -8.82
C SER D 62 -32.07 -27.53 -8.05
N LYS D 63 -31.64 -28.60 -8.71
CA LYS D 63 -30.62 -29.48 -8.19
C LYS D 63 -29.27 -28.79 -8.14
N PRO D 64 -28.69 -28.68 -6.94
CA PRO D 64 -27.37 -28.08 -6.82
C PRO D 64 -26.35 -28.82 -7.68
N LYS D 65 -25.36 -28.11 -8.20
CA LYS D 65 -24.31 -28.75 -8.99
C LYS D 65 -23.25 -29.34 -8.06
N ALA D 66 -23.04 -28.69 -6.91
CA ALA D 66 -22.18 -29.20 -5.85
C ALA D 66 -22.43 -28.42 -4.55
N VAL D 67 -22.47 -29.15 -3.44
CA VAL D 67 -22.55 -28.53 -2.12
C VAL D 67 -21.23 -28.79 -1.40
N PHE D 68 -20.55 -27.73 -0.98
CA PHE D 68 -19.25 -27.91 -0.35
C PHE D 68 -18.90 -26.79 0.61
N PHE D 69 -17.81 -26.98 1.34
CA PHE D 69 -17.28 -25.94 2.19
C PHE D 69 -15.97 -25.53 1.60
N THR D 70 -15.89 -24.30 1.13
CA THR D 70 -14.68 -23.82 0.50
C THR D 70 -14.53 -22.37 0.87
N HIS D 71 -13.34 -22.02 1.36
CA HIS D 71 -13.03 -20.65 1.72
C HIS D 71 -14.03 -20.14 2.73
N HIS D 72 -14.24 -20.95 3.78
CA HIS D 72 -14.91 -20.54 5.01
C HIS D 72 -16.42 -20.41 4.93
N THR D 73 -17.02 -20.93 3.86
CA THR D 73 -18.47 -20.91 3.79
C THR D 73 -19.03 -22.18 3.19
N LEU D 74 -20.30 -22.45 3.50
CA LEU D 74 -21.00 -23.49 2.81
C LEU D 74 -21.56 -22.88 1.53
N LYS D 75 -21.37 -23.56 0.41
CA LYS D 75 -21.76 -23.02 -0.88
C LYS D 75 -22.62 -24.04 -1.58
N ALA D 76 -23.74 -23.61 -2.16
CA ALA D 76 -24.48 -24.49 -3.04
C ALA D 76 -24.43 -23.92 -4.45
N SER D 77 -23.73 -24.60 -5.37
CA SER D 77 -23.65 -24.12 -6.75
C SER D 77 -24.78 -24.74 -7.57
N PHE D 78 -25.23 -24.02 -8.61
CA PHE D 78 -26.28 -24.51 -9.49
C PHE D 78 -25.93 -24.38 -10.97
N GLU D 79 -26.58 -25.18 -11.82
CA GLU D 79 -26.44 -24.98 -13.25
C GLU D 79 -27.08 -23.64 -13.62
N PRO D 80 -26.64 -23.03 -14.73
CA PRO D 80 -27.17 -21.74 -15.21
C PRO D 80 -28.61 -21.76 -15.72
N THR D 81 -29.57 -21.97 -14.83
CA THR D 81 -30.98 -22.09 -15.20
C THR D 81 -31.80 -21.00 -14.51
N ASN D 82 -31.25 -20.44 -13.44
CA ASN D 82 -31.97 -19.46 -12.66
C ASN D 82 -31.37 -18.06 -12.79
N HIS D 83 -32.28 -17.13 -13.07
CA HIS D 83 -31.91 -15.79 -13.51
C HIS D 83 -32.45 -14.72 -12.57
N ILE D 84 -31.76 -13.59 -12.51
CA ILE D 84 -32.43 -12.37 -12.11
C ILE D 84 -32.29 -11.35 -13.23
N ASN D 85 -33.41 -10.71 -13.58
CA ASN D 85 -33.43 -9.65 -14.59
C ASN D 85 -33.54 -8.28 -13.97
N TYR D 86 -32.46 -7.52 -14.08
CA TYR D 86 -32.37 -6.20 -13.49
C TYR D 86 -31.91 -5.21 -14.55
N ARG D 87 -32.72 -4.18 -14.79
CA ARG D 87 -32.42 -3.21 -15.84
C ARG D 87 -32.39 -3.88 -17.21
N GLY D 88 -33.37 -4.74 -17.47
CA GLY D 88 -33.37 -5.55 -18.66
C GLY D 88 -32.07 -6.30 -18.93
N HIS D 89 -31.38 -6.71 -17.86
CA HIS D 89 -30.14 -7.48 -17.99
C HIS D 89 -30.23 -8.76 -17.15
N ASP D 90 -29.93 -9.90 -17.75
CA ASP D 90 -30.10 -11.15 -17.01
C ASP D 90 -28.91 -11.47 -16.13
N TYR D 91 -29.20 -11.76 -14.87
CA TYR D 91 -28.16 -12.15 -13.95
C TYR D 91 -28.37 -13.59 -13.54
N VAL D 92 -27.43 -14.45 -13.90
CA VAL D 92 -27.54 -15.88 -13.57
C VAL D 92 -26.98 -16.12 -12.17
N LEU D 93 -27.70 -16.92 -11.40
CA LEU D 93 -27.32 -17.26 -10.03
C LEU D 93 -26.22 -18.33 -10.04
N ASP D 94 -25.00 -17.97 -9.67
CA ASP D 94 -23.92 -18.94 -9.66
C ASP D 94 -24.02 -19.83 -8.41
N ASN D 95 -24.10 -19.22 -7.24
CA ASN D 95 -24.10 -19.99 -6.01
C ASN D 95 -24.91 -19.32 -4.92
N VAL D 96 -25.24 -20.08 -3.89
CA VAL D 96 -25.89 -19.56 -2.71
C VAL D 96 -25.06 -19.97 -1.49
N HIS D 97 -24.37 -19.04 -0.85
CA HIS D 97 -23.54 -19.39 0.29
C HIS D 97 -24.04 -18.72 1.56
N PHE D 98 -23.38 -19.00 2.67
CA PHE D 98 -23.82 -18.56 3.99
C PHE D 98 -22.71 -17.88 4.78
N HIS D 99 -23.14 -17.15 5.79
CA HIS D 99 -22.27 -16.37 6.64
C HIS D 99 -22.77 -16.30 8.09
N ALA D 100 -22.01 -16.77 9.07
CA ALA D 100 -22.43 -16.55 10.46
C ALA D 100 -21.45 -15.68 11.24
N PRO D 101 -21.96 -14.60 11.87
CA PRO D 101 -23.31 -14.05 11.60
C PRO D 101 -23.42 -13.26 10.31
N MET D 102 -24.59 -12.67 10.10
CA MET D 102 -24.87 -11.86 8.92
C MET D 102 -23.91 -10.67 8.77
N GLU D 103 -23.34 -10.53 7.58
CA GLU D 103 -22.41 -9.44 7.26
C GLU D 103 -23.02 -8.03 7.39
N PHE D 104 -24.11 -7.81 6.66
CA PHE D 104 -24.77 -6.51 6.71
C PHE D 104 -25.61 -6.38 7.97
N LEU D 105 -25.66 -5.18 8.53
CA LEU D 105 -26.59 -4.87 9.61
C LEU D 105 -27.45 -3.68 9.22
N ILE D 106 -28.73 -3.73 9.60
CA ILE D 106 -29.59 -2.59 9.34
C ILE D 106 -29.88 -1.88 10.66
N ASN D 107 -29.51 -0.60 10.72
CA ASN D 107 -29.61 0.21 11.93
C ASN D 107 -28.86 -0.37 13.12
N ASN D 108 -27.79 -1.11 12.83
CA ASN D 108 -26.95 -1.81 13.81
C ASN D 108 -27.57 -3.11 14.30
N LYS D 109 -28.67 -3.51 13.68
CA LYS D 109 -29.37 -4.70 14.16
C LYS D 109 -28.80 -6.00 13.59
N THR D 110 -28.69 -6.96 14.49
CA THR D 110 -27.99 -8.23 14.30
C THR D 110 -28.86 -9.27 13.57
N ARG D 111 -28.24 -10.25 12.91
CA ARG D 111 -28.90 -11.53 12.63
C ARG D 111 -27.85 -12.66 12.66
N PRO D 112 -28.24 -13.83 13.18
CA PRO D 112 -27.36 -15.00 13.35
C PRO D 112 -26.84 -15.62 12.05
N LEU D 113 -27.53 -15.38 10.93
CA LEU D 113 -27.15 -15.99 9.67
C LEU D 113 -27.72 -15.23 8.48
N SER D 114 -26.91 -15.16 7.42
CA SER D 114 -27.37 -14.63 6.15
C SER D 114 -27.01 -15.56 4.99
N ALA D 115 -27.81 -15.45 3.93
CA ALA D 115 -27.59 -16.14 2.67
C ALA D 115 -27.28 -15.10 1.58
N HIS D 116 -26.25 -15.34 0.78
CA HIS D 116 -25.94 -14.44 -0.32
C HIS D 116 -26.16 -15.10 -1.67
N PHE D 117 -27.11 -14.59 -2.46
CA PHE D 117 -27.38 -15.19 -3.75
C PHE D 117 -26.59 -14.49 -4.83
N VAL D 118 -25.36 -14.94 -5.02
CA VAL D 118 -24.46 -14.33 -6.00
C VAL D 118 -24.95 -14.52 -7.44
N HIS D 119 -24.89 -13.46 -8.24
CA HIS D 119 -25.22 -13.49 -9.67
C HIS D 119 -24.12 -12.88 -10.55
N LYS D 120 -24.10 -13.26 -11.83
CA LYS D 120 -23.25 -12.62 -12.86
C LYS D 120 -24.04 -12.35 -14.15
N ASP D 121 -23.94 -11.16 -14.74
CA ASP D 121 -24.49 -11.01 -16.09
C ASP D 121 -23.38 -11.35 -17.09
N ALA D 122 -23.64 -11.20 -18.39
CA ALA D 122 -22.73 -11.69 -19.41
C ALA D 122 -21.37 -11.01 -19.36
N LYS D 123 -21.39 -9.73 -18.95
CA LYS D 123 -20.18 -8.90 -18.84
C LYS D 123 -19.42 -9.20 -17.56
N GLY D 124 -19.96 -10.08 -16.73
CA GLY D 124 -19.31 -10.46 -15.49
C GLY D 124 -19.66 -9.55 -14.31
N ARG D 125 -20.58 -8.62 -14.51
CA ARG D 125 -21.04 -7.75 -13.44
C ARG D 125 -21.83 -8.57 -12.41
N LEU D 126 -21.65 -8.21 -11.14
CA LEU D 126 -22.14 -8.97 -9.98
C LEU D 126 -23.43 -8.44 -9.35
N LEU D 127 -24.41 -9.32 -9.15
CA LEU D 127 -25.66 -8.94 -8.47
C LEU D 127 -25.93 -9.84 -7.28
N VAL D 128 -25.77 -9.32 -6.07
CA VAL D 128 -25.94 -10.20 -4.95
C VAL D 128 -27.11 -9.78 -4.10
N LEU D 129 -27.81 -10.78 -3.59
CA LEU D 129 -28.91 -10.57 -2.69
C LEU D 129 -28.52 -11.01 -1.30
N ALA D 130 -29.01 -10.29 -0.30
CA ALA D 130 -28.78 -10.66 1.09
C ALA D 130 -30.10 -10.85 1.84
N ILE D 131 -30.20 -11.93 2.60
CA ILE D 131 -31.36 -12.20 3.45
C ILE D 131 -30.89 -12.75 4.81
N GLY D 132 -31.65 -12.50 5.87
CA GLY D 132 -31.23 -12.95 7.19
C GLY D 132 -32.16 -13.98 7.82
N PHE D 133 -31.62 -14.77 8.74
CA PHE D 133 -32.42 -15.83 9.36
C PHE D 133 -32.64 -15.60 10.87
N GLY D 136 -36.06 -19.46 14.48
CA GLY D 136 -37.40 -19.94 14.79
C GLY D 136 -37.74 -21.26 14.13
N LYS D 137 -38.78 -21.24 13.30
CA LYS D 137 -39.28 -22.41 12.57
C LYS D 137 -38.17 -23.12 11.77
N GLU D 138 -38.34 -24.40 11.55
CA GLU D 138 -37.45 -25.13 10.68
C GLU D 138 -37.74 -24.75 9.22
N ASN D 139 -36.70 -24.53 8.44
CA ASN D 139 -36.86 -24.25 7.01
C ASN D 139 -36.69 -25.52 6.20
N PRO D 140 -37.75 -25.91 5.48
CA PRO D 140 -37.65 -27.06 4.57
C PRO D 140 -36.68 -26.80 3.42
N ASN D 141 -36.54 -25.53 3.04
CA ASN D 141 -35.68 -25.15 1.93
C ASN D 141 -34.21 -25.33 2.26
N LEU D 142 -33.88 -25.30 3.56
CA LEU D 142 -32.51 -25.52 4.02
C LEU D 142 -32.11 -26.99 4.02
N ASP D 143 -33.09 -27.87 4.10
CA ASP D 143 -32.82 -29.29 4.22
C ASP D 143 -32.11 -29.90 3.00
N PRO D 144 -32.58 -29.61 1.75
CA PRO D 144 -31.86 -30.17 0.59
C PRO D 144 -30.39 -29.87 0.69
N ILE D 145 -30.11 -28.64 1.09
CA ILE D 145 -28.75 -28.17 1.28
C ILE D 145 -28.04 -29.01 2.34
N LEU D 146 -28.66 -29.09 3.51
CA LEU D 146 -28.07 -29.74 4.68
C LEU D 146 -27.71 -31.23 4.52
N GLU D 147 -28.47 -31.97 3.72
CA GLU D 147 -28.07 -33.35 3.42
C GLU D 147 -27.21 -33.40 2.15
N GLY D 148 -27.30 -32.35 1.34
CA GLY D 148 -26.42 -32.21 0.19
C GLY D 148 -24.95 -32.04 0.57
N ILE D 149 -24.69 -31.62 1.81
CA ILE D 149 -23.35 -31.33 2.30
C ILE D 149 -22.38 -32.48 2.20
N GLN D 150 -22.85 -33.65 2.63
CA GLN D 150 -21.96 -34.73 3.04
C GLN D 150 -21.75 -35.79 1.98
N LYS D 151 -22.68 -35.90 1.02
CA LYS D 151 -22.55 -36.92 -0.02
C LYS D 151 -22.78 -36.35 -1.41
N LYS D 152 -22.06 -36.86 -2.40
CA LYS D 152 -22.09 -36.28 -3.74
C LYS D 152 -23.06 -36.93 -4.72
N GLN D 153 -23.15 -36.33 -5.90
CA GLN D 153 -23.96 -36.82 -7.00
C GLN D 153 -25.47 -36.66 -6.80
N ASN D 154 -26.05 -37.48 -5.95
CA ASN D 154 -27.50 -37.47 -5.78
C ASN D 154 -28.01 -36.29 -4.98
N PHE D 155 -27.84 -35.08 -5.52
CA PHE D 155 -28.35 -33.89 -4.85
C PHE D 155 -29.79 -33.62 -5.26
N LYS D 156 -30.69 -33.50 -4.28
CA LYS D 156 -32.07 -33.23 -4.61
C LYS D 156 -32.34 -31.73 -4.73
N GLU D 157 -33.43 -31.41 -5.44
CA GLU D 157 -33.91 -30.06 -5.70
C GLU D 157 -33.92 -29.12 -4.49
N VAL D 158 -33.65 -27.83 -4.74
CA VAL D 158 -33.88 -26.79 -3.74
C VAL D 158 -34.95 -25.84 -4.27
N ALA D 159 -35.90 -25.49 -3.41
CA ALA D 159 -37.05 -24.69 -3.82
C ALA D 159 -36.72 -23.21 -3.93
N LEU D 160 -35.88 -22.85 -4.91
CA LEU D 160 -35.43 -21.47 -5.10
C LEU D 160 -36.62 -20.56 -5.40
N ASP D 161 -37.55 -21.11 -6.16
CA ASP D 161 -38.80 -20.45 -6.45
C ASP D 161 -39.50 -20.13 -5.18
N ALA D 162 -39.30 -20.99 -4.17
CA ALA D 162 -40.04 -20.90 -2.91
C ALA D 162 -39.15 -20.45 -1.76
N PHE D 163 -37.90 -20.21 -2.07
CA PHE D 163 -36.95 -19.97 -0.99
C PHE D 163 -37.16 -18.63 -0.30
N LEU D 164 -37.49 -17.60 -1.07
CA LEU D 164 -37.53 -16.24 -0.56
C LEU D 164 -38.92 -15.70 -0.31
N PRO D 165 -39.05 -14.69 0.57
CA PRO D 165 -40.35 -14.05 0.72
C PRO D 165 -40.94 -13.62 -0.63
N LYS D 166 -42.24 -13.80 -0.81
CA LYS D 166 -42.90 -13.50 -2.08
C LYS D 166 -42.84 -12.02 -2.32
N SER D 167 -43.05 -11.25 -1.26
CA SER D 167 -42.93 -9.80 -1.31
C SER D 167 -41.81 -9.37 -0.36
N ILE D 168 -40.87 -8.60 -0.90
CA ILE D 168 -39.67 -8.22 -0.16
C ILE D 168 -39.41 -6.72 -0.18
N ASN D 169 -38.93 -6.19 0.95
CA ASN D 169 -38.49 -4.81 1.09
C ASN D 169 -36.96 -4.81 1.22
N TYR D 170 -36.28 -4.09 0.34
CA TYR D 170 -34.82 -4.21 0.30
C TYR D 170 -34.12 -2.87 0.23
N TYR D 171 -32.81 -2.90 0.50
CA TYR D 171 -31.95 -1.75 0.26
C TYR D 171 -31.00 -2.06 -0.88
N HIS D 172 -31.03 -1.25 -1.92
CA HIS D 172 -30.16 -1.43 -3.08
C HIS D 172 -29.14 -0.28 -3.18
N PHE D 173 -27.87 -0.66 -3.14
CA PHE D 173 -26.74 0.26 -3.15
C PHE D 173 -25.58 -0.45 -3.85
N ASN D 174 -24.57 0.29 -4.28
CA ASN D 174 -23.40 -0.34 -4.86
C ASN D 174 -22.31 -0.60 -3.85
N GLY D 175 -21.73 -1.79 -3.88
CA GLY D 175 -20.66 -2.14 -2.96
C GLY D 175 -19.68 -3.18 -3.46
N SER D 176 -19.15 -3.98 -2.53
CA SER D 176 -18.07 -4.92 -2.82
C SER D 176 -18.35 -6.33 -2.34
N LEU D 177 -17.50 -7.25 -2.76
CA LEU D 177 -17.46 -8.60 -2.22
C LEU D 177 -17.02 -8.49 -0.78
N THR D 178 -17.51 -9.38 0.07
CA THR D 178 -17.26 -9.24 1.49
C THR D 178 -16.07 -10.07 1.87
N ALA D 179 -15.42 -10.64 0.86
CA ALA D 179 -14.26 -11.49 1.07
C ALA D 179 -13.22 -11.18 0.04
N PRO D 180 -11.95 -11.51 0.31
CA PRO D 180 -10.95 -11.42 -0.75
C PRO D 180 -11.46 -12.10 -2.01
N PRO D 181 -11.29 -11.46 -3.18
CA PRO D 181 -10.46 -10.25 -3.37
C PRO D 181 -11.14 -8.90 -3.08
N CYS D 182 -12.33 -8.91 -2.50
CA CYS D 182 -13.07 -7.68 -2.20
C CYS D 182 -13.40 -6.88 -3.45
N THR D 183 -13.67 -7.55 -4.55
CA THR D 183 -13.88 -6.86 -5.81
C THR D 183 -15.07 -5.89 -5.73
N GLU D 184 -14.89 -4.69 -6.26
CA GLU D 184 -15.97 -3.69 -6.25
C GLU D 184 -16.82 -3.77 -7.52
N GLY D 185 -17.82 -2.91 -7.61
CA GLY D 185 -18.80 -2.93 -8.67
C GLY D 185 -19.82 -4.03 -8.49
N VAL D 186 -20.22 -4.26 -7.24
CA VAL D 186 -21.26 -5.25 -6.95
C VAL D 186 -22.57 -4.54 -6.65
N ALA D 187 -23.64 -5.00 -7.29
CA ALA D 187 -24.96 -4.45 -7.05
C ALA D 187 -25.57 -5.20 -5.89
N TRP D 188 -25.72 -4.54 -4.76
CA TRP D 188 -26.22 -5.21 -3.58
C TRP D 188 -27.70 -5.03 -3.35
N PHE D 189 -28.39 -6.10 -2.97
CA PHE D 189 -29.78 -6.05 -2.54
C PHE D 189 -29.94 -6.77 -1.20
N VAL D 190 -30.12 -5.96 -0.16
CA VAL D 190 -30.22 -6.43 1.20
C VAL D 190 -31.68 -6.42 1.57
N ILE D 191 -32.21 -7.62 1.84
CA ILE D 191 -33.61 -7.82 2.07
C ILE D 191 -33.85 -7.72 3.57
N GLU D 192 -34.76 -6.83 3.97
CA GLU D 192 -35.03 -6.61 5.39
C GLU D 192 -35.76 -7.77 6.02
N GLU D 193 -36.68 -8.37 5.26
CA GLU D 193 -37.38 -9.53 5.76
C GLU D 193 -36.44 -10.68 6.03
N PRO D 194 -36.52 -11.22 7.26
CA PRO D 194 -35.78 -12.37 7.78
C PRO D 194 -36.51 -13.67 7.59
N LEU D 195 -35.79 -14.74 7.22
CA LEU D 195 -36.41 -16.04 7.14
C LEU D 195 -36.20 -16.76 8.45
N GLU D 196 -36.68 -17.99 8.54
CA GLU D 196 -36.59 -18.72 9.79
C GLU D 196 -35.73 -19.95 9.64
N VAL D 197 -35.01 -20.26 10.72
CA VAL D 197 -34.17 -21.43 10.81
C VAL D 197 -34.38 -22.07 12.19
N SER D 198 -34.17 -23.38 12.29
CA SER D 198 -34.34 -24.07 13.57
C SER D 198 -33.04 -24.03 14.36
N ALA D 199 -33.13 -23.89 15.68
CA ALA D 199 -31.93 -23.86 16.52
C ALA D 199 -31.12 -25.14 16.28
N LYS D 200 -31.84 -26.25 16.10
CA LYS D 200 -31.25 -27.51 15.68
C LYS D 200 -30.63 -27.41 14.27
N GLN D 201 -31.29 -26.65 13.41
CA GLN D 201 -30.83 -26.40 12.04
C GLN D 201 -29.64 -25.45 12.05
N LEU D 202 -29.73 -24.42 12.89
CA LEU D 202 -28.70 -23.40 12.95
C LEU D 202 -27.36 -23.98 13.38
N ALA D 203 -27.36 -24.78 14.44
CA ALA D 203 -26.13 -25.40 14.90
C ALA D 203 -25.53 -26.29 13.82
N GLU D 204 -26.38 -26.84 12.96
CA GLU D 204 -25.96 -27.75 11.89
C GLU D 204 -25.23 -27.05 10.76
N ILE D 205 -25.50 -25.75 10.62
CA ILE D 205 -24.91 -24.97 9.55
C ILE D 205 -23.69 -24.22 10.06
N LYS D 206 -23.53 -24.17 11.39
CA LYS D 206 -22.33 -23.56 11.95
C LYS D 206 -21.25 -24.61 12.11
N LYS D 207 -21.65 -25.88 12.12
CA LYS D 207 -20.76 -26.96 12.53
C LYS D 207 -19.72 -27.27 11.45
N LYS D 210 -16.94 -26.09 8.81
CA LYS D 210 -17.80 -24.93 8.72
C LYS D 210 -17.73 -24.14 9.99
N ASN D 211 -17.20 -24.77 11.03
CA ASN D 211 -17.23 -24.19 12.37
C ASN D 211 -16.32 -22.99 12.57
N SER D 212 -16.62 -21.91 11.88
CA SER D 212 -16.00 -20.63 12.20
C SER D 212 -16.98 -19.50 12.02
N PRO D 213 -16.82 -18.42 12.82
CA PRO D 213 -17.48 -17.15 12.51
C PRO D 213 -16.97 -16.66 11.15
N ASN D 214 -17.91 -16.30 10.28
CA ASN D 214 -17.64 -16.13 8.84
C ASN D 214 -17.97 -14.71 8.42
N GLN D 215 -17.83 -13.78 9.34
CA GLN D 215 -18.34 -12.46 9.08
C GLN D 215 -17.26 -11.44 8.90
N ARG D 216 -17.24 -10.80 7.74
CA ARG D 216 -16.40 -9.65 7.56
C ARG D 216 -17.06 -8.53 8.33
N PRO D 217 -16.26 -7.81 9.11
CA PRO D 217 -16.67 -6.62 9.84
C PRO D 217 -17.10 -5.50 8.92
N VAL D 218 -17.76 -4.50 9.49
CA VAL D 218 -18.21 -3.32 8.78
C VAL D 218 -17.05 -2.44 8.33
N GLN D 219 -17.21 -1.80 7.18
CA GLN D 219 -16.15 -1.03 6.54
C GLN D 219 -16.54 0.45 6.42
N PRO D 220 -15.55 1.32 6.17
CA PRO D 220 -15.79 2.74 5.93
C PRO D 220 -16.81 2.99 4.85
N ASP D 221 -17.78 3.84 5.15
CA ASP D 221 -18.79 4.16 4.19
C ASP D 221 -18.59 5.59 3.75
N TYR D 222 -18.28 5.78 2.47
CA TYR D 222 -18.10 7.12 1.94
C TYR D 222 -19.41 7.69 1.46
N ASN D 223 -20.38 7.73 2.37
CA ASN D 223 -21.71 8.22 2.08
C ASN D 223 -22.38 7.43 0.98
N THR D 224 -22.32 6.11 1.08
CA THR D 224 -22.92 5.25 0.07
C THR D 224 -24.39 5.63 -0.10
N VAL D 225 -24.82 5.70 -1.37
CA VAL D 225 -26.19 6.01 -1.72
C VAL D 225 -27.03 4.76 -1.71
N ILE D 226 -28.01 4.74 -0.82
CA ILE D 226 -28.86 3.59 -0.62
C ILE D 226 -30.31 3.99 -0.94
N ILE D 227 -31.00 3.15 -1.68
CA ILE D 227 -32.41 3.35 -1.91
C ILE D 227 -33.16 2.20 -1.25
N LYS D 228 -34.38 2.48 -0.78
CA LYS D 228 -35.22 1.46 -0.17
C LYS D 228 -36.45 1.23 -1.02
N SER D 229 -36.71 -0.02 -1.37
CA SER D 229 -37.83 -0.33 -2.24
C SER D 229 -38.36 -1.71 -1.93
N SER D 230 -39.30 -2.17 -2.75
CA SER D 230 -39.90 -3.47 -2.54
C SER D 230 -40.13 -4.16 -3.87
N ALA D 231 -40.09 -5.48 -3.85
CA ALA D 231 -40.42 -6.24 -5.06
C ALA D 231 -41.06 -7.59 -4.73
N GLU D 232 -41.38 -8.34 -5.77
CA GLU D 232 -41.90 -9.69 -5.60
C GLU D 232 -41.02 -10.74 -6.27
N THR D 233 -40.74 -11.79 -5.50
CA THR D 233 -39.80 -12.83 -5.85
C THR D 233 -40.46 -13.96 -6.63
N ARG D 234 -41.75 -14.14 -6.38
CA ARG D 234 -42.51 -15.17 -7.06
C ARG D 234 -43.88 -14.63 -7.44
N ASN E 7 84.40 -27.49 23.80
CA ASN E 7 83.34 -26.53 23.98
C ASN E 7 83.05 -25.77 22.70
N THR E 8 82.55 -24.55 22.83
CA THR E 8 82.17 -23.73 21.68
C THR E 8 80.75 -24.12 21.25
N LYS E 9 80.00 -24.60 22.23
CA LYS E 9 78.66 -25.15 22.04
C LYS E 9 77.62 -24.22 22.64
N TRP E 10 76.73 -23.73 21.77
CA TRP E 10 75.65 -22.87 22.18
C TRP E 10 74.60 -23.65 22.93
N ASP E 11 74.04 -23.03 23.95
CA ASP E 11 73.00 -23.66 24.75
C ASP E 11 71.92 -22.65 25.06
N TYR E 12 70.92 -23.09 25.83
CA TYR E 12 69.80 -22.24 26.23
C TYR E 12 69.91 -21.79 27.69
N LYS E 13 71.09 -21.92 28.27
CA LYS E 13 71.31 -21.56 29.66
C LYS E 13 71.58 -20.05 29.83
N ASN E 14 71.58 -19.60 31.10
CA ASN E 14 71.86 -18.22 31.45
C ASN E 14 73.33 -17.83 31.25
N LYS E 15 74.16 -18.83 30.99
CA LYS E 15 75.60 -18.66 31.17
C LYS E 15 76.38 -18.31 29.90
N GLU E 16 77.63 -18.80 29.87
CA GLU E 16 78.60 -18.40 28.86
C GLU E 16 78.18 -18.77 27.45
N ASN E 17 77.46 -19.89 27.33
CA ASN E 17 77.07 -20.42 26.03
C ASN E 17 75.61 -20.11 25.70
N GLY E 18 75.01 -19.24 26.50
CA GLY E 18 73.60 -18.95 26.38
C GLY E 18 73.23 -18.04 25.25
N PRO E 19 71.93 -18.01 24.93
CA PRO E 19 71.29 -17.29 23.84
C PRO E 19 71.77 -15.87 23.64
N HIS E 20 72.03 -15.14 24.73
CA HIS E 20 72.41 -13.74 24.59
C HIS E 20 73.84 -13.61 24.08
N ARG E 21 74.60 -14.69 24.14
CA ARG E 21 75.96 -14.64 23.63
C ARG E 21 76.21 -15.62 22.50
N TRP E 22 75.14 -16.15 21.93
CA TRP E 22 75.29 -17.02 20.78
C TRP E 22 76.15 -16.39 19.69
N ASP E 23 76.08 -15.06 19.57
CA ASP E 23 76.82 -14.36 18.51
C ASP E 23 78.32 -14.33 18.80
N LYS E 24 78.67 -14.68 20.04
CA LYS E 24 80.06 -14.57 20.48
C LYS E 24 80.80 -15.89 20.35
N LEU E 25 80.04 -16.98 20.38
CA LEU E 25 80.63 -18.30 20.27
C LEU E 25 81.32 -18.50 18.93
N HIS E 26 80.71 -17.97 17.87
CA HIS E 26 81.17 -18.23 16.51
C HIS E 26 80.83 -17.06 15.58
N LYS E 27 81.66 -16.79 14.58
CA LYS E 27 81.42 -15.64 13.71
C LYS E 27 80.19 -15.89 12.83
N ASP E 28 79.86 -17.16 12.58
CA ASP E 28 78.65 -17.53 11.82
C ASP E 28 77.36 -17.09 12.52
N PHE E 29 77.42 -16.94 13.84
CA PHE E 29 76.26 -16.61 14.67
C PHE E 29 76.13 -15.12 14.87
N GLU E 30 76.83 -14.34 14.06
CA GLU E 30 76.92 -12.90 14.30
C GLU E 30 75.63 -12.22 13.91
N VAL E 31 74.90 -12.87 13.02
CA VAL E 31 73.60 -12.37 12.60
C VAL E 31 72.58 -12.47 13.74
N CYS E 32 72.80 -13.38 14.68
CA CYS E 32 71.90 -13.56 15.81
C CYS E 32 71.76 -12.30 16.63
N LYS E 33 72.70 -11.39 16.47
CA LYS E 33 72.65 -10.13 17.19
C LYS E 33 72.44 -8.96 16.22
N SER E 34 73.10 -9.01 15.07
CA SER E 34 73.03 -7.93 14.08
C SER E 34 71.79 -7.99 13.16
N GLY E 35 70.97 -9.03 13.30
CA GLY E 35 69.88 -9.28 12.37
C GLY E 35 68.60 -8.54 12.66
N LYS E 36 67.98 -8.01 11.61
CA LYS E 36 66.83 -7.12 11.78
C LYS E 36 65.49 -7.84 11.67
N SER E 37 65.56 -9.16 11.50
CA SER E 37 64.37 -9.98 11.37
CA SER E 37 64.34 -9.97 11.42
C SER E 37 64.52 -11.26 12.18
N GLN E 38 64.93 -11.12 13.43
CA GLN E 38 65.17 -12.30 14.25
C GLN E 38 63.88 -12.93 14.72
N SER E 39 63.99 -14.18 15.17
CA SER E 39 62.88 -15.01 15.65
C SER E 39 63.27 -15.81 16.90
N PRO E 40 62.28 -16.19 17.73
CA PRO E 40 60.85 -15.88 17.63
C PRO E 40 60.49 -14.50 18.15
N ILE E 41 59.32 -14.02 17.76
CA ILE E 41 58.73 -12.82 18.33
C ILE E 41 57.38 -13.15 18.91
N ASN E 42 56.82 -12.22 19.67
CA ASN E 42 55.45 -12.36 20.12
C ASN E 42 54.50 -11.65 19.16
N ILE E 43 53.50 -12.39 18.71
CA ILE E 43 52.61 -11.93 17.66
C ILE E 43 51.48 -11.11 18.28
N GLU E 44 51.55 -9.80 18.07
CA GLU E 44 50.60 -8.84 18.66
C GLU E 44 49.94 -7.97 17.60
N HIS E 45 50.70 -7.51 16.61
CA HIS E 45 50.17 -6.66 15.56
C HIS E 45 50.21 -7.38 14.21
N TYR E 46 49.04 -7.79 13.72
CA TYR E 46 48.97 -8.45 12.43
C TYR E 46 47.88 -7.90 11.53
N TYR E 47 47.99 -8.23 10.25
CA TYR E 47 46.98 -7.86 9.26
C TYR E 47 45.91 -8.96 9.19
N HIS E 48 44.72 -8.59 8.74
CA HIS E 48 43.69 -9.55 8.35
C HIS E 48 43.54 -9.46 6.83
N THR E 49 43.58 -10.60 6.13
CA THR E 49 43.54 -10.59 4.68
C THR E 49 42.44 -11.45 4.09
N GLN E 50 42.36 -11.42 2.76
CA GLN E 50 41.15 -11.77 2.04
C GLN E 50 41.32 -12.78 0.92
N ASP E 51 42.45 -12.70 0.22
CA ASP E 51 42.76 -13.64 -0.85
C ASP E 51 43.72 -14.70 -0.31
N LYS E 52 43.29 -15.42 0.71
CA LYS E 52 44.14 -16.40 1.39
C LYS E 52 44.20 -17.62 0.48
N ALA E 53 44.54 -18.77 1.05
CA ALA E 53 44.65 -20.01 0.29
C ALA E 53 45.94 -20.04 -0.50
N ASP E 54 47.00 -19.47 0.07
CA ASP E 54 48.30 -19.42 -0.59
C ASP E 54 49.14 -20.71 -0.45
N LEU E 55 48.60 -21.70 0.24
CA LEU E 55 49.43 -22.78 0.76
C LEU E 55 48.82 -24.16 0.55
N GLN E 56 49.56 -25.03 -0.15
CA GLN E 56 49.04 -26.37 -0.48
C GLN E 56 49.97 -27.52 -0.07
N PHE E 57 49.41 -28.47 0.68
CA PHE E 57 50.15 -29.55 1.34
C PHE E 57 50.17 -30.81 0.52
N LYS E 58 51.33 -31.45 0.46
CA LYS E 58 51.44 -32.74 -0.19
C LYS E 58 52.26 -33.68 0.71
N TYR E 59 51.62 -34.12 1.79
CA TYR E 59 52.24 -35.00 2.76
C TYR E 59 51.68 -36.37 2.57
N ALA E 60 52.42 -37.38 3.01
CA ALA E 60 51.83 -38.68 3.17
C ALA E 60 52.49 -39.34 4.36
N ALA E 61 52.07 -40.54 4.71
CA ALA E 61 52.70 -41.24 5.79
C ALA E 61 54.11 -41.57 5.38
N SER E 62 55.08 -41.27 6.24
CA SER E 62 56.49 -41.39 5.92
C SER E 62 57.26 -41.97 7.09
N LYS E 63 58.03 -43.01 6.85
CA LYS E 63 58.96 -43.51 7.85
C LYS E 63 60.15 -42.59 7.87
N PRO E 64 60.50 -42.09 9.08
CA PRO E 64 61.63 -41.19 9.33
C PRO E 64 62.96 -41.77 8.88
N LYS E 65 63.80 -40.94 8.25
CA LYS E 65 65.19 -41.27 7.94
C LYS E 65 65.95 -41.57 9.22
N ALA E 66 65.64 -40.78 10.23
CA ALA E 66 66.20 -40.96 11.55
C ALA E 66 65.31 -40.22 12.54
N VAL E 67 65.42 -40.60 13.81
CA VAL E 67 64.81 -39.89 14.93
C VAL E 67 65.81 -39.78 16.06
N PHE E 68 66.28 -38.56 16.34
CA PHE E 68 67.40 -38.43 17.23
C PHE E 68 67.42 -37.10 17.95
N PHE E 69 68.12 -37.07 19.06
CA PHE E 69 68.33 -35.85 19.80
C PHE E 69 69.51 -35.15 19.18
N THR E 70 69.34 -33.89 18.79
CA THR E 70 70.48 -33.17 18.26
C THR E 70 70.33 -31.70 18.61
N HIS E 71 71.44 -31.09 19.01
CA HIS E 71 71.44 -29.68 19.40
C HIS E 71 70.24 -29.30 20.28
N HIS E 72 70.09 -29.96 21.43
CA HIS E 72 69.03 -29.65 22.42
C HIS E 72 67.58 -29.91 21.98
N THR E 73 67.37 -30.64 20.88
CA THR E 73 66.02 -30.85 20.36
C THR E 73 65.83 -32.26 19.85
N LEU E 74 64.60 -32.76 19.94
CA LEU E 74 64.24 -34.04 19.35
C LEU E 74 63.84 -33.77 17.92
N LYS E 75 64.32 -34.60 17.00
CA LYS E 75 64.22 -34.30 15.58
C LYS E 75 63.88 -35.51 14.77
N ALA E 76 62.92 -35.38 13.87
CA ALA E 76 62.59 -36.44 12.95
C ALA E 76 62.84 -35.98 11.53
N SER E 77 63.83 -36.61 10.91
CA SER E 77 64.23 -36.26 9.55
C SER E 77 63.63 -37.27 8.59
N PHE E 78 63.22 -36.77 7.41
CA PHE E 78 62.54 -37.58 6.43
C PHE E 78 63.27 -37.59 5.08
N GLU E 79 63.06 -38.65 4.30
CA GLU E 79 63.43 -38.67 2.88
C GLU E 79 62.62 -37.58 2.20
N PRO E 80 63.17 -36.96 1.16
CA PRO E 80 62.48 -35.81 0.57
C PRO E 80 61.20 -36.08 -0.24
N THR E 81 60.23 -36.82 0.29
CA THR E 81 59.03 -37.12 -0.49
C THR E 81 57.80 -36.26 -0.15
N ASN E 82 57.86 -35.47 0.90
CA ASN E 82 56.73 -34.65 1.28
C ASN E 82 57.02 -33.20 0.92
N HIS E 83 56.03 -32.49 0.39
CA HIS E 83 56.26 -31.16 -0.20
C HIS E 83 55.18 -30.17 0.22
N ILE E 84 55.54 -28.90 0.35
CA ILE E 84 54.54 -27.84 0.47
C ILE E 84 54.71 -26.91 -0.71
N ASN E 85 53.62 -26.66 -1.42
CA ASN E 85 53.71 -25.71 -2.53
C ASN E 85 53.18 -24.36 -2.06
N TYR E 86 54.05 -23.35 -2.06
CA TYR E 86 53.67 -22.01 -1.66
C TYR E 86 54.06 -21.00 -2.73
N ARG E 87 53.10 -20.20 -3.19
CA ARG E 87 53.37 -19.20 -4.21
C ARG E 87 54.08 -19.85 -5.41
N GLY E 88 53.53 -20.97 -5.89
CA GLY E 88 53.98 -21.60 -7.12
C GLY E 88 55.33 -22.30 -7.13
N HIS E 89 55.93 -22.41 -5.96
CA HIS E 89 57.16 -23.15 -5.84
C HIS E 89 56.97 -24.29 -4.87
N ASP E 90 57.93 -25.21 -4.85
CA ASP E 90 57.80 -26.46 -4.11
C ASP E 90 58.81 -26.58 -2.98
N TYR E 91 58.33 -26.67 -1.74
CA TYR E 91 59.23 -26.83 -0.58
C TYR E 91 59.18 -28.24 0.00
N VAL E 92 60.33 -28.91 0.07
CA VAL E 92 60.33 -30.26 0.59
C VAL E 92 60.57 -30.22 2.10
N LEU E 93 59.77 -31.01 2.82
CA LEU E 93 59.95 -31.21 4.25
C LEU E 93 61.26 -31.93 4.56
N ASP E 94 62.11 -31.29 5.34
CA ASP E 94 63.35 -31.90 5.84
C ASP E 94 63.08 -32.63 7.15
N ASN E 95 62.64 -31.89 8.15
CA ASN E 95 62.42 -32.48 9.47
C ASN E 95 61.24 -31.94 10.22
N VAL E 96 60.79 -32.70 11.20
CA VAL E 96 59.91 -32.19 12.23
C VAL E 96 60.68 -32.21 13.53
N HIS E 97 60.67 -31.09 14.23
CA HIS E 97 61.43 -31.02 15.46
C HIS E 97 60.71 -30.19 16.53
N PHE E 98 61.05 -30.47 17.79
CA PHE E 98 60.28 -29.98 18.90
C PHE E 98 60.97 -28.94 19.78
N HIS E 99 60.15 -28.11 20.41
CA HIS E 99 60.59 -27.06 21.32
C HIS E 99 59.67 -26.97 22.52
N ALA E 100 60.25 -26.94 23.71
CA ALA E 100 59.46 -26.80 24.93
C ALA E 100 60.15 -25.79 25.84
N PRO E 101 59.46 -24.69 26.18
CA PRO E 101 58.10 -24.38 25.78
C PRO E 101 58.10 -23.91 24.35
N MET E 102 56.91 -23.61 23.85
CA MET E 102 56.77 -23.12 22.51
C MET E 102 57.49 -21.79 22.37
N GLU E 103 58.25 -21.65 21.30
CA GLU E 103 59.07 -20.47 21.08
C GLU E 103 58.28 -19.24 20.67
N PHE E 104 57.51 -19.36 19.59
CA PHE E 104 56.65 -18.27 19.19
C PHE E 104 55.47 -18.13 20.11
N LEU E 105 55.03 -16.89 20.29
CA LEU E 105 53.85 -16.65 21.09
C LEU E 105 52.91 -15.70 20.34
N ILE E 106 51.62 -16.01 20.46
CA ILE E 106 50.54 -15.24 19.84
C ILE E 106 49.84 -14.45 20.90
N ASN E 107 49.88 -13.11 20.75
CA ASN E 107 49.32 -12.17 21.74
C ASN E 107 49.59 -12.68 23.15
N ASN E 108 50.83 -13.11 23.37
CA ASN E 108 51.33 -13.50 24.67
C ASN E 108 50.83 -14.82 25.20
N LYS E 109 50.21 -15.63 24.34
CA LYS E 109 49.70 -16.93 24.81
C LYS E 109 50.75 -18.02 24.65
N THR E 110 50.93 -18.78 25.73
CA THR E 110 52.08 -19.66 25.86
C THR E 110 51.68 -21.10 25.76
N ARG E 111 52.50 -21.89 25.12
CA ARG E 111 52.22 -23.30 25.06
C ARG E 111 53.39 -24.11 25.54
N PRO E 112 53.11 -25.24 26.19
CA PRO E 112 54.15 -26.13 26.73
C PRO E 112 55.07 -26.65 25.66
N LEU E 113 54.53 -26.83 24.46
CA LEU E 113 55.29 -27.49 23.40
C LEU E 113 55.08 -26.81 22.05
N SER E 114 56.01 -27.07 21.14
CA SER E 114 56.02 -26.49 19.80
C SER E 114 56.45 -27.58 18.83
N ALA E 115 55.99 -27.51 17.59
CA ALA E 115 56.59 -28.33 16.54
C ALA E 115 56.92 -27.46 15.37
N HIS E 116 58.09 -27.71 14.81
CA HIS E 116 58.56 -27.00 13.64
C HIS E 116 58.65 -27.95 12.48
N PHE E 117 57.89 -27.68 11.44
CA PHE E 117 57.96 -28.44 10.20
C PHE E 117 58.89 -27.69 9.26
N VAL E 118 60.09 -28.22 9.06
CA VAL E 118 61.15 -27.48 8.41
C VAL E 118 61.34 -27.84 6.93
N HIS E 119 60.89 -26.96 6.04
CA HIS E 119 61.00 -27.20 4.59
C HIS E 119 62.02 -26.34 3.90
N LYS E 120 62.63 -26.93 2.88
CA LYS E 120 63.65 -26.31 2.04
C LYS E 120 63.25 -26.46 0.56
N ASP E 121 63.51 -25.46 -0.27
CA ASP E 121 63.21 -25.59 -1.70
C ASP E 121 64.48 -25.87 -2.51
N ALA E 122 64.37 -25.94 -3.83
CA ALA E 122 65.51 -26.32 -4.68
C ALA E 122 66.72 -25.39 -4.47
N LYS E 123 66.43 -24.09 -4.41
CA LYS E 123 67.42 -23.04 -4.22
C LYS E 123 68.07 -23.09 -2.84
N GLY E 124 67.25 -23.30 -1.81
CA GLY E 124 67.75 -23.43 -0.46
C GLY E 124 67.12 -22.46 0.51
N ARG E 125 66.14 -21.70 0.05
CA ARG E 125 65.44 -20.82 0.98
C ARG E 125 64.51 -21.68 1.80
N LEU E 126 64.18 -21.19 2.99
CA LEU E 126 63.52 -22.01 3.98
C LEU E 126 62.09 -21.56 4.25
N LEU E 127 61.21 -22.54 4.40
CA LEU E 127 59.84 -22.33 4.84
C LEU E 127 59.61 -23.17 6.05
N VAL E 128 59.25 -22.54 7.15
CA VAL E 128 58.99 -23.31 8.34
C VAL E 128 57.59 -23.06 8.89
N LEU E 129 57.01 -24.15 9.42
CA LEU E 129 55.67 -24.21 9.91
C LEU E 129 55.69 -24.38 11.43
N ALA E 130 55.18 -23.43 12.19
CA ALA E 130 55.13 -23.61 13.64
C ALA E 130 53.74 -23.91 14.15
N ILE E 131 53.62 -24.96 14.97
CA ILE E 131 52.33 -25.26 15.61
C ILE E 131 52.47 -25.63 17.10
N GLY E 132 51.67 -24.99 17.96
CA GLY E 132 51.73 -25.23 19.39
C GLY E 132 50.96 -26.46 19.83
N PHE E 133 51.28 -26.99 20.99
CA PHE E 133 50.49 -28.08 21.53
C PHE E 133 49.75 -27.56 22.75
N GLU E 134 48.88 -28.42 23.29
CA GLU E 134 48.22 -28.25 24.56
C GLU E 134 48.19 -29.61 25.22
N GLU E 135 48.02 -29.65 26.54
CA GLU E 135 47.89 -30.93 27.20
C GLU E 135 46.45 -31.43 27.07
N GLY E 136 46.29 -32.73 26.86
CA GLY E 136 45.02 -33.31 26.44
C GLY E 136 45.11 -34.81 26.23
N LYS E 137 44.53 -35.34 25.15
CA LYS E 137 44.53 -36.79 24.89
C LYS E 137 45.85 -37.25 24.28
N GLU E 138 46.11 -38.56 24.41
CA GLU E 138 47.36 -39.20 24.01
C GLU E 138 47.58 -39.24 22.49
N ASN E 139 48.10 -38.14 21.94
CA ASN E 139 48.31 -37.96 20.50
C ASN E 139 49.01 -39.13 19.84
N PRO E 140 48.33 -39.81 18.90
CA PRO E 140 48.88 -41.01 18.29
C PRO E 140 49.99 -40.66 17.32
N ASN E 141 50.01 -39.44 16.82
CA ASN E 141 51.02 -39.10 15.85
C ASN E 141 52.39 -38.95 16.51
N LEU E 142 52.42 -38.61 17.80
CA LEU E 142 53.71 -38.50 18.52
C LEU E 142 54.29 -39.88 18.82
N ASP E 143 53.42 -40.87 18.96
CA ASP E 143 53.87 -42.20 19.33
C ASP E 143 54.93 -42.76 18.37
N PRO E 144 54.76 -42.57 17.06
CA PRO E 144 55.86 -43.09 16.22
C PRO E 144 57.19 -42.38 16.48
N ILE E 145 57.16 -41.12 16.89
CA ILE E 145 58.37 -40.38 17.21
C ILE E 145 58.94 -40.80 18.56
N LEU E 146 58.07 -40.81 19.57
CA LEU E 146 58.42 -41.23 20.93
C LEU E 146 58.97 -42.65 20.99
N GLU E 147 58.57 -43.51 20.06
CA GLU E 147 59.10 -44.87 20.01
C GLU E 147 60.28 -44.93 19.07
N GLY E 148 60.36 -43.94 18.19
CA GLY E 148 61.34 -43.93 17.14
C GLY E 148 62.73 -43.65 17.65
N ILE E 149 62.83 -42.91 18.76
CA ILE E 149 64.14 -42.50 19.23
C ILE E 149 64.94 -43.70 19.76
N GLN E 150 64.21 -44.75 20.16
CA GLN E 150 64.80 -45.98 20.69
C GLN E 150 65.43 -46.82 19.58
N LYS E 151 65.00 -46.57 18.35
CA LYS E 151 65.37 -47.40 17.20
C LYS E 151 66.50 -46.78 16.38
N LYS E 152 67.10 -47.56 15.49
CA LYS E 152 68.05 -47.01 14.52
C LYS E 152 67.79 -47.57 13.12
N GLN E 153 66.99 -48.62 13.04
CA GLN E 153 66.75 -49.28 11.76
C GLN E 153 65.26 -49.52 11.56
N ASN E 154 64.80 -49.40 10.32
CA ASN E 154 63.37 -49.51 9.94
C ASN E 154 62.36 -48.81 10.89
N PHE E 155 62.40 -47.48 10.92
CA PHE E 155 61.52 -46.68 11.77
C PHE E 155 60.01 -46.87 11.47
N LYS E 156 59.15 -46.62 12.45
CA LYS E 156 57.71 -46.71 12.25
C LYS E 156 57.20 -45.44 11.58
N GLU E 157 56.23 -45.57 10.67
CA GLU E 157 55.72 -44.43 9.91
C GLU E 157 55.03 -43.37 10.79
N VAL E 158 55.21 -42.11 10.42
CA VAL E 158 54.47 -40.99 10.98
C VAL E 158 53.49 -40.44 9.95
N ALA E 159 52.25 -40.22 10.35
CA ALA E 159 51.26 -39.70 9.42
C ALA E 159 51.39 -38.19 9.29
N LEU E 160 52.28 -37.76 8.42
CA LEU E 160 52.49 -36.32 8.20
C LEU E 160 51.22 -35.63 7.73
N ASP E 161 50.36 -36.36 7.03
CA ASP E 161 49.17 -35.74 6.45
C ASP E 161 48.04 -35.68 7.47
N ALA E 162 48.19 -36.40 8.57
CA ALA E 162 47.20 -36.40 9.61
C ALA E 162 47.68 -35.63 10.81
N PHE E 163 48.90 -35.10 10.72
CA PHE E 163 49.48 -34.39 11.84
C PHE E 163 48.75 -33.09 12.10
N LEU E 164 48.78 -32.19 11.13
CA LEU E 164 48.09 -30.92 11.26
C LEU E 164 46.57 -31.07 11.30
N PRO E 165 45.88 -30.02 11.76
CA PRO E 165 44.42 -29.92 11.58
C PRO E 165 44.08 -29.79 10.09
N LYS E 166 42.85 -30.17 9.75
CA LYS E 166 42.33 -30.07 8.39
C LYS E 166 42.22 -28.60 7.99
N SER E 167 41.62 -27.79 8.86
CA SER E 167 41.51 -26.36 8.67
C SER E 167 42.38 -25.66 9.68
N ILE E 168 43.34 -24.87 9.21
CA ILE E 168 44.23 -24.14 10.10
C ILE E 168 44.13 -22.64 9.88
N ASN E 169 44.34 -21.88 10.94
CA ASN E 169 44.57 -20.45 10.79
C ASN E 169 45.98 -20.07 11.23
N TYR E 170 46.58 -19.13 10.53
CA TYR E 170 47.99 -18.96 10.68
C TYR E 170 48.50 -17.53 10.51
N TYR E 171 49.55 -17.20 11.26
CA TYR E 171 50.24 -15.94 11.06
C TYR E 171 51.52 -16.18 10.28
N HIS E 172 51.67 -15.38 9.25
CA HIS E 172 52.73 -15.50 8.29
C HIS E 172 53.51 -14.21 8.19
N PHE E 173 54.83 -14.35 8.09
CA PHE E 173 55.77 -13.23 8.08
C PHE E 173 57.12 -13.70 7.59
N ASN E 174 58.06 -12.77 7.39
CA ASN E 174 59.43 -13.13 7.07
C ASN E 174 60.30 -13.12 8.33
N GLY E 175 61.12 -14.15 8.50
CA GLY E 175 61.82 -14.34 9.77
C GLY E 175 63.22 -14.92 9.71
N SER E 176 63.58 -15.63 10.78
CA SER E 176 64.90 -16.25 10.93
C SER E 176 64.82 -17.61 11.61
N LEU E 177 65.96 -18.27 11.71
CA LEU E 177 66.07 -19.47 12.52
C LEU E 177 66.05 -19.03 13.97
N THR E 178 65.54 -19.88 14.85
CA THR E 178 65.40 -19.53 16.25
C THR E 178 66.57 -20.14 17.01
N ALA E 179 67.57 -20.57 16.25
CA ALA E 179 68.73 -21.24 16.79
C ALA E 179 69.95 -20.89 15.93
N PRO E 180 71.14 -21.11 16.49
CA PRO E 180 72.32 -20.76 15.69
C PRO E 180 72.38 -21.65 14.46
N PRO E 181 72.71 -21.08 13.29
CA PRO E 181 73.28 -19.73 13.12
C PRO E 181 72.28 -18.61 12.96
N CYS E 182 71.02 -18.81 13.31
CA CYS E 182 69.99 -17.77 13.23
C CYS E 182 69.85 -17.17 11.82
N THR E 183 70.04 -18.00 10.79
CA THR E 183 69.95 -17.59 9.38
C THR E 183 68.66 -16.83 9.14
N GLU E 184 68.69 -15.80 8.29
CA GLU E 184 67.47 -15.07 7.99
C GLU E 184 66.90 -15.48 6.63
N GLY E 185 65.76 -14.88 6.25
CA GLY E 185 65.09 -15.24 5.02
C GLY E 185 64.08 -16.36 5.19
N VAL E 186 63.69 -16.66 6.42
CA VAL E 186 62.78 -17.77 6.66
C VAL E 186 61.31 -17.40 6.51
N ALA E 187 60.54 -18.27 5.88
CA ALA E 187 59.11 -18.06 5.73
C ALA E 187 58.38 -18.74 6.87
N TRP E 188 57.88 -17.95 7.81
CA TRP E 188 57.25 -18.53 8.97
C TRP E 188 55.75 -18.60 8.84
N PHE E 189 55.22 -19.77 9.19
CA PHE E 189 53.78 -19.97 9.25
C PHE E 189 53.43 -20.45 10.64
N VAL E 190 52.94 -19.55 11.48
CA VAL E 190 52.57 -19.96 12.82
C VAL E 190 51.05 -20.17 12.92
N ILE E 191 50.67 -21.38 13.28
CA ILE E 191 49.30 -21.81 13.36
C ILE E 191 48.69 -21.50 14.71
N GLU E 192 47.51 -20.89 14.66
CA GLU E 192 46.73 -20.50 15.83
C GLU E 192 46.29 -21.71 16.65
N GLU E 193 45.91 -22.78 15.97
CA GLU E 193 45.27 -23.93 16.62
C GLU E 193 46.25 -24.88 17.27
N PRO E 194 45.99 -25.21 18.55
CA PRO E 194 46.80 -26.13 19.33
C PRO E 194 46.42 -27.58 19.14
N LEU E 195 47.41 -28.46 19.10
CA LEU E 195 47.15 -29.89 19.05
C LEU E 195 47.23 -30.46 20.45
N GLU E 196 46.93 -31.74 20.62
CA GLU E 196 46.88 -32.29 21.96
C GLU E 196 48.06 -33.19 22.26
N VAL E 197 48.55 -33.16 23.50
CA VAL E 197 49.59 -34.09 23.95
C VAL E 197 49.40 -34.52 25.40
N SER E 198 49.34 -35.81 25.62
CA SER E 198 49.12 -36.33 26.95
C SER E 198 50.29 -36.01 27.86
N ALA E 199 50.04 -36.13 29.17
CA ALA E 199 51.03 -35.79 30.17
C ALA E 199 52.18 -36.77 30.13
N LYS E 200 51.84 -38.05 29.99
CA LYS E 200 52.83 -39.11 29.86
C LYS E 200 53.70 -38.87 28.65
N GLN E 201 53.05 -38.41 27.59
CA GLN E 201 53.72 -38.13 26.33
C GLN E 201 54.59 -36.89 26.44
N LEU E 202 54.01 -35.82 26.96
CA LEU E 202 54.76 -34.58 27.10
C LEU E 202 56.02 -34.79 27.95
N ALA E 203 55.88 -35.48 29.07
CA ALA E 203 57.01 -35.74 29.95
C ALA E 203 58.06 -36.64 29.27
N GLU E 204 57.59 -37.66 28.53
CA GLU E 204 58.47 -38.62 27.83
C GLU E 204 59.28 -37.94 26.74
N ILE E 205 58.65 -36.98 26.05
CA ILE E 205 59.34 -36.09 25.14
C ILE E 205 60.43 -35.36 25.87
N LYS E 206 60.03 -34.62 26.91
CA LYS E 206 60.94 -33.72 27.62
C LYS E 206 62.09 -34.45 28.30
N LYS E 207 61.95 -35.75 28.46
CA LYS E 207 63.00 -36.58 29.01
C LYS E 207 63.93 -37.01 27.88
N ARG E 208 63.35 -37.46 26.77
CA ARG E 208 64.13 -37.78 25.58
C ARG E 208 64.92 -36.54 25.16
N MET E 209 64.32 -35.38 25.36
CA MET E 209 65.04 -34.14 25.22
C MET E 209 65.64 -33.71 26.54
N LYS E 210 66.03 -32.45 26.61
CA LYS E 210 66.85 -31.95 27.70
C LYS E 210 66.26 -32.05 29.09
N ASN E 211 64.97 -31.81 29.20
CA ASN E 211 64.37 -31.41 30.45
C ASN E 211 64.84 -30.01 30.74
N SER E 212 65.43 -29.39 29.73
CA SER E 212 65.82 -27.99 29.78
C SER E 212 65.07 -27.27 28.67
N PRO E 213 64.44 -26.15 28.99
CA PRO E 213 63.73 -25.37 27.98
C PRO E 213 64.60 -24.96 26.79
N ASN E 214 64.44 -25.62 25.65
CA ASN E 214 65.17 -25.25 24.44
C ASN E 214 64.34 -24.25 23.64
N GLN E 215 64.12 -23.09 24.25
CA GLN E 215 63.30 -22.05 23.68
C GLN E 215 64.06 -20.74 23.69
N ARG E 216 64.10 -20.07 22.56
CA ARG E 216 64.77 -18.80 22.46
C ARG E 216 63.82 -17.67 22.83
N PRO E 217 64.29 -16.75 23.67
CA PRO E 217 63.54 -15.57 24.06
C PRO E 217 63.14 -14.72 22.86
N VAL E 218 62.14 -13.88 23.04
CA VAL E 218 61.66 -13.06 21.94
C VAL E 218 62.76 -12.08 21.50
N GLN E 219 62.75 -11.77 20.21
CA GLN E 219 63.77 -10.95 19.60
C GLN E 219 63.20 -9.59 19.22
N PRO E 220 64.07 -8.57 19.15
CA PRO E 220 63.64 -7.25 18.68
C PRO E 220 62.76 -7.33 17.43
N ASP E 221 61.54 -6.86 17.57
CA ASP E 221 60.60 -6.82 16.46
C ASP E 221 60.74 -5.54 15.68
N TYR E 222 61.32 -5.64 14.50
CA TYR E 222 61.52 -4.47 13.67
C TYR E 222 60.31 -4.14 12.85
N ASN E 223 59.15 -4.13 13.52
CA ASN E 223 57.94 -3.70 12.88
C ASN E 223 57.63 -4.66 11.75
N THR E 224 57.59 -5.93 12.11
CA THR E 224 57.50 -7.00 11.13
C THR E 224 56.07 -7.20 10.61
N VAL E 225 55.92 -7.12 9.30
CA VAL E 225 54.65 -7.35 8.62
C VAL E 225 54.13 -8.79 8.76
N ILE E 226 53.10 -8.96 9.59
CA ILE E 226 52.43 -10.24 9.84
C ILE E 226 50.98 -10.31 9.32
N ILE E 227 50.67 -11.35 8.55
CA ILE E 227 49.31 -11.52 8.01
C ILE E 227 48.64 -12.73 8.62
N LYS E 228 47.36 -12.64 8.93
CA LYS E 228 46.65 -13.81 9.39
C LYS E 228 45.86 -14.33 8.22
N SER E 229 45.79 -15.65 8.10
CA SER E 229 45.16 -16.27 6.94
C SER E 229 44.86 -17.71 7.26
N SER E 230 44.34 -18.44 6.28
CA SER E 230 43.87 -19.78 6.52
C SER E 230 44.16 -20.69 5.32
N ALA E 231 44.22 -21.99 5.59
CA ALA E 231 44.51 -22.97 4.56
C ALA E 231 43.95 -24.33 4.96
N GLU E 232 43.77 -25.19 3.98
CA GLU E 232 43.31 -26.55 4.20
C GLU E 232 44.48 -27.48 4.01
N THR E 233 44.79 -28.27 5.03
CA THR E 233 45.97 -29.13 5.03
C THR E 233 45.69 -30.47 4.36
N ARG E 234 44.42 -30.79 4.17
CA ARG E 234 43.99 -31.97 3.45
C ARG E 234 42.58 -31.77 2.86
N TRP F 10 81.80 4.52 -2.81
CA TRP F 10 81.14 3.54 -3.67
C TRP F 10 80.58 4.16 -4.94
N ASP F 11 80.40 3.33 -5.96
CA ASP F 11 79.99 3.78 -7.30
C ASP F 11 78.58 3.26 -7.67
N TYR F 12 78.07 3.72 -8.81
CA TYR F 12 76.94 3.11 -9.49
C TYR F 12 77.37 2.56 -10.85
N GLU F 16 85.09 -1.15 -10.68
CA GLU F 16 85.38 -1.94 -9.50
C GLU F 16 84.48 -1.54 -8.32
N ASN F 17 84.05 -0.28 -8.26
CA ASN F 17 83.25 0.22 -7.14
C ASN F 17 81.74 0.14 -7.35
N GLY F 18 81.30 -0.53 -8.42
CA GLY F 18 79.88 -0.62 -8.76
C GLY F 18 78.97 -1.31 -7.74
N PRO F 19 77.64 -1.23 -7.96
CA PRO F 19 76.62 -1.72 -7.04
C PRO F 19 76.72 -3.21 -6.69
N HIS F 20 77.31 -3.99 -7.58
CA HIS F 20 77.38 -5.42 -7.39
C HIS F 20 78.60 -5.82 -6.56
N ARG F 21 79.47 -4.87 -6.27
CA ARG F 21 80.68 -5.14 -5.48
C ARG F 21 80.70 -4.31 -4.19
N TRP F 22 79.64 -3.54 -3.97
CA TRP F 22 79.47 -2.74 -2.77
C TRP F 22 79.92 -3.45 -1.49
N ASP F 23 79.61 -4.74 -1.40
CA ASP F 23 79.81 -5.52 -0.18
C ASP F 23 81.27 -5.66 0.21
N LYS F 24 82.15 -5.56 -0.78
CA LYS F 24 83.56 -5.83 -0.56
C LYS F 24 84.39 -4.56 -0.32
N LEU F 25 83.88 -3.41 -0.77
CA LEU F 25 84.54 -2.13 -0.49
C LEU F 25 84.77 -1.95 1.01
N HIS F 26 83.72 -2.09 1.79
CA HIS F 26 83.86 -2.16 3.24
C HIS F 26 83.01 -3.28 3.82
N LYS F 27 83.32 -3.65 5.04
CA LYS F 27 82.62 -4.75 5.68
C LYS F 27 81.25 -4.28 6.16
N ASP F 28 81.08 -2.97 6.25
CA ASP F 28 79.80 -2.41 6.66
C ASP F 28 78.78 -2.59 5.57
N PHE F 29 79.25 -2.89 4.38
CA PHE F 29 78.35 -3.08 3.24
C PHE F 29 78.15 -4.56 3.01
N GLU F 30 78.68 -5.39 3.90
CA GLU F 30 78.53 -6.84 3.77
C GLU F 30 77.08 -7.24 3.53
N VAL F 31 76.17 -6.66 4.31
CA VAL F 31 74.76 -7.01 4.24
C VAL F 31 74.16 -6.69 2.89
N CYS F 32 74.81 -5.81 2.13
CA CYS F 32 74.24 -5.40 0.85
C CYS F 32 74.12 -6.62 -0.06
N LYS F 33 75.00 -7.59 0.13
CA LYS F 33 74.84 -8.84 -0.60
C LYS F 33 74.54 -10.03 0.33
N SER F 34 74.85 -9.86 1.62
CA SER F 34 74.67 -10.90 2.63
C SER F 34 73.27 -10.96 3.26
N GLY F 35 72.48 -9.92 3.04
CA GLY F 35 71.17 -9.84 3.64
C GLY F 35 70.13 -10.66 2.92
N LYS F 36 69.06 -10.97 3.63
CA LYS F 36 67.94 -11.68 3.04
C LYS F 36 66.73 -10.77 3.02
N SER F 37 66.96 -9.50 3.36
CA SER F 37 65.90 -8.50 3.36
C SER F 37 66.34 -7.33 2.52
N GLN F 38 67.06 -7.61 1.44
CA GLN F 38 67.69 -6.55 0.66
C GLN F 38 66.72 -5.89 -0.33
N SER F 39 66.95 -4.60 -0.54
CA SER F 39 66.11 -3.74 -1.37
C SER F 39 66.92 -3.06 -2.47
N PRO F 40 66.28 -2.74 -3.61
CA PRO F 40 64.84 -2.93 -3.87
C PRO F 40 64.45 -4.32 -4.35
N ILE F 41 63.14 -4.57 -4.46
CA ILE F 41 62.62 -5.76 -5.14
C ILE F 41 61.45 -5.38 -6.05
N ASN F 42 61.15 -6.23 -7.03
CA ASN F 42 59.93 -6.05 -7.83
C ASN F 42 58.75 -6.59 -7.07
N ILE F 43 57.72 -5.74 -6.92
CA ILE F 43 56.55 -6.12 -6.15
C ILE F 43 55.55 -6.93 -6.98
N GLU F 44 55.53 -8.24 -6.76
CA GLU F 44 54.69 -9.16 -7.54
C GLU F 44 53.63 -9.85 -6.70
N HIS F 45 53.95 -10.21 -5.46
CA HIS F 45 53.00 -10.96 -4.64
C HIS F 45 52.67 -10.27 -3.33
N TYR F 46 51.41 -9.85 -3.18
CA TYR F 46 50.99 -9.18 -1.96
C TYR F 46 49.60 -9.61 -1.51
N TYR F 47 49.25 -9.25 -0.26
CA TYR F 47 47.99 -9.62 0.39
C TYR F 47 47.07 -8.39 0.60
N HIS F 48 45.77 -8.48 0.29
CA HIS F 48 44.87 -7.33 0.43
C HIS F 48 44.26 -7.26 1.83
N THR F 49 44.18 -6.06 2.40
CA THR F 49 43.67 -5.92 3.78
C THR F 49 42.62 -4.82 4.03
N GLN F 50 42.34 -4.63 5.33
CA GLN F 50 41.59 -3.52 5.84
C GLN F 50 41.94 -2.19 5.19
N ALA F 53 45.55 3.50 7.00
CA ALA F 53 44.85 3.52 8.29
C ALA F 53 45.82 3.40 9.47
N ASP F 54 46.95 2.73 9.25
CA ASP F 54 47.98 2.63 10.27
C ASP F 54 48.92 3.86 10.24
N LEU F 55 49.12 4.42 9.05
CA LEU F 55 49.94 5.62 8.85
C LEU F 55 49.17 6.91 9.15
N GLN F 56 49.56 7.62 10.21
CA GLN F 56 48.97 8.93 10.47
C GLN F 56 49.98 10.04 10.19
N PHE F 57 49.78 10.78 9.12
CA PHE F 57 50.69 11.87 8.78
C PHE F 57 50.59 13.04 9.76
N LYS F 58 51.70 13.73 9.94
CA LYS F 58 51.75 14.93 10.78
C LYS F 58 52.73 15.93 10.20
N TYR F 59 52.46 16.42 9.00
CA TYR F 59 53.39 17.33 8.34
C TYR F 59 52.89 18.77 8.30
N ALA F 60 53.84 19.69 8.43
CA ALA F 60 53.64 21.10 8.13
C ALA F 60 54.68 21.50 7.09
N ALA F 61 54.25 22.32 6.12
CA ALA F 61 55.15 22.80 5.07
C ALA F 61 56.33 23.51 5.71
N SER F 62 57.52 22.97 5.52
CA SER F 62 58.66 23.46 6.26
C SER F 62 59.75 23.96 5.33
N LYS F 63 60.57 24.86 5.86
CA LYS F 63 61.78 25.29 5.19
C LYS F 63 62.83 24.21 5.31
N PRO F 64 63.43 23.82 4.18
CA PRO F 64 64.55 22.87 4.29
C PRO F 64 65.69 23.49 5.09
N LYS F 65 66.36 22.69 5.92
CA LYS F 65 67.61 23.16 6.49
C LYS F 65 68.66 23.29 5.39
N ALA F 66 68.80 22.26 4.59
CA ALA F 66 69.71 22.32 3.46
C ALA F 66 69.22 21.49 2.28
N VAL F 67 69.77 21.78 1.11
CA VAL F 67 69.48 21.05 -0.11
C VAL F 67 70.77 20.81 -0.85
N PHE F 68 71.15 19.56 -1.02
CA PHE F 68 72.46 19.32 -1.60
C PHE F 68 72.62 17.97 -2.27
N PHE F 69 73.77 17.80 -2.91
CA PHE F 69 74.11 16.59 -3.62
C PHE F 69 75.22 15.85 -2.90
N THR F 70 74.89 14.65 -2.43
CA THR F 70 75.86 13.82 -1.77
C THR F 70 75.66 12.40 -2.20
N HIS F 71 76.77 11.71 -2.42
CA HIS F 71 76.69 10.29 -2.70
C HIS F 71 75.70 10.07 -3.84
N HIS F 72 75.98 10.72 -4.96
CA HIS F 72 75.20 10.51 -6.17
C HIS F 72 73.77 11.05 -6.12
N THR F 73 73.15 11.21 -4.94
CA THR F 73 71.79 11.80 -4.89
C THR F 73 71.73 13.29 -4.52
N LEU F 74 70.70 13.95 -5.02
CA LEU F 74 70.30 15.23 -4.43
C LEU F 74 69.33 14.91 -3.29
N LYS F 75 69.40 15.69 -2.21
CA LYS F 75 68.79 15.40 -0.95
C LYS F 75 68.41 16.67 -0.27
N ALA F 76 67.19 16.74 0.22
CA ALA F 76 66.81 17.91 0.94
C ALA F 76 66.63 17.59 2.41
N SER F 77 67.43 18.21 3.26
CA SER F 77 67.32 18.00 4.69
C SER F 77 66.19 18.81 5.28
N PHE F 78 65.67 18.38 6.42
CA PHE F 78 64.60 19.11 7.07
C PHE F 78 64.73 19.08 8.58
N GLU F 79 64.16 20.09 9.22
CA GLU F 79 64.11 20.13 10.67
C GLU F 79 63.07 19.12 11.17
N PRO F 80 63.21 18.69 12.44
CA PRO F 80 62.37 17.62 12.97
C PRO F 80 60.99 18.11 13.39
N THR F 81 60.20 18.63 12.47
CA THR F 81 58.89 19.16 12.84
C THR F 81 57.83 18.46 12.03
N ASN F 82 58.27 17.36 11.39
CA ASN F 82 57.43 16.55 10.53
C ASN F 82 57.47 15.07 10.93
N HIS F 83 56.39 14.56 11.53
CA HIS F 83 56.31 13.14 11.91
C HIS F 83 55.30 12.28 11.14
N ILE F 84 55.43 10.98 11.36
CA ILE F 84 54.47 9.97 10.94
C ILE F 84 54.23 9.04 12.13
N ASN F 85 53.02 9.00 12.68
CA ASN F 85 52.78 8.07 13.78
C ASN F 85 52.22 6.75 13.28
N TYR F 86 53.11 5.81 13.02
CA TYR F 86 52.70 4.59 12.34
C TYR F 86 52.26 3.49 13.30
N ARG F 87 53.16 3.00 14.15
CA ARG F 87 52.77 1.87 14.98
C ARG F 87 52.70 2.26 16.45
N GLY F 88 52.13 3.45 16.68
CA GLY F 88 52.01 3.98 18.01
C GLY F 88 53.26 4.70 18.48
N HIS F 89 54.28 4.75 17.63
CA HIS F 89 55.47 5.53 17.89
C HIS F 89 55.59 6.61 16.80
N ASP F 90 56.06 7.81 17.16
CA ASP F 90 56.18 8.93 16.21
C ASP F 90 57.54 8.94 15.50
N TYR F 91 57.54 8.79 14.18
CA TYR F 91 58.77 8.79 13.41
C TYR F 91 58.97 10.10 12.67
N VAL F 92 60.14 10.71 12.84
CA VAL F 92 60.46 11.97 12.19
C VAL F 92 61.03 11.75 10.79
N LEU F 93 60.92 12.76 9.94
CA LEU F 93 61.43 12.67 8.57
C LEU F 93 62.72 13.45 8.41
N ASP F 94 63.83 12.72 8.32
CA ASP F 94 65.14 13.34 8.15
C ASP F 94 65.44 14.20 6.93
N ASN F 95 65.21 13.65 5.75
CA ASN F 95 65.45 14.36 4.50
C ASN F 95 64.67 13.67 3.39
N VAL F 96 64.83 14.16 2.16
CA VAL F 96 64.14 13.59 1.02
C VAL F 96 64.97 13.73 -0.26
N HIS F 97 65.66 12.65 -0.63
CA HIS F 97 66.48 12.65 -1.81
C HIS F 97 65.70 12.23 -3.02
N PHE F 98 66.42 11.90 -4.09
CA PHE F 98 65.77 11.47 -5.33
C PHE F 98 66.54 10.32 -5.98
N HIS F 99 65.98 9.76 -7.04
CA HIS F 99 66.60 8.66 -7.74
C HIS F 99 66.19 8.63 -9.19
N ALA F 100 67.03 8.03 -10.03
CA ALA F 100 66.75 7.93 -11.45
C ALA F 100 67.58 6.82 -12.06
N PRO F 101 66.91 5.79 -12.59
CA PRO F 101 65.45 5.67 -12.53
C PRO F 101 64.92 5.26 -11.16
N MET F 102 63.62 5.08 -11.06
CA MET F 102 63.00 4.64 -9.83
C MET F 102 63.58 3.30 -9.43
N GLU F 103 63.89 3.14 -8.15
CA GLU F 103 64.55 1.94 -7.66
C GLU F 103 63.58 0.75 -7.60
N PHE F 104 62.40 0.98 -7.04
CA PHE F 104 61.42 -0.09 -6.88
C PHE F 104 60.59 -0.31 -8.13
N LEU F 105 60.06 -1.52 -8.30
CA LEU F 105 59.26 -1.85 -9.46
C LEU F 105 58.02 -2.65 -9.06
N ILE F 106 56.92 -2.40 -9.76
CA ILE F 106 55.67 -3.10 -9.55
C ILE F 106 55.28 -3.62 -10.92
N ASN F 107 55.46 -4.91 -11.12
CA ASN F 107 55.32 -5.52 -12.44
C ASN F 107 56.11 -4.72 -13.46
N ASN F 108 57.36 -4.43 -13.09
CA ASN F 108 58.37 -3.73 -13.89
C ASN F 108 58.16 -2.22 -14.11
N LYS F 109 57.37 -1.59 -13.23
CA LYS F 109 57.55 -0.17 -12.89
C LYS F 109 56.51 0.32 -11.88
N LEU F 113 62.26 8.92 -12.60
CA LEU F 113 62.55 9.61 -11.35
C LEU F 113 61.61 9.21 -10.21
N SER F 114 62.12 9.26 -8.98
CA SER F 114 61.35 8.99 -7.77
C SER F 114 62.09 9.47 -6.52
N ALA F 115 61.34 9.65 -5.43
CA ALA F 115 61.86 10.25 -4.18
C ALA F 115 61.69 9.40 -2.93
N HIS F 116 62.41 9.75 -1.87
CA HIS F 116 62.45 8.97 -0.64
C HIS F 116 62.23 9.78 0.62
N PHE F 117 61.14 9.51 1.32
CA PHE F 117 60.89 10.24 2.55
C PHE F 117 61.41 9.44 3.72
N VAL F 118 62.60 9.82 4.17
CA VAL F 118 63.30 9.07 5.18
C VAL F 118 62.86 9.52 6.56
N HIS F 119 62.46 8.57 7.40
CA HIS F 119 62.05 8.87 8.77
C HIS F 119 62.73 7.92 9.75
N LYS F 120 63.17 8.45 10.88
CA LYS F 120 63.71 7.61 11.94
C LYS F 120 62.94 7.89 13.22
N ASP F 121 62.76 6.89 14.09
CA ASP F 121 62.10 7.16 15.37
C ASP F 121 63.13 7.51 16.45
N ALA F 122 62.69 7.56 17.70
CA ALA F 122 63.59 7.90 18.82
C ALA F 122 64.63 6.79 19.04
N LYS F 123 64.19 5.55 18.95
CA LYS F 123 65.02 4.39 19.17
C LYS F 123 65.96 4.15 17.99
N GLY F 124 65.67 4.75 16.84
CA GLY F 124 66.57 4.66 15.71
C GLY F 124 66.06 3.85 14.53
N ARG F 125 64.84 3.36 14.65
CA ARG F 125 64.21 2.59 13.60
C ARG F 125 63.86 3.48 12.43
N LEU F 126 63.76 2.88 11.24
CA LEU F 126 63.64 3.61 10.00
C LEU F 126 62.34 3.33 9.26
N LEU F 127 61.68 4.41 8.84
CA LEU F 127 60.47 4.34 8.03
C LEU F 127 60.68 5.11 6.75
N VAL F 128 60.51 4.48 5.60
CA VAL F 128 60.71 5.22 4.36
C VAL F 128 59.46 5.16 3.50
N LEU F 129 59.23 6.21 2.73
CA LEU F 129 58.15 6.27 1.76
C LEU F 129 58.78 6.56 0.41
N ALA F 130 58.36 5.82 -0.61
CA ALA F 130 58.89 6.02 -1.95
C ALA F 130 57.78 6.51 -2.88
N ILE F 131 58.07 7.56 -3.63
CA ILE F 131 57.08 8.14 -4.53
C ILE F 131 57.60 8.18 -5.97
N GLY F 132 56.80 7.72 -6.92
CA GLY F 132 57.20 7.77 -8.29
C GLY F 132 56.99 9.13 -8.94
N PHE F 133 57.83 9.44 -9.92
CA PHE F 133 57.61 10.60 -10.77
C PHE F 133 57.42 10.16 -12.22
N GLU F 134 56.45 10.80 -12.92
CA GLU F 134 56.22 10.54 -14.34
C GLU F 134 56.24 11.83 -15.17
N ASN F 139 55.73 20.00 -12.11
CA ASN F 139 55.62 20.16 -10.67
C ASN F 139 56.54 21.25 -10.11
N PRO F 140 55.97 22.24 -9.42
CA PRO F 140 56.81 23.21 -8.72
C PRO F 140 56.81 22.98 -7.20
N ASN F 141 56.41 21.78 -6.79
CA ASN F 141 56.68 21.33 -5.43
C ASN F 141 58.19 21.12 -5.34
N LEU F 142 58.75 20.81 -6.52
CA LEU F 142 60.16 20.45 -6.72
C LEU F 142 61.11 21.64 -6.90
N ASP F 143 60.56 22.78 -7.26
CA ASP F 143 61.37 23.94 -7.59
C ASP F 143 62.00 24.58 -6.33
N PRO F 144 61.26 24.72 -5.21
CA PRO F 144 61.90 25.12 -3.94
C PRO F 144 63.13 24.29 -3.56
N ILE F 145 63.17 23.04 -4.00
CA ILE F 145 64.33 22.18 -3.81
C ILE F 145 65.43 22.57 -4.78
N LEU F 146 65.07 22.76 -6.05
CA LEU F 146 66.04 23.24 -7.02
C LEU F 146 66.31 24.73 -6.82
N GLU F 147 65.74 25.31 -5.77
CA GLU F 147 66.04 26.69 -5.43
C GLU F 147 67.27 26.70 -4.56
N GLY F 148 67.29 25.75 -3.63
CA GLY F 148 68.37 25.62 -2.68
C GLY F 148 69.63 25.11 -3.33
N ILE F 149 69.58 24.89 -4.65
CA ILE F 149 70.79 24.49 -5.39
C ILE F 149 71.87 25.55 -5.15
N GLN F 150 71.59 26.82 -5.49
CA GLN F 150 72.59 27.89 -5.37
C GLN F 150 72.68 28.46 -3.97
N LYS F 151 71.60 28.39 -3.21
CA LYS F 151 71.58 28.98 -1.87
C LYS F 151 72.09 27.99 -0.84
N GLU F 157 59.95 27.81 1.54
CA GLU F 157 59.31 26.66 2.18
C GLU F 157 58.92 25.59 1.16
N VAL F 158 58.82 24.34 1.60
CA VAL F 158 58.36 23.27 0.71
C VAL F 158 56.99 22.77 1.13
N ALA F 159 56.16 22.46 0.14
CA ALA F 159 54.81 21.98 0.36
C ALA F 159 54.84 20.60 0.95
N LEU F 160 55.40 20.46 2.14
CA LEU F 160 55.56 19.15 2.75
C LEU F 160 54.20 18.56 3.10
N ASP F 161 53.29 19.45 3.46
CA ASP F 161 51.91 19.09 3.70
C ASP F 161 51.21 18.72 2.40
N ALA F 162 51.64 19.32 1.30
CA ALA F 162 50.91 19.17 0.04
C ALA F 162 51.72 18.54 -1.08
N PHE F 163 52.81 17.86 -0.74
CA PHE F 163 53.66 17.23 -1.75
C PHE F 163 53.08 15.93 -2.23
N LEU F 164 52.71 15.11 -1.27
CA LEU F 164 52.20 13.78 -1.55
C LEU F 164 50.76 13.89 -1.94
N PRO F 165 50.33 13.01 -2.87
CA PRO F 165 48.92 12.85 -3.25
C PRO F 165 48.00 12.90 -2.03
N LYS F 166 46.77 13.38 -2.18
CA LYS F 166 45.81 13.41 -1.08
C LYS F 166 45.61 12.01 -0.57
N SER F 167 45.32 11.11 -1.52
CA SER F 167 45.07 9.71 -1.24
C SER F 167 46.21 8.85 -1.77
N ILE F 168 46.72 7.98 -0.92
CA ILE F 168 47.79 7.07 -1.30
C ILE F 168 47.37 5.61 -1.06
N ASN F 169 47.72 4.78 -2.04
CA ASN F 169 47.57 3.33 -1.94
C ASN F 169 48.96 2.69 -2.02
N TYR F 170 49.36 2.03 -0.94
CA TYR F 170 50.73 1.62 -0.77
C TYR F 170 50.94 0.13 -0.59
N TYR F 171 52.14 -0.32 -0.89
CA TYR F 171 52.60 -1.65 -0.48
C TYR F 171 53.55 -1.52 0.73
N HIS F 172 53.26 -2.25 1.80
CA HIS F 172 54.09 -2.16 2.99
C HIS F 172 54.79 -3.46 3.33
N PHE F 173 56.12 -3.40 3.47
CA PHE F 173 56.96 -4.57 3.72
C PHE F 173 58.26 -4.19 4.39
N ASN F 174 58.82 -5.13 5.14
CA ASN F 174 60.13 -4.91 5.74
C ASN F 174 61.20 -5.14 4.70
N GLY F 175 62.15 -4.21 4.63
CA GLY F 175 63.20 -4.25 3.63
C GLY F 175 64.51 -3.70 4.15
N SER F 176 65.22 -3.00 3.29
CA SER F 176 66.56 -2.49 3.57
C SER F 176 66.78 -1.18 2.84
N LEU F 177 67.89 -0.50 3.13
CA LEU F 177 68.28 0.70 2.36
C LEU F 177 68.53 0.31 0.92
N THR F 178 68.57 1.27 0.01
CA THR F 178 68.92 0.94 -1.36
C THR F 178 70.35 1.38 -1.58
N ALA F 179 71.06 1.58 -0.47
CA ALA F 179 72.36 2.23 -0.52
C ALA F 179 73.21 1.87 0.67
N PRO F 180 74.48 1.55 0.43
CA PRO F 180 75.41 1.15 1.47
C PRO F 180 75.29 2.12 2.63
N PRO F 181 75.24 1.63 3.87
CA PRO F 181 75.43 0.28 4.40
C PRO F 181 74.34 -0.76 4.07
N CYS F 182 73.25 -0.35 3.40
CA CYS F 182 72.14 -1.26 3.06
C CYS F 182 71.48 -1.92 4.28
N THR F 183 71.41 -1.15 5.37
CA THR F 183 70.86 -1.60 6.62
C THR F 183 69.43 -2.15 6.51
N GLU F 184 69.14 -3.24 7.22
CA GLU F 184 67.81 -3.83 7.21
C GLU F 184 66.98 -3.34 8.39
N GLY F 185 65.74 -3.79 8.46
CA GLY F 185 64.84 -3.36 9.53
C GLY F 185 64.03 -2.13 9.13
N VAL F 186 63.94 -1.86 7.83
CA VAL F 186 63.24 -0.69 7.31
C VAL F 186 61.77 -0.90 6.95
N ALA F 187 60.87 -0.18 7.59
CA ALA F 187 59.47 -0.22 7.19
C ALA F 187 59.29 0.55 5.90
N TRP F 188 59.15 -0.21 4.81
CA TRP F 188 59.00 0.38 3.49
C TRP F 188 57.57 0.70 3.11
N PHE F 189 57.40 1.82 2.42
CA PHE F 189 56.10 2.22 1.88
C PHE F 189 56.25 2.71 0.43
N VAL F 190 55.73 1.92 -0.50
CA VAL F 190 55.84 2.26 -1.90
C VAL F 190 54.44 2.54 -2.47
N ILE F 191 54.34 3.61 -3.27
CA ILE F 191 53.04 4.13 -3.70
C ILE F 191 52.63 3.66 -5.11
N VAL F 197 55.68 14.64 -13.44
CA VAL F 197 56.42 15.88 -13.71
C VAL F 197 57.24 15.75 -15.02
N SER F 198 57.21 16.81 -15.83
CA SER F 198 57.72 16.74 -17.19
C SER F 198 59.24 16.95 -17.29
N ALA F 199 59.79 16.37 -18.37
CA ALA F 199 61.23 16.24 -18.63
C ALA F 199 62.04 17.49 -18.31
N LYS F 200 61.44 18.66 -18.52
CA LYS F 200 62.14 19.92 -18.36
C LYS F 200 62.54 20.15 -16.91
N GLN F 201 61.97 19.38 -16.01
CA GLN F 201 62.38 19.43 -14.62
C GLN F 201 63.27 18.21 -14.36
N LEU F 202 63.10 17.18 -15.19
CA LEU F 202 63.78 15.91 -15.06
C LEU F 202 65.15 15.91 -15.77
N ALA F 203 65.31 16.86 -16.67
CA ALA F 203 66.58 17.01 -17.35
C ALA F 203 67.66 17.38 -16.34
N GLU F 204 67.41 18.43 -15.56
CA GLU F 204 68.45 19.06 -14.74
C GLU F 204 68.74 18.28 -13.47
N ILE F 205 67.77 17.52 -12.99
CA ILE F 205 67.99 16.65 -11.85
C ILE F 205 69.00 15.59 -12.32
N LYS F 206 68.90 15.23 -13.59
CA LYS F 206 69.89 14.36 -14.21
C LYS F 206 71.16 15.11 -14.55
N LYS F 207 71.03 16.41 -14.86
CA LYS F 207 72.24 17.22 -15.08
C LYS F 207 72.79 17.70 -13.74
N ARG F 208 71.97 17.66 -12.70
CA ARG F 208 72.52 17.82 -11.35
C ARG F 208 72.67 16.44 -10.70
N MET F 209 73.36 15.55 -11.41
CA MET F 209 73.65 14.21 -10.92
C MET F 209 75.15 14.08 -10.73
N PRO F 213 72.97 7.91 -13.56
CA PRO F 213 72.12 6.81 -13.05
C PRO F 213 72.28 6.63 -11.55
N ASN F 214 71.19 6.79 -10.79
CA ASN F 214 71.24 6.68 -9.33
C ASN F 214 70.25 5.71 -8.74
N GLN F 215 70.16 4.55 -9.37
CA GLN F 215 69.41 3.48 -8.74
C GLN F 215 70.17 2.19 -8.57
N ARG F 216 69.86 1.55 -7.43
CA ARG F 216 70.41 0.27 -7.04
C ARG F 216 69.68 -0.88 -7.72
N PRO F 217 70.45 -1.83 -8.28
CA PRO F 217 69.86 -2.96 -8.98
C PRO F 217 68.82 -3.67 -8.13
N VAL F 218 67.86 -4.33 -8.76
CA VAL F 218 66.87 -5.10 -8.02
C VAL F 218 67.59 -6.21 -7.27
N GLN F 219 67.14 -6.50 -6.06
CA GLN F 219 67.82 -7.45 -5.18
C GLN F 219 67.03 -8.76 -5.01
N PRO F 220 67.72 -9.83 -4.63
CA PRO F 220 67.07 -11.12 -4.44
C PRO F 220 65.95 -11.08 -3.40
N ASP F 221 64.78 -11.58 -3.76
CA ASP F 221 63.61 -11.58 -2.87
C ASP F 221 63.40 -12.98 -2.31
N TYR F 222 63.57 -13.13 -0.99
CA TYR F 222 63.33 -14.40 -0.32
C TYR F 222 61.89 -14.42 0.20
N ASN F 223 60.94 -14.40 -0.73
CA ASN F 223 59.51 -14.44 -0.43
C ASN F 223 58.98 -13.33 0.45
N THR F 224 59.38 -12.10 0.14
CA THR F 224 59.03 -10.98 1.01
C THR F 224 57.51 -10.82 1.14
N VAL F 225 57.06 -11.00 2.37
CA VAL F 225 55.68 -10.73 2.76
C VAL F 225 55.38 -9.26 2.50
N ILE F 226 54.47 -9.00 1.55
CA ILE F 226 54.05 -7.63 1.24
C ILE F 226 52.53 -7.48 1.42
N ILE F 227 52.08 -6.28 1.79
CA ILE F 227 50.64 -5.98 1.81
C ILE F 227 50.29 -4.71 1.02
N LYS F 228 49.02 -4.61 0.62
CA LYS F 228 48.48 -3.37 0.05
C LYS F 228 47.37 -2.87 0.97
N SER F 229 47.33 -1.55 1.14
CA SER F 229 46.30 -0.90 1.94
C SER F 229 46.30 0.57 1.55
N SER F 230 45.64 1.41 2.34
CA SER F 230 45.55 2.82 1.95
C SER F 230 45.48 3.78 3.12
N ALA F 231 45.75 5.04 2.81
CA ALA F 231 45.55 6.17 3.73
C ALA F 231 45.70 7.49 2.96
N GLU F 232 45.72 8.61 3.70
CA GLU F 232 45.74 9.94 3.09
C GLU F 232 46.70 10.93 3.77
N THR F 233 47.42 11.67 2.94
CA THR F 233 48.55 12.45 3.39
C THR F 233 48.11 13.76 4.01
N THR G 8 -84.81 -3.65 -0.45
CA THR G 8 -84.29 -2.71 0.53
C THR G 8 -82.93 -3.21 1.00
N LYS G 9 -82.21 -3.90 0.12
CA LYS G 9 -80.92 -4.50 0.50
C LYS G 9 -79.76 -4.12 -0.42
N TRP G 10 -78.67 -3.66 0.17
CA TRP G 10 -77.49 -3.25 -0.57
C TRP G 10 -76.68 -4.44 -0.99
N ASP G 11 -76.09 -4.37 -2.18
CA ASP G 11 -75.27 -5.44 -2.71
C ASP G 11 -74.00 -4.87 -3.28
N TYR G 12 -73.09 -5.76 -3.67
CA TYR G 12 -71.82 -5.34 -4.21
C TYR G 12 -71.80 -5.36 -5.72
N LYS G 13 -72.76 -6.09 -6.28
CA LYS G 13 -72.88 -6.24 -7.73
C LYS G 13 -73.30 -4.92 -8.35
N ASN G 14 -73.00 -4.72 -9.62
CA ASN G 14 -73.42 -3.49 -10.26
C ASN G 14 -74.83 -3.61 -10.84
N LYS G 15 -75.77 -3.97 -9.96
CA LYS G 15 -77.19 -3.86 -10.25
C LYS G 15 -77.72 -2.60 -9.56
N GLU G 16 -79.05 -2.50 -9.49
CA GLU G 16 -79.74 -1.43 -8.77
C GLU G 16 -79.23 -1.21 -7.35
N ASN G 17 -78.90 -2.27 -6.63
CA ASN G 17 -78.50 -2.09 -5.23
C ASN G 17 -76.99 -2.06 -5.07
N GLY G 18 -76.33 -1.70 -6.17
CA GLY G 18 -74.88 -1.65 -6.24
C GLY G 18 -74.22 -0.49 -5.53
N PRO G 19 -72.90 -0.59 -5.40
CA PRO G 19 -72.03 0.32 -4.66
C PRO G 19 -72.23 1.75 -5.11
N HIS G 20 -72.62 1.94 -6.35
CA HIS G 20 -72.80 3.27 -6.88
C HIS G 20 -74.19 3.80 -6.59
N ARG G 21 -75.08 2.92 -6.17
CA ARG G 21 -76.43 3.35 -5.90
C ARG G 21 -76.81 3.12 -4.45
N TRP G 22 -75.82 2.73 -3.65
CA TRP G 22 -76.03 2.57 -2.23
C TRP G 22 -76.79 3.72 -1.63
N ASP G 23 -76.27 4.93 -1.85
CA ASP G 23 -76.84 6.16 -1.27
C ASP G 23 -78.31 6.35 -1.57
N LYS G 24 -78.80 5.76 -2.66
CA LYS G 24 -80.23 5.85 -2.99
C LYS G 24 -81.04 4.81 -2.19
N LEU G 25 -80.42 3.73 -1.74
CA LEU G 25 -81.18 2.65 -1.08
C LEU G 25 -81.82 3.05 0.26
N HIS G 26 -81.11 3.80 1.08
CA HIS G 26 -81.72 4.33 2.30
C HIS G 26 -81.18 5.73 2.55
N LYS G 27 -81.92 6.54 3.30
CA LYS G 27 -81.50 7.92 3.50
C LYS G 27 -80.43 7.94 4.56
N ASP G 28 -80.34 6.86 5.33
CA ASP G 28 -79.20 6.71 6.24
C ASP G 28 -77.89 6.57 5.44
N PHE G 29 -77.97 6.04 4.21
CA PHE G 29 -76.79 5.76 3.40
C PHE G 29 -76.26 6.98 2.62
N GLU G 30 -76.83 8.16 2.86
CA GLU G 30 -76.49 9.38 2.11
C GLU G 30 -74.99 9.75 2.08
N VAL G 31 -74.29 9.50 3.17
CA VAL G 31 -72.85 9.78 3.25
C VAL G 31 -72.05 8.91 2.27
N CYS G 32 -72.61 7.78 1.87
CA CYS G 32 -71.91 6.95 0.90
C CYS G 32 -71.54 7.74 -0.34
N LYS G 33 -72.37 8.70 -0.73
CA LYS G 33 -72.06 9.55 -1.87
C LYS G 33 -71.52 10.89 -1.41
N SER G 34 -72.14 11.45 -0.39
CA SER G 34 -71.92 12.84 0.00
C SER G 34 -70.74 13.05 0.97
N GLY G 35 -70.17 11.97 1.48
CA GLY G 35 -69.00 12.07 2.32
C GLY G 35 -67.76 12.55 1.58
N LYS G 36 -66.85 13.19 2.30
CA LYS G 36 -65.63 13.70 1.67
C LYS G 36 -64.41 12.96 2.18
N SER G 37 -64.66 11.95 3.00
CA SER G 37 -63.62 11.09 3.54
CA SER G 37 -63.59 11.08 3.49
C SER G 37 -64.01 9.62 3.37
N GLN G 38 -64.38 9.23 2.17
CA GLN G 38 -64.89 7.91 1.92
C GLN G 38 -63.79 6.90 1.75
N SER G 39 -64.16 5.65 1.98
CA SER G 39 -63.24 4.53 1.98
C SER G 39 -63.89 3.39 1.23
N PRO G 40 -63.07 2.56 0.57
CA PRO G 40 -61.61 2.58 0.55
C PRO G 40 -61.03 3.58 -0.43
N ILE G 41 -59.73 3.83 -0.32
CA ILE G 41 -59.06 4.66 -1.30
C ILE G 41 -57.74 4.03 -1.68
N ASN G 42 -57.12 4.57 -2.72
CA ASN G 42 -55.80 4.14 -3.13
C ASN G 42 -54.67 4.92 -2.45
N ILE G 43 -53.90 4.18 -1.65
CA ILE G 43 -52.81 4.74 -0.88
C ILE G 43 -51.55 4.96 -1.73
N GLU G 44 -51.47 6.11 -2.39
CA GLU G 44 -50.33 6.50 -3.24
C GLU G 44 -49.47 7.52 -2.57
N HIS G 45 -50.10 8.46 -1.88
CA HIS G 45 -49.39 9.62 -1.38
C HIS G 45 -49.45 9.68 0.12
N TYR G 46 -48.28 9.64 0.74
CA TYR G 46 -48.26 9.63 2.19
C TYR G 46 -47.05 10.36 2.76
N TYR G 47 -47.07 10.57 4.06
CA TYR G 47 -45.97 11.19 4.73
C TYR G 47 -45.30 10.20 5.66
N HIS G 48 -43.99 10.34 5.79
CA HIS G 48 -43.20 9.51 6.67
C HIS G 48 -43.00 10.11 8.03
N THR G 49 -43.14 9.29 9.05
CA THR G 49 -42.88 9.77 10.40
C THR G 49 -42.06 8.76 11.18
N GLN G 50 -41.56 9.20 12.32
CA GLN G 50 -40.72 8.35 13.16
C GLN G 50 -41.08 8.48 14.64
N ASP G 51 -42.35 8.78 14.93
CA ASP G 51 -42.79 8.92 16.32
C ASP G 51 -42.66 7.62 17.12
N ASP G 54 -48.28 5.78 18.48
CA ASP G 54 -48.64 5.39 19.85
C ASP G 54 -49.83 4.44 19.86
N LEU G 55 -49.56 3.20 19.46
CA LEU G 55 -50.60 2.23 19.23
C LEU G 55 -50.29 0.92 19.93
N GLN G 56 -51.11 0.59 20.91
CA GLN G 56 -50.78 -0.50 21.81
C GLN G 56 -51.79 -1.61 21.75
N PHE G 57 -51.28 -2.83 21.67
CA PHE G 57 -52.11 -4.01 21.46
C PHE G 57 -52.31 -4.87 22.68
N LYS G 58 -53.57 -5.17 22.97
CA LYS G 58 -53.89 -6.17 23.95
C LYS G 58 -54.71 -7.26 23.28
N TYR G 59 -53.99 -8.17 22.61
CA TYR G 59 -54.63 -9.27 21.90
C TYR G 59 -54.38 -10.58 22.61
N ALA G 60 -55.45 -11.36 22.76
CA ALA G 60 -55.40 -12.67 23.42
C ALA G 60 -56.08 -13.73 22.55
N ALA G 61 -55.57 -14.96 22.59
CA ALA G 61 -56.25 -16.09 21.93
C ALA G 61 -57.69 -16.15 22.40
N SER G 62 -58.63 -15.95 21.48
CA SER G 62 -60.04 -15.86 21.89
C SER G 62 -60.94 -16.86 21.18
N LYS G 63 -62.07 -17.19 21.81
CA LYS G 63 -63.10 -17.98 21.14
C LYS G 63 -64.12 -17.03 20.57
N PRO G 64 -64.39 -17.16 19.27
CA PRO G 64 -65.46 -16.40 18.62
C PRO G 64 -66.74 -16.60 19.38
N LYS G 65 -67.47 -15.55 19.70
CA LYS G 65 -68.81 -15.73 20.21
C LYS G 65 -69.64 -16.41 19.13
N ALA G 66 -69.38 -16.05 17.88
CA ALA G 66 -70.09 -16.59 16.73
C ALA G 66 -69.26 -16.44 15.47
N VAL G 67 -69.25 -17.45 14.63
CA VAL G 67 -68.69 -17.29 13.28
C VAL G 67 -69.76 -17.47 12.23
N PHE G 68 -69.98 -16.46 11.43
CA PHE G 68 -71.14 -16.49 10.59
C PHE G 68 -71.05 -15.57 9.40
N PHE G 69 -71.94 -15.82 8.46
CA PHE G 69 -72.05 -15.04 7.26
C PHE G 69 -73.07 -13.96 7.51
N THR G 70 -72.68 -12.72 7.26
CA THR G 70 -73.64 -11.63 7.35
C THR G 70 -73.17 -10.52 6.42
N HIS G 71 -74.13 -9.89 5.76
CA HIS G 71 -73.90 -8.79 4.82
C HIS G 71 -72.72 -8.95 3.85
N HIS G 72 -72.70 -10.11 3.20
CA HIS G 72 -71.83 -10.42 2.08
C HIS G 72 -70.45 -10.83 2.56
N THR G 73 -70.17 -10.60 3.84
CA THR G 73 -68.91 -11.02 4.45
C THR G 73 -69.05 -12.16 5.43
N LEU G 74 -67.89 -12.72 5.73
CA LEU G 74 -67.70 -13.78 6.70
C LEU G 74 -67.07 -13.19 7.96
N LYS G 75 -67.78 -13.30 9.08
CA LYS G 75 -67.44 -12.54 10.29
C LYS G 75 -67.20 -13.41 11.52
N ALA G 76 -66.11 -13.16 12.24
CA ALA G 76 -65.94 -13.71 13.59
C ALA G 76 -66.10 -12.62 14.63
N SER G 77 -67.04 -12.82 15.55
CA SER G 77 -67.32 -11.88 16.61
C SER G 77 -66.71 -12.29 17.93
N PHE G 78 -66.46 -11.31 18.80
CA PHE G 78 -65.80 -11.60 20.05
C PHE G 78 -66.47 -10.88 21.19
N GLU G 79 -66.06 -11.23 22.40
CA GLU G 79 -66.49 -10.52 23.60
C GLU G 79 -65.52 -9.37 23.85
N PRO G 80 -65.95 -8.40 24.66
CA PRO G 80 -65.14 -7.22 24.96
C PRO G 80 -63.91 -7.59 25.76
N THR G 81 -63.09 -8.47 25.21
CA THR G 81 -61.89 -8.96 25.88
C THR G 81 -60.62 -8.32 25.31
N ASN G 82 -60.54 -8.26 23.99
CA ASN G 82 -59.37 -7.70 23.33
C ASN G 82 -59.48 -6.21 23.14
N HIS G 83 -58.40 -5.51 23.47
CA HIS G 83 -58.42 -4.07 23.49
C HIS G 83 -57.29 -3.52 22.62
N ILE G 84 -57.52 -2.31 22.09
CA ILE G 84 -56.49 -1.48 21.48
C ILE G 84 -56.58 -0.09 22.09
N ASN G 85 -55.42 0.53 22.32
CA ASN G 85 -55.37 1.86 22.90
C ASN G 85 -54.57 2.83 22.05
N TYR G 86 -55.26 3.51 21.13
CA TYR G 86 -54.60 4.46 20.25
C TYR G 86 -54.47 5.84 20.87
N ARG G 87 -53.32 6.09 21.48
CA ARG G 87 -53.02 7.38 22.09
C ARG G 87 -53.93 8.16 23.03
N GLY G 88 -54.56 7.47 23.96
CA GLY G 88 -55.48 8.11 24.89
C GLY G 88 -56.73 7.31 25.14
N HIS G 89 -57.39 6.87 24.07
CA HIS G 89 -58.64 6.15 24.20
C HIS G 89 -58.51 4.70 23.85
N ASP G 90 -59.48 3.92 24.31
CA ASP G 90 -59.39 2.47 24.35
C ASP G 90 -60.48 1.92 23.47
N TYR G 91 -60.08 1.03 22.57
CA TYR G 91 -60.95 0.44 21.55
C TYR G 91 -60.99 -1.06 21.71
N VAL G 92 -62.20 -1.60 21.74
CA VAL G 92 -62.38 -3.02 21.93
C VAL G 92 -62.65 -3.74 20.62
N LEU G 93 -61.89 -4.79 20.37
CA LEU G 93 -62.17 -5.64 19.24
C LEU G 93 -63.57 -6.24 19.32
N ASP G 94 -64.41 -5.81 18.38
CA ASP G 94 -65.75 -6.33 18.22
C ASP G 94 -65.73 -7.55 17.32
N ASN G 95 -65.05 -7.45 16.18
CA ASN G 95 -65.03 -8.58 15.25
C ASN G 95 -63.90 -8.59 14.25
N VAL G 96 -63.78 -9.71 13.56
CA VAL G 96 -62.88 -9.84 12.41
C VAL G 96 -63.70 -10.37 11.25
N HIS G 97 -63.72 -9.64 10.15
CA HIS G 97 -64.44 -10.10 8.98
C HIS G 97 -63.54 -9.90 7.79
N PHE G 98 -64.00 -10.34 6.62
CA PHE G 98 -63.10 -10.42 5.48
C PHE G 98 -63.62 -9.79 4.25
N HIS G 99 -62.66 -9.48 3.38
CA HIS G 99 -62.95 -8.89 2.10
C HIS G 99 -62.15 -9.58 1.02
N ALA G 100 -62.81 -9.79 -0.11
CA ALA G 100 -62.14 -10.27 -1.30
C ALA G 100 -62.70 -9.56 -2.54
N PRO G 101 -61.83 -8.88 -3.32
CA PRO G 101 -60.40 -8.68 -3.10
C PRO G 101 -60.15 -7.75 -1.95
N MET G 102 -58.90 -7.46 -1.67
CA MET G 102 -58.58 -6.48 -0.67
C MET G 102 -59.05 -5.12 -1.15
N GLU G 103 -59.69 -4.36 -0.25
CA GLU G 103 -60.40 -3.14 -0.61
C GLU G 103 -59.53 -1.88 -0.75
N PHE G 104 -58.56 -1.75 0.15
CA PHE G 104 -57.61 -0.65 0.12
C PHE G 104 -56.47 -1.05 -0.75
N LEU G 105 -56.08 -0.16 -1.66
CA LEU G 105 -54.97 -0.44 -2.55
C LEU G 105 -53.71 0.21 -2.06
N ILE G 106 -52.69 -0.59 -1.80
CA ILE G 106 -51.41 -0.03 -1.43
C ILE G 106 -50.54 0.16 -2.66
N ASN G 107 -50.45 1.41 -3.08
CA ASN G 107 -49.73 1.79 -4.27
C ASN G 107 -50.32 1.11 -5.49
N ASN G 108 -51.64 1.11 -5.58
CA ASN G 108 -52.34 0.51 -6.70
C ASN G 108 -52.11 -1.01 -6.78
N LYS G 109 -51.57 -1.58 -5.71
CA LYS G 109 -51.40 -3.02 -5.66
C LYS G 109 -52.63 -3.68 -5.03
N THR G 110 -53.17 -4.66 -5.74
CA THR G 110 -54.39 -5.35 -5.33
C THR G 110 -54.02 -6.72 -4.76
N ARG G 111 -54.66 -7.11 -3.66
CA ARG G 111 -54.41 -8.43 -3.11
C ARG G 111 -55.71 -9.23 -3.13
N PRO G 112 -55.62 -10.59 -3.15
CA PRO G 112 -56.78 -11.48 -3.33
C PRO G 112 -57.73 -11.51 -2.14
N LEU G 113 -57.20 -11.25 -0.96
CA LEU G 113 -58.00 -11.33 0.25
C LEU G 113 -57.60 -10.23 1.22
N SER G 114 -58.54 -9.83 2.07
CA SER G 114 -58.29 -8.85 3.12
C SER G 114 -58.99 -9.20 4.42
N ALA G 115 -58.43 -8.76 5.54
CA ALA G 115 -59.12 -8.91 6.83
C ALA G 115 -59.26 -7.56 7.54
N HIS G 116 -60.46 -7.31 8.06
CA HIS G 116 -60.73 -6.09 8.81
C HIS G 116 -60.89 -6.40 10.28
N PHE G 117 -60.14 -5.70 11.12
CA PHE G 117 -60.18 -5.89 12.56
C PHE G 117 -60.88 -4.74 13.23
N VAL G 118 -62.18 -4.89 13.45
CA VAL G 118 -63.01 -3.76 13.82
C VAL G 118 -63.10 -3.51 15.34
N HIS G 119 -62.71 -2.30 15.75
CA HIS G 119 -62.69 -1.94 17.17
C HIS G 119 -63.64 -0.77 17.41
N LYS G 120 -64.19 -0.71 18.61
CA LYS G 120 -65.15 0.34 18.96
C LYS G 120 -64.91 0.77 20.39
N ASP G 121 -65.14 2.03 20.72
CA ASP G 121 -64.92 2.46 22.10
C ASP G 121 -66.24 2.57 22.84
N ALA G 122 -66.24 3.21 24.00
CA ALA G 122 -67.46 3.31 24.79
C ALA G 122 -68.43 4.29 24.15
N LYS G 123 -67.91 5.25 23.38
CA LYS G 123 -68.74 6.31 22.82
C LYS G 123 -69.14 6.00 21.36
N GLY G 124 -68.44 5.06 20.74
CA GLY G 124 -68.78 4.55 19.42
C GLY G 124 -67.76 4.87 18.36
N ARG G 125 -66.55 5.23 18.79
CA ARG G 125 -65.49 5.58 17.85
C ARG G 125 -64.84 4.30 17.31
N LEU G 126 -64.67 4.24 15.99
CA LEU G 126 -64.26 3.01 15.34
C LEU G 126 -62.80 3.02 14.92
N LEU G 127 -62.09 1.97 15.28
CA LEU G 127 -60.73 1.76 14.83
C LEU G 127 -60.66 0.47 14.03
N VAL G 128 -60.33 0.60 12.75
CA VAL G 128 -60.31 -0.57 11.91
C VAL G 128 -58.95 -0.82 11.33
N LEU G 129 -58.47 -2.02 11.56
CA LEU G 129 -57.16 -2.41 11.15
C LEU G 129 -57.31 -3.32 9.95
N ALA G 130 -56.57 -3.04 8.89
CA ALA G 130 -56.72 -3.80 7.65
C ALA G 130 -55.41 -4.44 7.28
N ILE G 131 -55.48 -5.70 6.90
CA ILE G 131 -54.27 -6.37 6.42
C ILE G 131 -54.61 -7.28 5.25
N GLY G 132 -53.73 -7.29 4.27
CA GLY G 132 -53.97 -8.02 3.03
C GLY G 132 -53.39 -9.41 3.08
N PHE G 133 -53.80 -10.25 2.14
CA PHE G 133 -53.39 -11.64 2.18
C PHE G 133 -52.76 -12.04 0.85
N GLU G 134 -51.61 -12.71 0.93
CA GLU G 134 -50.91 -13.22 -0.24
C GLU G 134 -51.05 -14.74 -0.30
N GLU G 135 -50.99 -15.32 -1.50
CA GLU G 135 -51.21 -16.76 -1.67
C GLU G 135 -50.02 -17.67 -1.28
N GLY G 136 -49.63 -17.67 0.00
CA GLY G 136 -48.52 -18.47 0.48
C GLY G 136 -48.92 -19.79 1.14
N LYS G 137 -48.21 -20.18 2.20
CA LYS G 137 -48.54 -21.40 2.94
C LYS G 137 -49.71 -21.17 3.90
N GLU G 138 -50.37 -22.26 4.28
CA GLU G 138 -51.60 -22.23 5.08
C GLU G 138 -51.52 -21.54 6.43
N ASN G 139 -52.37 -20.54 6.64
CA ASN G 139 -52.33 -19.81 7.91
C ASN G 139 -52.97 -20.61 9.04
N PRO G 140 -52.20 -20.92 10.08
CA PRO G 140 -52.70 -21.71 11.21
C PRO G 140 -53.91 -21.09 11.88
N ASN G 141 -53.85 -19.78 12.12
CA ASN G 141 -54.92 -19.08 12.80
C ASN G 141 -56.14 -18.92 11.92
N LEU G 142 -55.95 -19.17 10.63
CA LEU G 142 -57.04 -19.08 9.68
C LEU G 142 -58.05 -20.23 9.87
N ASP G 143 -57.55 -21.39 10.26
CA ASP G 143 -58.35 -22.61 10.32
C ASP G 143 -59.51 -22.61 11.34
N PRO G 144 -59.29 -22.11 12.57
CA PRO G 144 -60.40 -22.05 13.54
C PRO G 144 -61.63 -21.36 12.99
N ILE G 145 -61.40 -20.39 12.12
CA ILE G 145 -62.48 -19.63 11.52
C ILE G 145 -63.17 -20.43 10.45
N LEU G 146 -62.39 -21.05 9.58
CA LEU G 146 -62.92 -21.89 8.52
C LEU G 146 -63.72 -23.08 9.06
N GLU G 147 -63.13 -23.79 10.00
CA GLU G 147 -63.83 -24.85 10.68
C GLU G 147 -65.11 -24.27 11.25
N GLY G 148 -64.99 -23.12 11.92
CA GLY G 148 -66.08 -22.49 12.63
C GLY G 148 -67.42 -22.35 11.92
N ILE G 149 -67.42 -21.87 10.69
CA ILE G 149 -68.65 -21.67 9.94
C ILE G 149 -69.18 -22.92 9.30
N GLN G 150 -68.32 -23.91 9.21
CA GLN G 150 -68.76 -25.12 8.55
C GLN G 150 -69.66 -25.90 9.49
N LYS G 151 -69.39 -25.84 10.80
CA LYS G 151 -70.40 -26.27 11.76
C LYS G 151 -70.47 -25.31 12.96
N LYS G 152 -71.57 -24.54 12.97
CA LYS G 152 -71.75 -23.36 13.81
C LYS G 152 -71.95 -23.60 15.30
N GLN G 153 -71.91 -24.86 15.71
CA GLN G 153 -72.14 -25.22 17.11
C GLN G 153 -71.02 -24.71 18.00
N ASN G 154 -69.81 -25.14 17.67
CA ASN G 154 -68.66 -24.90 18.51
C ASN G 154 -67.46 -24.41 17.69
N PHE G 155 -66.75 -23.41 18.23
CA PHE G 155 -65.65 -22.76 17.52
C PHE G 155 -64.31 -22.92 18.23
N LYS G 156 -63.30 -23.36 17.49
CA LYS G 156 -61.96 -23.43 18.05
C LYS G 156 -61.37 -22.03 18.21
N GLU G 157 -60.58 -21.87 19.28
CA GLU G 157 -60.00 -20.59 19.67
C GLU G 157 -59.28 -19.90 18.54
N VAL G 158 -59.37 -18.57 18.52
CA VAL G 158 -58.62 -17.77 17.56
C VAL G 158 -57.47 -17.11 18.29
N ALA G 159 -56.27 -17.24 17.73
CA ALA G 159 -55.07 -16.67 18.34
C ALA G 159 -54.84 -15.25 17.88
N LEU G 160 -55.73 -14.35 18.30
CA LEU G 160 -55.61 -12.94 18.01
C LEU G 160 -54.21 -12.42 18.36
N ASP G 161 -53.66 -12.86 19.48
CA ASP G 161 -52.32 -12.46 19.91
C ASP G 161 -51.28 -12.81 18.85
N ALA G 162 -51.41 -13.97 18.23
CA ALA G 162 -50.39 -14.40 17.28
C ALA G 162 -50.79 -14.16 15.82
N PHE G 163 -51.99 -13.60 15.62
CA PHE G 163 -52.52 -13.39 14.27
C PHE G 163 -51.67 -12.45 13.43
N LEU G 164 -51.23 -11.36 14.07
CA LEU G 164 -50.53 -10.29 13.39
C LEU G 164 -49.03 -10.34 13.63
N PRO G 165 -48.25 -9.79 12.68
CA PRO G 165 -46.82 -9.60 12.93
C PRO G 165 -46.60 -8.78 14.19
N LYS G 166 -45.40 -8.86 14.73
CA LYS G 166 -45.06 -8.16 15.97
C LYS G 166 -44.70 -6.74 15.60
N SER G 167 -43.92 -6.62 14.52
CA SER G 167 -43.52 -5.33 13.99
C SER G 167 -44.26 -5.05 12.70
N ILE G 168 -45.04 -3.97 12.68
CA ILE G 168 -45.80 -3.64 11.47
C ILE G 168 -45.52 -2.30 10.81
N ASN G 169 -45.62 -2.32 9.48
CA ASN G 169 -45.66 -1.11 8.65
C ASN G 169 -47.10 -0.70 8.33
N TYR G 170 -47.59 0.37 8.94
CA TYR G 170 -48.97 0.78 8.68
C TYR G 170 -49.22 2.18 8.12
N TYR G 171 -50.38 2.36 7.48
CA TYR G 171 -50.86 3.66 7.02
C TYR G 171 -52.07 4.09 7.82
N HIS G 172 -51.97 5.27 8.42
CA HIS G 172 -53.02 5.85 9.22
C HIS G 172 -53.64 7.01 8.46
N PHE G 173 -54.97 7.10 8.50
CA PHE G 173 -55.73 8.20 7.91
C PHE G 173 -57.12 8.12 8.51
N ASN G 174 -57.94 9.13 8.26
CA ASN G 174 -59.31 9.07 8.68
C ASN G 174 -60.13 8.86 7.45
N GLY G 175 -60.92 7.80 7.46
CA GLY G 175 -61.79 7.46 6.36
C GLY G 175 -63.18 7.16 6.87
N SER G 176 -63.82 6.19 6.22
CA SER G 176 -65.17 5.76 6.58
C SER G 176 -65.26 4.23 6.55
N LEU G 177 -66.46 3.72 6.83
CA LEU G 177 -66.70 2.29 6.67
C LEU G 177 -66.87 2.01 5.21
N THR G 178 -66.47 0.82 4.77
CA THR G 178 -66.52 0.49 3.35
C THR G 178 -67.79 -0.24 2.98
N ALA G 179 -68.71 -0.30 3.92
CA ALA G 179 -70.02 -0.86 3.67
C ALA G 179 -71.03 0.18 4.10
N PRO G 180 -72.24 0.14 3.53
CA PRO G 180 -73.27 1.00 4.11
C PRO G 180 -73.32 0.75 5.61
N PRO G 181 -73.62 1.79 6.39
CA PRO G 181 -74.12 3.08 5.94
C PRO G 181 -73.03 4.11 5.65
N CYS G 182 -71.78 3.66 5.60
CA CYS G 182 -70.64 4.43 5.12
C CYS G 182 -70.33 5.59 6.05
N THR G 183 -70.34 5.30 7.35
CA THR G 183 -70.08 6.25 8.43
C THR G 183 -68.63 6.68 8.51
N GLU G 184 -68.41 7.99 8.48
CA GLU G 184 -67.07 8.56 8.60
C GLU G 184 -66.61 8.67 10.05
N GLY G 185 -65.40 9.20 10.23
CA GLY G 185 -64.84 9.35 11.56
C GLY G 185 -64.24 8.05 12.01
N VAL G 186 -63.97 7.18 11.04
CA VAL G 186 -63.37 5.87 11.27
C VAL G 186 -61.87 5.97 11.10
N ALA G 187 -61.12 5.52 12.10
CA ALA G 187 -59.67 5.58 12.04
C ALA G 187 -59.09 4.32 11.43
N TRP G 188 -58.46 4.48 10.27
CA TRP G 188 -57.90 3.37 9.55
C TRP G 188 -56.43 3.17 9.82
N PHE G 189 -56.08 1.94 10.17
CA PHE G 189 -54.70 1.51 10.17
C PHE G 189 -54.59 0.44 9.13
N VAL G 190 -53.70 0.61 8.17
CA VAL G 190 -53.60 -0.35 7.09
C VAL G 190 -52.21 -0.93 7.01
N ILE G 191 -52.11 -2.22 7.24
CA ILE G 191 -50.81 -2.84 7.32
C ILE G 191 -50.27 -3.15 5.93
N GLU G 192 -48.95 -2.95 5.78
CA GLU G 192 -48.27 -3.10 4.51
C GLU G 192 -47.95 -4.57 4.22
N GLU G 193 -47.34 -5.24 5.18
CA GLU G 193 -46.95 -6.62 4.97
C GLU G 193 -48.18 -7.49 4.82
N PRO G 194 -48.20 -8.30 3.75
CA PRO G 194 -49.30 -9.24 3.52
C PRO G 194 -49.15 -10.49 4.38
N LEU G 195 -50.22 -10.94 5.02
CA LEU G 195 -50.21 -12.22 5.72
C LEU G 195 -50.48 -13.32 4.71
N GLU G 196 -50.31 -14.59 5.12
CA GLU G 196 -50.36 -15.70 4.17
C GLU G 196 -51.66 -16.49 4.19
N VAL G 197 -52.07 -16.87 3.00
CA VAL G 197 -53.23 -17.72 2.82
C VAL G 197 -52.90 -18.77 1.75
N SER G 198 -53.35 -20.00 1.94
CA SER G 198 -53.18 -21.05 0.94
C SER G 198 -54.24 -20.90 -0.13
N ALA G 199 -53.95 -21.35 -1.34
CA ALA G 199 -54.95 -21.31 -2.40
C ALA G 199 -56.16 -22.13 -1.97
N LYS G 200 -55.97 -23.00 -0.99
CA LYS G 200 -57.09 -23.78 -0.49
C LYS G 200 -57.92 -22.97 0.47
N GLN G 201 -57.27 -22.42 1.49
CA GLN G 201 -57.93 -21.54 2.44
C GLN G 201 -58.67 -20.45 1.72
N LEU G 202 -57.96 -19.78 0.81
CA LEU G 202 -58.58 -18.74 0.01
C LEU G 202 -59.80 -19.28 -0.72
N ALA G 203 -59.71 -20.50 -1.24
CA ALA G 203 -60.80 -21.06 -2.02
C ALA G 203 -62.07 -21.22 -1.17
N GLU G 204 -61.91 -21.80 0.01
CA GLU G 204 -63.08 -22.04 0.84
C GLU G 204 -63.64 -20.72 1.27
N ILE G 205 -62.74 -19.79 1.56
CA ILE G 205 -63.15 -18.53 2.13
C ILE G 205 -64.03 -17.78 1.16
N LYS G 206 -63.74 -17.82 -0.14
CA LYS G 206 -64.65 -17.12 -1.04
C LYS G 206 -65.93 -17.92 -1.30
N LYS G 207 -65.83 -19.25 -1.26
CA LYS G 207 -67.02 -20.09 -1.29
C LYS G 207 -67.99 -19.70 -0.18
N ARG G 208 -67.45 -19.56 1.02
CA ARG G 208 -68.20 -19.12 2.22
C ARG G 208 -68.82 -17.74 2.07
N MET G 209 -68.14 -16.84 1.35
CA MET G 209 -68.71 -15.53 1.04
C MET G 209 -69.52 -15.59 -0.26
N LYS G 210 -69.89 -16.81 -0.66
CA LYS G 210 -70.83 -17.06 -1.76
C LYS G 210 -70.28 -16.75 -3.16
N ASN G 211 -68.95 -16.86 -3.32
CA ASN G 211 -68.30 -16.64 -4.62
C ASN G 211 -68.80 -15.41 -5.36
N SER G 212 -68.87 -14.31 -4.59
CA SER G 212 -69.27 -13.01 -5.06
C SER G 212 -68.41 -11.97 -4.35
N PRO G 213 -67.80 -11.09 -5.14
CA PRO G 213 -66.82 -10.16 -4.55
C PRO G 213 -67.52 -9.18 -3.64
N ASN G 214 -66.89 -8.87 -2.51
CA ASN G 214 -67.49 -7.93 -1.56
C ASN G 214 -66.53 -6.75 -1.33
N GLN G 215 -66.05 -6.21 -2.45
CA GLN G 215 -65.06 -5.14 -2.44
C GLN G 215 -65.68 -3.81 -2.92
N ARG G 216 -65.65 -2.79 -2.07
CA ARG G 216 -66.16 -1.49 -2.47
C ARG G 216 -65.15 -0.82 -3.40
N PRO G 217 -65.67 -0.23 -4.48
CA PRO G 217 -64.84 0.54 -5.39
C PRO G 217 -64.08 1.63 -4.64
N VAL G 218 -62.82 1.86 -5.00
CA VAL G 218 -62.08 2.99 -4.47
C VAL G 218 -62.89 4.28 -4.75
N GLN G 219 -62.92 5.16 -3.76
CA GLN G 219 -63.74 6.38 -3.74
C GLN G 219 -62.91 7.67 -3.96
N PRO G 220 -63.60 8.80 -4.22
CA PRO G 220 -62.86 10.08 -4.38
C PRO G 220 -61.99 10.43 -3.15
N ASP G 221 -60.72 10.76 -3.39
CA ASP G 221 -59.79 11.15 -2.34
C ASP G 221 -59.61 12.67 -2.32
N TYR G 222 -60.22 13.33 -1.35
CA TYR G 222 -60.03 14.77 -1.20
C TYR G 222 -58.75 15.08 -0.46
N ASN G 223 -57.62 14.71 -1.09
CA ASN G 223 -56.28 14.91 -0.55
C ASN G 223 -56.14 14.37 0.85
N THR G 224 -56.48 13.10 1.03
CA THR G 224 -56.45 12.52 2.37
C THR G 224 -55.01 12.53 2.88
N VAL G 225 -54.83 13.00 4.11
CA VAL G 225 -53.52 12.98 4.73
C VAL G 225 -53.26 11.60 5.31
N ILE G 226 -52.22 10.94 4.79
CA ILE G 226 -51.82 9.60 5.22
C ILE G 226 -50.39 9.58 5.77
N ILE G 227 -50.20 8.98 6.96
CA ILE G 227 -48.88 8.77 7.52
C ILE G 227 -48.47 7.27 7.51
N LYS G 228 -47.25 6.98 7.05
CA LYS G 228 -46.66 5.64 7.17
C LYS G 228 -45.81 5.58 8.44
N SER G 229 -45.94 4.48 9.19
CA SER G 229 -45.32 4.38 10.51
C SER G 229 -44.89 2.95 10.87
N SER G 230 -44.78 2.69 12.17
CA SER G 230 -44.28 1.42 12.67
C SER G 230 -44.74 1.17 14.11
N ALA G 231 -44.96 -0.10 14.46
CA ALA G 231 -45.43 -0.42 15.80
C ALA G 231 -45.25 -1.88 16.17
N GLU G 232 -45.34 -2.10 17.49
CA GLU G 232 -45.24 -3.42 18.10
C GLU G 232 -46.53 -3.83 18.80
N THR G 233 -47.18 -4.85 18.24
CA THR G 233 -48.38 -5.40 18.85
C THR G 233 -48.06 -5.96 20.25
N ARG G 234 -47.06 -6.83 20.33
CA ARG G 234 -46.77 -7.58 21.56
C ARG G 234 -45.32 -7.61 21.97
N TRP H 10 -76.56 33.18 10.04
CA TRP H 10 -75.80 32.50 11.09
C TRP H 10 -74.87 33.49 11.79
N ASP H 11 -74.62 33.27 13.06
CA ASP H 11 -73.78 34.17 13.82
C ASP H 11 -73.00 33.38 14.86
N TYR H 12 -72.14 34.05 15.61
CA TYR H 12 -71.30 33.37 16.59
C TYR H 12 -71.75 33.58 18.04
N LYS H 13 -72.90 34.24 18.23
CA LYS H 13 -73.45 34.50 19.57
C LYS H 13 -74.01 33.19 20.18
N ASN H 14 -74.29 33.17 21.49
CA ASN H 14 -74.94 32.03 22.14
C ASN H 14 -76.45 32.04 21.89
N LYS H 15 -76.91 33.10 21.22
CA LYS H 15 -78.31 33.24 20.91
C LYS H 15 -78.79 32.14 19.98
N GLU H 16 -80.07 32.21 19.62
CA GLU H 16 -80.70 31.18 18.81
C GLU H 16 -79.88 30.82 17.59
N ASN H 17 -79.56 31.81 16.76
CA ASN H 17 -78.90 31.58 15.47
C ASN H 17 -77.42 31.20 15.48
N GLY H 18 -76.91 30.81 16.64
CA GLY H 18 -75.48 30.61 16.83
C GLY H 18 -74.96 29.22 16.48
N PRO H 19 -73.64 29.02 16.65
CA PRO H 19 -72.88 27.86 16.16
C PRO H 19 -73.48 26.49 16.48
N HIS H 20 -74.04 26.32 17.68
CA HIS H 20 -74.64 25.04 18.06
C HIS H 20 -75.95 24.77 17.32
N ARG H 21 -76.43 25.77 16.57
CA ARG H 21 -77.74 25.68 15.93
C ARG H 21 -77.71 25.85 14.38
N TRP H 22 -76.55 26.17 13.80
CA TRP H 22 -76.47 26.37 12.34
C TRP H 22 -77.00 25.18 11.52
N ASP H 23 -76.95 23.96 12.07
CA ASP H 23 -77.49 22.79 11.36
C ASP H 23 -79.01 22.89 11.22
N LYS H 24 -79.65 23.38 12.27
CA LYS H 24 -81.09 23.61 12.32
C LYS H 24 -81.58 24.77 11.46
N LEU H 25 -80.68 25.69 11.12
CA LEU H 25 -81.01 26.89 10.32
C LEU H 25 -81.43 26.54 8.91
N HIS H 26 -80.74 25.57 8.35
CA HIS H 26 -80.96 25.21 6.97
C HIS H 26 -80.47 23.80 6.71
N LYS H 27 -81.02 23.16 5.68
CA LYS H 27 -80.73 21.74 5.48
C LYS H 27 -79.39 21.47 4.82
N ASP H 28 -78.86 22.44 4.10
CA ASP H 28 -77.51 22.28 3.57
C ASP H 28 -76.47 22.47 4.66
N PHE H 29 -76.88 22.95 5.84
CA PHE H 29 -75.92 23.23 6.91
C PHE H 29 -75.87 22.12 7.94
N GLU H 30 -76.57 21.03 7.64
CA GLU H 30 -76.55 19.81 8.44
C GLU H 30 -75.17 19.35 8.83
N VAL H 31 -74.24 19.45 7.89
CA VAL H 31 -72.96 18.79 8.06
C VAL H 31 -72.20 19.59 9.08
N CYS H 32 -72.72 20.77 9.38
CA CYS H 32 -72.20 21.50 10.52
C CYS H 32 -72.26 20.66 11.78
N LYS H 33 -73.33 19.91 11.96
CA LYS H 33 -73.46 19.05 13.13
C LYS H 33 -73.10 17.60 12.80
N SER H 34 -73.54 17.16 11.61
CA SER H 34 -73.45 15.76 11.26
C SER H 34 -72.05 15.35 10.75
N GLY H 35 -71.21 16.33 10.46
CA GLY H 35 -69.87 16.04 9.96
C GLY H 35 -68.87 15.53 10.97
N LYS H 36 -68.00 14.62 10.54
CA LYS H 36 -67.00 14.04 11.44
C LYS H 36 -65.58 14.54 11.21
N SER H 37 -65.44 15.55 10.36
CA SER H 37 -64.14 16.17 10.14
C SER H 37 -64.35 17.66 10.02
N GLN H 38 -64.88 18.23 11.09
CA GLN H 38 -65.32 19.61 11.06
C GLN H 38 -64.28 20.50 11.70
N SER H 39 -64.20 21.72 11.20
CA SER H 39 -63.13 22.62 11.59
C SER H 39 -63.75 23.91 12.11
N PRO H 40 -63.00 24.69 12.93
CA PRO H 40 -61.62 24.48 13.35
C PRO H 40 -61.47 23.52 14.49
N ILE H 41 -60.22 23.15 14.75
CA ILE H 41 -59.86 22.31 15.86
C ILE H 41 -58.63 22.86 16.58
N ASN H 42 -58.34 22.29 17.74
CA ASN H 42 -57.10 22.55 18.42
C ASN H 42 -56.04 21.54 18.00
N ILE H 43 -54.90 22.05 17.57
CA ILE H 43 -53.85 21.21 17.01
C ILE H 43 -52.81 20.85 18.06
N GLU H 44 -53.01 19.71 18.71
CA GLU H 44 -52.13 19.25 19.76
C GLU H 44 -51.40 17.99 19.38
N HIS H 45 -51.95 17.18 18.48
CA HIS H 45 -51.28 15.92 18.22
C HIS H 45 -51.07 15.73 16.74
N TYR H 46 -49.81 15.52 16.37
CA TYR H 46 -49.36 15.55 14.99
C TYR H 46 -48.13 14.71 14.80
N TYR H 47 -47.86 14.37 13.54
CA TYR H 47 -46.71 13.61 13.12
C TYR H 47 -45.69 14.56 12.51
N HIS H 48 -44.41 14.38 12.81
CA HIS H 48 -43.39 15.21 12.16
C HIS H 48 -42.84 14.50 10.94
N THR H 49 -42.64 15.23 9.84
CA THR H 49 -42.19 14.61 8.61
C THR H 49 -41.25 15.52 7.80
N GLN H 50 -40.80 15.06 6.64
CA GLN H 50 -39.82 15.84 5.86
C GLN H 50 -39.80 15.56 4.36
N ASP H 51 -40.86 15.93 3.65
CA ASP H 51 -40.91 15.62 2.23
C ASP H 51 -41.30 16.83 1.39
N ASP H 54 -44.00 19.35 -0.62
CA ASP H 54 -44.58 19.21 -1.96
C ASP H 54 -45.66 20.26 -2.16
N LEU H 55 -45.28 21.53 -2.05
CA LEU H 55 -46.23 22.62 -2.09
C LEU H 55 -45.52 23.79 -2.77
N GLN H 56 -46.00 24.25 -3.92
CA GLN H 56 -45.29 25.24 -4.72
C GLN H 56 -46.10 26.50 -4.95
N PHE H 57 -45.68 27.61 -4.36
CA PHE H 57 -46.43 28.84 -4.48
C PHE H 57 -46.21 29.56 -5.78
N LYS H 58 -47.29 30.08 -6.34
CA LYS H 58 -47.17 30.95 -7.49
C LYS H 58 -48.03 32.18 -7.29
N TYR H 59 -47.40 33.17 -6.65
CA TYR H 59 -48.04 34.42 -6.28
C TYR H 59 -47.32 35.63 -6.79
N ALA H 60 -48.11 36.65 -7.07
CA ALA H 60 -47.60 37.93 -7.50
C ALA H 60 -48.50 39.00 -6.92
N ALA H 61 -47.98 40.22 -6.86
CA ALA H 61 -48.81 41.36 -6.50
C ALA H 61 -49.98 41.45 -7.46
N SER H 62 -51.18 41.57 -6.93
CA SER H 62 -52.32 41.50 -7.80
C SER H 62 -53.40 42.44 -7.33
N LYS H 63 -54.27 42.80 -8.26
CA LYS H 63 -55.37 43.70 -7.97
C LYS H 63 -56.64 42.90 -7.70
N PRO H 64 -57.34 43.23 -6.61
CA PRO H 64 -58.56 42.54 -6.18
C PRO H 64 -59.72 42.63 -7.17
N LYS H 65 -60.60 41.63 -7.13
CA LYS H 65 -61.90 41.73 -7.81
C LYS H 65 -62.81 42.60 -6.95
N ALA H 66 -62.79 42.41 -5.63
CA ALA H 66 -63.48 43.30 -4.70
C ALA H 66 -63.01 43.10 -3.27
N VAL H 67 -63.32 44.08 -2.43
CA VAL H 67 -62.92 44.04 -1.01
C VAL H 67 -64.08 44.46 -0.12
N PHE H 68 -64.59 43.55 0.71
CA PHE H 68 -65.79 43.84 1.48
C PHE H 68 -66.02 42.93 2.69
N PHE H 69 -66.95 43.39 3.53
CA PHE H 69 -67.50 42.59 4.62
C PHE H 69 -68.70 41.80 4.10
N THR H 70 -68.55 40.48 4.02
CA THR H 70 -69.68 39.61 3.68
C THR H 70 -69.83 38.54 4.77
N HIS H 71 -71.04 37.99 4.90
CA HIS H 71 -71.35 36.92 5.85
C HIS H 71 -70.51 36.89 7.13
N HIS H 72 -70.46 38.02 7.86
CA HIS H 72 -69.70 38.18 9.14
C HIS H 72 -68.18 38.37 9.02
N THR H 73 -67.65 38.58 7.82
CA THR H 73 -66.19 38.66 7.67
C THR H 73 -65.69 39.55 6.52
N LEU H 74 -64.43 40.00 6.65
CA LEU H 74 -63.81 40.89 5.69
C LEU H 74 -62.98 40.11 4.67
N LYS H 75 -63.28 40.30 3.38
CA LYS H 75 -62.62 39.52 2.35
C LYS H 75 -62.23 40.35 1.13
N ALA H 76 -61.11 39.97 0.52
CA ALA H 76 -60.69 40.44 -0.79
C ALA H 76 -60.69 39.30 -1.80
N SER H 77 -61.38 39.49 -2.91
CA SER H 77 -61.47 38.45 -3.90
C SER H 77 -60.45 38.65 -4.96
N PHE H 78 -60.18 37.64 -5.77
CA PHE H 78 -59.15 37.79 -6.78
C PHE H 78 -59.51 37.19 -8.10
N GLU H 79 -58.78 37.65 -9.10
CA GLU H 79 -58.86 37.09 -10.42
C GLU H 79 -57.95 35.86 -10.42
N PRO H 80 -58.27 34.89 -11.28
CA PRO H 80 -57.53 33.63 -11.37
C PRO H 80 -56.07 33.76 -11.79
N THR H 81 -55.27 34.53 -11.07
CA THR H 81 -53.88 34.73 -11.47
C THR H 81 -52.90 34.02 -10.54
N ASN H 82 -53.34 33.70 -9.33
CA ASN H 82 -52.44 33.11 -8.37
C ASN H 82 -52.79 31.66 -8.04
N HIS H 83 -51.72 30.86 -7.92
CA HIS H 83 -51.78 29.43 -7.90
C HIS H 83 -51.03 28.93 -6.70
N ILE H 84 -51.45 27.76 -6.21
CA ILE H 84 -50.64 26.94 -5.34
C ILE H 84 -50.68 25.55 -5.91
N ASN H 85 -49.53 24.97 -6.19
CA ASN H 85 -49.55 23.66 -6.79
C ASN H 85 -49.27 22.56 -5.77
N TYR H 86 -50.27 21.71 -5.55
CA TYR H 86 -50.15 20.67 -4.55
C TYR H 86 -50.46 19.28 -5.12
N ARG H 87 -49.42 18.44 -5.12
CA ARG H 87 -49.45 17.07 -5.63
C ARG H 87 -49.89 16.99 -7.08
N GLY H 88 -49.22 17.73 -7.95
CA GLY H 88 -49.49 17.69 -9.38
C GLY H 88 -50.71 18.47 -9.78
N HIS H 89 -51.38 19.11 -8.81
CA HIS H 89 -52.61 19.84 -9.09
C HIS H 89 -52.49 21.32 -8.75
N ASP H 90 -53.27 22.14 -9.43
CA ASP H 90 -53.15 23.58 -9.39
C ASP H 90 -54.37 24.18 -8.72
N TYR H 91 -54.20 24.93 -7.64
CA TYR H 91 -55.32 25.52 -6.88
C TYR H 91 -55.40 27.05 -6.95
N VAL H 92 -56.20 27.55 -7.89
CA VAL H 92 -56.39 28.97 -8.10
C VAL H 92 -56.89 29.72 -6.88
N LEU H 93 -56.11 30.68 -6.40
CA LEU H 93 -56.56 31.47 -5.26
C LEU H 93 -57.84 32.25 -5.58
N ASP H 94 -58.85 32.11 -4.72
CA ASP H 94 -60.11 32.79 -4.92
C ASP H 94 -60.19 34.08 -4.13
N ASN H 95 -59.74 34.03 -2.88
CA ASN H 95 -59.76 35.21 -2.00
C ASN H 95 -59.06 34.94 -0.67
N VAL H 96 -58.97 35.96 0.16
CA VAL H 96 -58.32 35.86 1.46
C VAL H 96 -59.04 36.70 2.51
N HIS H 97 -59.68 36.03 3.46
CA HIS H 97 -60.40 36.72 4.52
C HIS H 97 -59.65 36.63 5.82
N PHE H 98 -60.15 37.34 6.83
CA PHE H 98 -59.52 37.35 8.15
C PHE H 98 -60.47 36.80 9.21
N HIS H 99 -59.91 36.17 10.24
CA HIS H 99 -60.70 35.61 11.31
C HIS H 99 -60.19 36.06 12.65
N ALA H 100 -61.00 36.85 13.35
CA ALA H 100 -60.63 37.36 14.67
C ALA H 100 -61.69 37.03 15.71
N PRO H 101 -61.30 36.26 16.72
CA PRO H 101 -59.92 35.74 16.82
C PRO H 101 -59.58 34.64 15.81
N MET H 102 -58.32 34.23 15.84
CA MET H 102 -57.85 33.07 15.09
C MET H 102 -58.61 31.83 15.55
N GLU H 103 -59.16 31.11 14.57
CA GLU H 103 -60.07 29.97 14.79
C GLU H 103 -59.33 28.70 15.16
N PHE H 104 -58.30 28.37 14.38
CA PHE H 104 -57.41 27.26 14.68
C PHE H 104 -56.47 27.55 15.83
N LEU H 105 -56.32 26.58 16.72
CA LEU H 105 -55.43 26.73 17.83
C LEU H 105 -54.27 25.78 17.70
N ILE H 106 -53.07 26.30 17.86
CA ILE H 106 -51.86 25.49 17.74
C ILE H 106 -51.25 25.21 19.10
N ASN H 107 -51.27 23.94 19.51
CA ASN H 107 -50.81 23.56 20.83
C ASN H 107 -51.38 24.47 21.90
N ASN H 108 -52.70 24.73 21.78
CA ASN H 108 -53.50 25.51 22.73
C ASN H 108 -53.24 27.02 22.67
N LYS H 109 -52.40 27.48 21.73
CA LYS H 109 -52.12 28.91 21.55
C LYS H 109 -53.15 29.62 20.69
N THR H 110 -53.62 30.77 21.17
CA THR H 110 -54.50 31.62 20.39
C THR H 110 -53.76 32.88 19.98
N ARG H 111 -54.00 33.30 18.74
CA ARG H 111 -53.54 34.58 18.25
C ARG H 111 -54.78 35.42 18.03
N PRO H 112 -54.68 36.75 18.20
CA PRO H 112 -55.79 37.69 18.04
C PRO H 112 -56.39 37.76 16.64
N LEU H 113 -55.67 37.29 15.63
CA LEU H 113 -56.18 37.38 14.26
C LEU H 113 -55.52 36.31 13.39
N SER H 114 -56.14 36.06 12.24
CA SER H 114 -55.62 35.13 11.25
C SER H 114 -56.28 35.44 9.93
N ALA H 115 -55.63 35.09 8.82
CA ALA H 115 -56.28 35.19 7.52
C ALA H 115 -56.36 33.83 6.86
N HIS H 116 -57.18 33.73 5.81
CA HIS H 116 -57.43 32.46 5.11
C HIS H 116 -57.35 32.69 3.61
N PHE H 117 -56.43 31.97 2.97
CA PHE H 117 -56.27 32.02 1.52
C PHE H 117 -56.94 30.86 0.83
N VAL H 118 -58.10 31.11 0.27
CA VAL H 118 -58.96 30.09 -0.31
C VAL H 118 -58.64 29.78 -1.78
N HIS H 119 -58.47 28.49 -2.10
CA HIS H 119 -58.10 28.03 -3.45
C HIS H 119 -59.05 26.96 -4.00
N LYS H 120 -59.08 26.80 -5.32
CA LYS H 120 -59.77 25.69 -5.96
C LYS H 120 -58.91 25.04 -7.06
N ASP H 121 -58.97 23.72 -7.21
CA ASP H 121 -58.36 23.09 -8.38
C ASP H 121 -59.39 22.74 -9.45
N ALA H 122 -58.98 21.89 -10.39
CA ALA H 122 -59.77 21.52 -11.56
C ALA H 122 -61.07 20.79 -11.19
N LYS H 123 -60.98 19.90 -10.21
CA LYS H 123 -62.13 19.15 -9.72
C LYS H 123 -62.96 19.90 -8.68
N GLY H 124 -62.61 21.15 -8.38
CA GLY H 124 -63.34 21.90 -7.38
C GLY H 124 -62.97 21.59 -5.92
N ARG H 125 -61.89 20.83 -5.70
CA ARG H 125 -61.41 20.55 -4.36
C ARG H 125 -60.84 21.80 -3.69
N LEU H 126 -60.98 21.90 -2.36
CA LEU H 126 -60.52 23.09 -1.64
C LEU H 126 -59.20 22.91 -0.90
N LEU H 127 -58.30 23.86 -1.14
CA LEU H 127 -57.09 24.02 -0.38
C LEU H 127 -57.13 25.41 0.26
N VAL H 128 -57.07 25.43 1.58
CA VAL H 128 -57.11 26.69 2.30
C VAL H 128 -55.89 26.82 3.13
N LEU H 129 -55.32 28.02 3.09
CA LEU H 129 -54.11 28.27 3.82
C LEU H 129 -54.45 29.28 4.90
N ALA H 130 -53.99 29.03 6.13
CA ALA H 130 -54.40 29.81 7.29
C ALA H 130 -53.22 30.22 8.11
N ILE H 131 -53.11 31.51 8.40
CA ILE H 131 -52.00 32.00 9.19
C ILE H 131 -52.45 33.02 10.20
N GLY H 132 -51.84 32.98 11.39
CA GLY H 132 -52.24 33.81 12.51
C GLY H 132 -51.45 35.09 12.71
N PHE H 133 -52.06 36.06 13.37
CA PHE H 133 -51.37 37.31 13.68
C PHE H 133 -51.21 37.44 15.15
N GLU H 134 -50.06 37.92 15.58
CA GLU H 134 -49.93 38.40 16.93
C GLU H 134 -49.57 39.88 16.85
N GLU H 135 -49.95 40.62 17.89
CA GLU H 135 -49.77 42.07 17.97
C GLU H 135 -48.30 42.50 17.95
N GLY H 136 -47.93 43.25 16.91
CA GLY H 136 -46.58 43.77 16.75
C GLY H 136 -46.59 44.95 15.80
N LYS H 137 -45.54 45.08 15.00
CA LYS H 137 -45.41 46.22 14.09
C LYS H 137 -46.48 46.25 13.03
N GLU H 138 -46.81 47.45 12.56
CA GLU H 138 -47.77 47.61 11.48
C GLU H 138 -47.42 46.74 10.28
N ASN H 139 -48.43 46.27 9.56
CA ASN H 139 -48.24 45.41 8.40
C ASN H 139 -48.70 46.09 7.10
N PRO H 140 -47.75 46.43 6.21
CA PRO H 140 -47.99 47.10 4.92
C PRO H 140 -48.93 46.36 3.98
N ASN H 141 -48.92 45.03 4.00
CA ASN H 141 -49.69 44.27 3.02
C ASN H 141 -51.16 44.45 3.28
N LEU H 142 -51.50 44.69 4.54
CA LEU H 142 -52.89 44.94 4.91
C LEU H 142 -53.42 46.26 4.32
N ASP H 143 -52.54 47.25 4.11
CA ASP H 143 -52.98 48.58 3.66
C ASP H 143 -53.91 48.56 2.44
N PRO H 144 -53.51 47.88 1.33
CA PRO H 144 -54.43 47.87 0.18
C PRO H 144 -55.82 47.33 0.54
N ILE H 145 -55.86 46.42 1.50
CA ILE H 145 -57.13 45.89 1.97
C ILE H 145 -57.79 46.90 2.93
N LEU H 146 -57.21 47.21 4.08
CA LEU H 146 -57.95 48.03 5.04
C LEU H 146 -58.18 49.47 4.57
N GLU H 147 -57.63 49.83 3.42
CA GLU H 147 -58.04 51.07 2.77
C GLU H 147 -58.73 50.74 1.43
N GLY H 148 -59.02 49.46 1.22
CA GLY H 148 -59.79 49.02 0.06
C GLY H 148 -61.28 49.05 0.34
N ILE H 149 -61.62 49.07 1.63
CA ILE H 149 -63.00 49.20 2.07
C ILE H 149 -63.58 50.57 1.66
N GLN H 150 -62.77 51.62 1.79
CA GLN H 150 -63.23 52.99 1.64
C GLN H 150 -63.79 53.31 0.26
N LYS H 151 -63.23 52.67 -0.77
CA LYS H 151 -63.74 52.81 -2.15
C LYS H 151 -63.99 51.43 -2.74
N LYS H 152 -64.55 51.39 -3.95
CA LYS H 152 -64.72 50.14 -4.69
C LYS H 152 -64.25 50.34 -6.12
N VAL H 158 -52.22 44.23 -3.90
CA VAL H 158 -51.75 43.50 -2.72
C VAL H 158 -50.52 42.65 -3.02
N ALA H 159 -49.61 42.58 -2.04
CA ALA H 159 -48.32 41.92 -2.19
C ALA H 159 -48.35 40.46 -1.81
N LEU H 160 -48.99 39.63 -2.65
CA LEU H 160 -49.17 38.21 -2.34
C LEU H 160 -47.83 37.51 -2.17
N ASP H 161 -46.86 37.83 -3.03
CA ASP H 161 -45.52 37.23 -2.92
C ASP H 161 -44.73 37.72 -1.70
N ALA H 162 -45.30 38.65 -0.94
CA ALA H 162 -44.61 39.22 0.22
C ALA H 162 -45.37 38.96 1.50
N PHE H 163 -46.64 38.62 1.35
CA PHE H 163 -47.59 38.49 2.44
C PHE H 163 -47.22 37.41 3.48
N LEU H 164 -46.69 36.29 3.03
CA LEU H 164 -46.38 35.19 3.94
C LEU H 164 -44.92 35.18 4.32
N PRO H 165 -44.59 34.52 5.43
CA PRO H 165 -43.19 34.25 5.72
C PRO H 165 -42.54 33.62 4.49
N LYS H 166 -41.24 33.82 4.32
CA LYS H 166 -40.52 33.21 3.20
C LYS H 166 -40.46 31.71 3.44
N SER H 167 -40.21 31.33 4.69
CA SER H 167 -40.20 29.93 5.09
C SER H 167 -41.20 29.71 6.22
N ILE H 168 -41.94 28.60 6.14
CA ILE H 168 -43.04 28.34 7.07
C ILE H 168 -43.02 26.98 7.71
N ASN H 169 -43.59 26.91 8.91
CA ASN H 169 -43.91 25.66 9.57
C ASN H 169 -45.42 25.49 9.65
N TYR H 170 -45.93 24.39 9.11
CA TYR H 170 -47.37 24.30 8.97
C TYR H 170 -47.90 22.99 9.48
N TYR H 171 -49.17 23.01 9.82
CA TYR H 171 -49.90 21.80 10.12
C TYR H 171 -50.88 21.50 9.04
N HIS H 172 -50.85 20.27 8.56
CA HIS H 172 -51.65 19.88 7.42
C HIS H 172 -52.57 18.73 7.81
N PHE H 173 -53.84 18.86 7.48
CA PHE H 173 -54.84 17.89 7.86
C PHE H 173 -56.07 18.08 6.99
N ASN H 174 -57.04 17.18 7.12
CA ASN H 174 -58.27 17.26 6.35
C ASN H 174 -59.42 17.81 7.19
N GLY H 175 -60.12 18.80 6.65
CA GLY H 175 -61.16 19.46 7.40
C GLY H 175 -62.35 19.89 6.60
N SER H 176 -63.02 20.92 7.12
CA SER H 176 -64.20 21.50 6.49
C SER H 176 -64.10 23.01 6.46
N LEU H 177 -64.94 23.65 5.64
CA LEU H 177 -65.27 25.07 5.80
C LEU H 177 -65.60 25.35 7.25
N THR H 178 -65.20 26.51 7.73
CA THR H 178 -65.41 26.89 9.12
C THR H 178 -66.70 27.70 9.30
N ALA H 179 -67.43 27.88 8.21
CA ALA H 179 -68.71 28.57 8.25
C ALA H 179 -69.70 27.87 7.30
N PRO H 180 -71.02 28.02 7.54
CA PRO H 180 -71.99 27.33 6.66
C PRO H 180 -71.68 27.51 5.19
N PRO H 181 -71.93 26.48 4.35
CA PRO H 181 -72.47 25.15 4.62
C PRO H 181 -71.54 24.12 5.27
N CYS H 182 -70.33 24.51 5.65
CA CYS H 182 -69.41 23.66 6.39
C CYS H 182 -68.92 22.45 5.61
N THR H 183 -68.82 22.63 4.30
CA THR H 183 -68.35 21.60 3.39
C THR H 183 -67.05 20.97 3.83
N GLU H 184 -66.96 19.65 3.75
CA GLU H 184 -65.71 18.99 4.09
C GLU H 184 -64.87 18.72 2.85
N GLY H 185 -63.75 18.03 3.02
CA GLY H 185 -62.89 17.72 1.89
C GLY H 185 -61.95 18.86 1.66
N VAL H 186 -61.81 19.68 2.69
CA VAL H 186 -60.98 20.88 2.64
C VAL H 186 -59.59 20.56 3.14
N ALA H 187 -58.61 20.74 2.26
CA ALA H 187 -57.22 20.53 2.60
C ALA H 187 -56.69 21.76 3.31
N TRP H 188 -56.60 21.65 4.63
CA TRP H 188 -56.04 22.70 5.45
C TRP H 188 -54.53 22.65 5.56
N PHE H 189 -53.96 23.84 5.46
CA PHE H 189 -52.56 24.12 5.72
C PHE H 189 -52.56 25.25 6.73
N VAL H 190 -52.24 24.97 7.99
CA VAL H 190 -52.20 26.01 9.03
C VAL H 190 -50.79 26.33 9.49
N ILE H 191 -50.37 27.56 9.23
CA ILE H 191 -49.00 28.02 9.40
C ILE H 191 -48.71 28.47 10.83
N GLU H 192 -47.57 28.02 11.36
CA GLU H 192 -47.19 28.27 12.75
C GLU H 192 -46.58 29.65 12.99
N GLU H 193 -45.86 30.15 11.99
CA GLU H 193 -45.26 31.48 12.04
C GLU H 193 -46.33 32.54 11.96
N PRO H 194 -46.48 33.33 13.02
CA PRO H 194 -47.50 34.39 13.05
C PRO H 194 -47.09 35.62 12.25
N LEU H 195 -48.05 36.30 11.62
CA LEU H 195 -47.76 37.59 10.97
C LEU H 195 -48.05 38.73 11.93
N GLU H 196 -47.54 39.90 11.62
CA GLU H 196 -47.72 41.00 12.55
C GLU H 196 -48.78 41.99 12.10
N VAL H 197 -49.36 42.60 13.11
CA VAL H 197 -50.43 43.54 12.97
C VAL H 197 -50.20 44.50 14.13
N SER H 198 -50.27 45.78 13.84
CA SER H 198 -50.23 46.76 14.90
C SER H 198 -51.53 46.62 15.65
N ALA H 199 -51.57 47.09 16.89
CA ALA H 199 -52.84 47.16 17.61
C ALA H 199 -53.73 48.23 16.96
N LYS H 200 -53.12 49.13 16.20
CA LYS H 200 -53.86 50.17 15.50
C LYS H 200 -54.54 49.58 14.26
N GLN H 201 -53.92 48.56 13.68
CA GLN H 201 -54.55 47.85 12.57
C GLN H 201 -55.52 46.80 13.09
N LEU H 202 -55.10 46.08 14.14
CA LEU H 202 -55.95 45.09 14.79
C LEU H 202 -57.28 45.70 15.27
N ALA H 203 -57.21 46.82 15.99
CA ALA H 203 -58.41 47.47 16.49
C ALA H 203 -59.25 47.96 15.33
N GLU H 204 -58.59 48.36 14.25
CA GLU H 204 -59.28 48.86 13.08
C GLU H 204 -60.01 47.71 12.43
N ILE H 205 -59.32 46.57 12.37
CA ILE H 205 -59.81 45.38 11.69
C ILE H 205 -60.92 44.72 12.49
N LYS H 206 -60.75 44.65 13.82
CA LYS H 206 -61.76 44.10 14.72
C LYS H 206 -63.01 44.95 14.70
N LYS H 207 -62.83 46.26 14.63
CA LYS H 207 -63.96 47.18 14.58
C LYS H 207 -64.72 47.06 13.28
N ARG H 208 -64.01 46.90 12.16
CA ARG H 208 -64.66 46.74 10.86
C ARG H 208 -65.36 45.37 10.78
N MET H 209 -65.08 44.51 11.74
CA MET H 209 -65.84 43.27 11.89
C MET H 209 -66.93 43.44 12.94
N LYS H 210 -67.30 44.70 13.18
CA LYS H 210 -68.49 45.07 13.92
C LYS H 210 -68.33 44.74 15.39
N ASN H 211 -67.07 44.61 15.82
CA ASN H 211 -66.69 44.26 17.18
C ASN H 211 -67.35 42.98 17.66
N SER H 212 -67.61 42.08 16.72
CA SER H 212 -68.16 40.75 16.97
C SER H 212 -67.20 39.68 16.45
N PRO H 213 -66.65 38.87 17.39
CA PRO H 213 -65.77 37.77 17.00
C PRO H 213 -66.39 36.78 16.00
N ASN H 214 -65.88 36.80 14.76
CA ASN H 214 -66.28 35.85 13.74
C ASN H 214 -65.45 34.57 13.82
N GLN H 215 -65.47 33.97 14.99
CA GLN H 215 -64.62 32.83 15.25
C GLN H 215 -65.42 31.59 15.63
N ARG H 216 -65.45 30.61 14.74
CA ARG H 216 -66.16 29.37 15.02
C ARG H 216 -65.47 28.63 16.14
N PRO H 217 -66.26 28.13 17.08
CA PRO H 217 -65.78 27.38 18.24
C PRO H 217 -65.10 26.15 17.76
N VAL H 218 -64.12 25.70 18.53
CA VAL H 218 -63.42 24.49 18.20
C VAL H 218 -64.44 23.36 18.15
N GLN H 219 -64.28 22.50 17.15
CA GLN H 219 -65.17 21.38 16.91
C GLN H 219 -64.63 20.07 17.44
N PRO H 220 -65.49 19.04 17.47
CA PRO H 220 -65.06 17.70 17.87
C PRO H 220 -64.00 17.18 16.93
N ASP H 221 -62.87 16.79 17.51
CA ASP H 221 -61.78 16.22 16.73
C ASP H 221 -61.85 14.72 16.96
N TYR H 222 -62.16 14.00 15.89
CA TYR H 222 -62.22 12.56 15.89
C TYR H 222 -60.85 12.01 15.51
N ASN H 223 -59.84 12.39 16.30
CA ASN H 223 -58.42 12.08 16.03
C ASN H 223 -57.93 12.35 14.60
N THR H 224 -58.14 13.60 14.16
CA THR H 224 -57.67 14.07 12.86
C THR H 224 -56.20 13.85 12.63
N VAL H 225 -55.87 13.02 11.66
CA VAL H 225 -54.48 12.84 11.26
C VAL H 225 -53.85 14.16 10.82
N ILE H 226 -52.87 14.65 11.57
CA ILE H 226 -52.24 15.94 11.32
C ILE H 226 -50.73 15.80 11.11
N ILE H 227 -50.19 16.33 10.01
CA ILE H 227 -48.73 16.39 9.86
C ILE H 227 -48.17 17.81 10.04
N LYS H 228 -47.02 17.89 10.72
CA LYS H 228 -46.27 19.13 10.82
C LYS H 228 -45.09 19.08 9.90
N SER H 229 -44.88 20.15 9.17
CA SER H 229 -43.81 20.14 8.18
C SER H 229 -43.41 21.57 7.89
N SER H 230 -42.48 21.73 6.97
CA SER H 230 -42.00 23.06 6.63
C SER H 230 -41.89 23.22 5.12
N ALA H 231 -41.99 24.46 4.68
CA ALA H 231 -41.83 24.80 3.29
C ALA H 231 -41.29 26.22 3.16
N GLU H 232 -40.88 26.58 1.97
CA GLU H 232 -40.51 27.95 1.68
C GLU H 232 -41.46 28.44 0.63
N THR H 233 -42.04 29.60 0.89
CA THR H 233 -43.14 30.10 0.08
C THR H 233 -42.55 30.77 -1.15
N ARG H 234 -41.24 31.02 -1.13
CA ARG H 234 -40.54 31.70 -2.20
C ARG H 234 -39.04 31.60 -1.97
ZN ZN I . 22.52 11.43 -7.75
CL CL J . 27.92 9.20 -4.13
S1 1SA K . 19.69 10.05 -9.22
O1 1SA K . 19.90 10.07 -10.63
O2 1SA K . 18.81 9.17 -8.55
N1 1SA K . 21.17 9.82 -8.54
N2 1SA K . 18.81 12.68 -9.58
N3 1SA K . 18.45 13.79 -9.11
S2 1SA K . 18.94 12.43 -7.19
C1 1SA K . 19.15 11.67 -8.80
C2 1SA K . 18.40 14.03 -7.81
N4 1SA K . 18.04 15.17 -7.12
ZN ZN L . 14.17 -23.69 -8.85
CL CL M . 19.65 -23.97 -12.94
S1 1SA N . 13.03 -21.10 -7.68
O1 1SA N . 14.44 -21.20 -7.50
O2 1SA N . 12.36 -20.01 -8.27
N1 1SA N . 12.61 -22.43 -8.58
N2 1SA N . 11.34 -20.64 -5.50
N3 1SA N . 10.94 -20.91 -4.34
S2 1SA N . 12.73 -22.46 -4.78
C1 1SA N . 12.32 -21.31 -6.08
C2 1SA N . 11.50 -21.88 -3.62
N4 1SA N . 11.20 -22.32 -2.33
ZN ZN O . -13.89 18.83 -12.84
CL CL P . -20.05 17.95 -15.75
S1 1SA Q . -11.53 16.81 -11.27
O1 1SA Q . -11.77 17.37 -9.98
O2 1SA Q . -11.25 15.44 -11.53
N1 1SA Q . -12.87 17.17 -12.17
N2 1SA Q . -9.52 17.53 -13.07
N3 1SA Q . -8.56 18.28 -13.41
S2 1SA Q . -9.30 19.12 -11.29
C1 1SA Q . -10.17 17.71 -11.94
C2 1SA Q . -8.15 19.28 -12.64
N4 1SA Q . -7.12 20.20 -12.85
ZN ZN R . -20.94 -13.89 0.80
CL CL S . -25.03 -10.32 4.80
S1 1SA T . -18.31 -13.12 -1.04
O1 1SA T . -18.84 -13.53 -2.29
O2 1SA T . -17.42 -12.02 -0.84
N1 1SA T . -19.62 -12.82 -0.06
N2 1SA T . -16.78 -14.66 0.73
N3 1SA T . -16.24 -15.75 1.05
S2 1SA T . -17.32 -16.18 -1.05
C1 1SA T . -17.47 -14.52 -0.39
C2 1SA T . -16.33 -16.83 0.29
N4 1SA T . -15.81 -18.10 0.48
ZN ZN U . 62.97 -25.14 15.66
CL CL V . 57.13 -22.35 18.07
S1 1SA W . 64.62 -23.17 13.80
O1 1SA W . 63.36 -23.37 13.18
O2 1SA W . 65.30 -21.92 13.89
N1 1SA W . 64.44 -23.69 15.37
N2 1SA W . 67.02 -24.46 13.20
N3 1SA W . 67.68 -25.30 12.52
S2 1SA W . 65.45 -25.43 11.66
C1 1SA W . 65.73 -24.27 13.00
C2 1SA W . 67.13 -26.02 11.57
N4 1SA W . 67.69 -26.98 10.74
ZN ZN X . 66.75 6.90 -1.50
S1 1SA Y . 67.79 4.89 0.68
O1 1SA Y . 66.51 5.37 1.06
O2 1SA Y . 68.12 3.54 0.43
N1 1SA Y . 68.21 5.73 -0.67
N2 1SA Y . 70.15 5.13 2.18
N3 1SA Y . 70.79 5.59 3.16
S2 1SA Y . 68.56 6.45 3.40
C1 1SA Y . 68.87 5.41 1.99
C2 1SA Y . 70.21 6.38 4.07
N4 1SA Y . 70.75 6.96 5.20
ZN ZN Z . -64.63 -4.60 6.33
CL CL AA . -58.62 -3.70 2.90
S1 1SA BA . -65.98 -1.98 7.49
O1 1SA BA . -64.97 -2.48 8.36
O2 1SA BA . -65.96 -0.73 6.83
N1 1SA BA . -66.12 -3.12 6.29
N2 1SA BA . -68.70 -1.67 8.06
N3 1SA BA . -69.67 -1.75 8.86
S2 1SA BA . -67.78 -2.51 10.11
C1 1SA BA . -67.48 -2.01 8.41
C2 1SA BA . -69.54 -2.18 10.10
N4 1SA BA . -70.47 -2.33 11.10
ZN ZN CA . -62.26 31.68 6.69
CL CL DA . -57.59 30.28 11.56
S1 1SA EA . -64.95 29.83 5.41
O1 1SA EA . -64.88 29.76 3.99
O2 1SA EA . -65.43 28.79 6.25
N1 1SA EA . -63.42 30.16 5.93
N2 1SA EA . -66.67 31.98 4.97
N3 1SA EA . -67.34 32.97 5.40
S2 1SA EA . -66.25 32.05 7.33
C1 1SA EA . -65.95 31.23 5.77
C2 1SA EA . -67.34 33.32 6.68
N4 1SA EA . -68.00 34.35 7.32
#